data_2QLR
#
_entry.id   2QLR
#
_cell.length_a   109.505
_cell.length_b   70.975
_cell.length_c   121.133
_cell.angle_alpha   90.00
_cell.angle_beta   101.10
_cell.angle_gamma   90.00
#
_symmetry.space_group_name_H-M   'P 1 21 1'
#
loop_
_entity.id
_entity.type
_entity.pdbx_description
1 polymer 'Kynurenine/alpha-aminoadipate aminotransferase mitochondrial'
2 non-polymer GLYCEROL
3 water water
#
_entity_poly.entity_id   1
_entity_poly.type   'polypeptide(L)'
_entity_poly.pdbx_seq_one_letter_code
;MNYARFITAASAARNPSPIRTMTDILSRGPKSMISLAGGLPNPNMFPFKTAVITVENGKTIQFGEEMMKRALQYSPSAGI
PELLSWLKQLQIKLHNPPTIHYPPSQGQMDLCVTSGSQQGLCKVFEMIINPGDNVLLDEPAYSGTLQSLHPLGCNIINVA
SDESGIVPDSLRDILSRWKPEDAKNPQKNTPKFLYTVPNGNNPTGNSLTSERKKEIYELARKYDFLIIEDDPYYFLQFNK
FRVPTFLSMDVDGRVIRADSFS(LLP)IISSGLRIGFLTGPKPLIERVILHIQVSTLHPSTFNQLMISQLLHEWGEEGFM
AHVDRVIDFYSNQKDAILAAADKWLTGLAEWHVPAAGMFLWIKVKGINDVKELIEEKAVKMGVLMLPGNAFYVDSSAPSP
YLRASFSSASPEQMDVAFQVLAQLIKESL
;
_entity_poly.pdbx_strand_id   A,B,C,D
#
loop_
_chem_comp.id
_chem_comp.type
_chem_comp.name
_chem_comp.formula
GOL non-polymer GLYCEROL 'C3 H8 O3'
#
# COMPACT_ATOMS: atom_id res chain seq x y z
N MET A 1 0.31 -47.45 -19.39
CA MET A 1 -0.30 -48.59 -18.63
C MET A 1 0.73 -49.17 -17.63
N ASN A 2 1.92 -49.55 -18.09
CA ASN A 2 3.05 -49.93 -17.19
C ASN A 2 3.95 -48.70 -16.92
N TYR A 3 3.62 -47.96 -15.88
CA TYR A 3 4.23 -46.67 -15.67
C TYR A 3 5.61 -46.89 -15.08
N ALA A 4 5.76 -47.92 -14.24
CA ALA A 4 7.12 -48.36 -13.79
C ALA A 4 8.22 -48.43 -14.89
N ARG A 5 7.84 -48.71 -16.15
CA ARG A 5 8.90 -48.80 -17.18
C ARG A 5 9.47 -47.43 -17.65
N PHE A 6 8.72 -46.35 -17.39
CA PHE A 6 9.10 -45.01 -17.74
C PHE A 6 9.65 -44.18 -16.55
N ILE A 7 10.03 -44.86 -15.47
CA ILE A 7 10.50 -44.25 -14.24
C ILE A 7 11.79 -44.95 -13.81
N THR A 8 12.87 -44.21 -13.80
CA THR A 8 14.26 -44.56 -13.33
C THR A 8 14.26 -45.19 -11.88
N ALA A 9 15.25 -46.02 -11.54
CA ALA A 9 15.53 -46.39 -10.08
C ALA A 9 15.68 -45.14 -9.21
N ALA A 10 16.37 -44.13 -9.69
CA ALA A 10 16.52 -42.84 -8.98
C ALA A 10 15.18 -42.19 -8.67
N SER A 11 14.41 -41.88 -9.69
CA SER A 11 13.04 -41.31 -9.52
C SER A 11 12.03 -42.15 -8.71
N ALA A 12 11.93 -43.46 -9.02
CA ALA A 12 11.24 -44.51 -8.22
C ALA A 12 11.54 -44.51 -6.70
N ALA A 13 12.78 -44.21 -6.31
CA ALA A 13 13.14 -44.12 -4.87
C ALA A 13 12.72 -42.82 -4.20
N ARG A 14 12.29 -41.77 -4.95
CA ARG A 14 11.79 -40.55 -4.30
C ARG A 14 10.66 -40.85 -3.31
N ASN A 15 10.84 -40.40 -2.06
CA ASN A 15 9.72 -40.35 -1.09
C ASN A 15 9.30 -38.90 -0.95
N PRO A 16 8.01 -38.67 -0.62
CA PRO A 16 7.44 -37.38 -0.29
C PRO A 16 8.12 -36.73 0.84
N SER A 17 8.88 -35.69 0.53
CA SER A 17 9.25 -34.70 1.51
C SER A 17 8.10 -33.69 1.81
N PRO A 18 8.42 -32.42 1.52
CA PRO A 18 8.38 -31.35 2.51
C PRO A 18 7.19 -30.44 2.68
N ILE A 19 7.22 -29.74 3.82
CA ILE A 19 6.34 -28.62 4.22
C ILE A 19 4.97 -29.22 4.59
N ARG A 20 5.09 -30.23 5.48
CA ARG A 20 4.28 -31.49 5.59
C ARG A 20 2.90 -31.58 6.25
N THR A 21 2.74 -32.63 7.08
CA THR A 21 1.69 -32.77 8.11
C THR A 21 1.71 -31.68 9.24
N MET A 22 1.58 -30.42 8.80
CA MET A 22 1.72 -29.23 9.62
C MET A 22 0.66 -28.18 9.23
N THR A 23 0.77 -27.64 8.03
CA THR A 23 -0.28 -26.77 7.43
C THR A 23 -1.38 -27.67 6.74
N ASP A 24 -1.86 -28.67 7.48
CA ASP A 24 -2.58 -29.83 6.90
C ASP A 24 -3.69 -30.46 7.77
N ILE A 25 -3.37 -30.77 9.01
CA ILE A 25 -4.37 -31.19 9.97
C ILE A 25 -4.83 -29.87 10.61
N LEU A 26 -4.05 -28.82 10.32
CA LEU A 26 -4.34 -27.45 10.68
C LEU A 26 -4.93 -26.75 9.44
N SER A 27 -5.18 -27.54 8.40
CA SER A 27 -6.05 -27.14 7.28
C SER A 27 -7.22 -28.11 7.19
N ARG A 28 -8.01 -28.12 8.27
CA ARG A 28 -9.13 -29.04 8.43
C ARG A 28 -9.43 -29.23 9.92
N GLY A 29 -8.60 -28.61 10.78
CA GLY A 29 -8.79 -28.65 12.24
C GLY A 29 -9.53 -27.44 12.81
N PRO A 30 -9.95 -27.51 14.09
CA PRO A 30 -10.66 -26.38 14.72
C PRO A 30 -9.73 -25.16 14.94
N LYS A 31 -10.31 -23.97 15.11
CA LYS A 31 -9.47 -22.77 15.12
C LYS A 31 -8.68 -22.64 16.42
N SER A 32 -9.10 -23.45 17.40
CA SER A 32 -8.49 -23.55 18.72
C SER A 32 -7.18 -24.33 18.69
N MET A 33 -6.99 -25.14 17.67
CA MET A 33 -5.80 -25.98 17.56
C MET A 33 -4.53 -25.11 17.69
N ILE A 34 -3.52 -25.65 18.36
CA ILE A 34 -2.20 -24.99 18.32
C ILE A 34 -1.12 -25.90 17.85
N SER A 35 -0.34 -25.37 16.92
CA SER A 35 0.71 -26.16 16.34
C SER A 35 2.07 -25.51 16.53
N LEU A 36 3.00 -26.32 17.01
CA LEU A 36 4.37 -25.96 17.13
C LEU A 36 5.11 -26.90 16.22
N ALA A 37 4.47 -27.43 15.21
CA ALA A 37 5.08 -28.53 14.40
C ALA A 37 5.59 -28.12 13.03
N GLY A 38 5.19 -26.96 12.56
CA GLY A 38 5.53 -26.62 11.20
C GLY A 38 6.93 -26.03 11.01
N GLY A 39 7.36 -25.93 9.75
CA GLY A 39 8.73 -25.46 9.51
C GLY A 39 8.81 -24.14 8.82
N LEU A 40 7.68 -23.39 8.84
CA LEU A 40 7.56 -22.10 8.13
C LEU A 40 8.08 -20.99 9.02
N PRO A 41 8.86 -20.07 8.47
CA PRO A 41 9.33 -18.94 9.37
C PRO A 41 8.24 -17.82 9.53
N ASN A 42 8.38 -16.88 10.48
CA ASN A 42 7.35 -15.82 10.62
C ASN A 42 7.42 -14.88 9.38
N PRO A 43 6.30 -14.79 8.62
CA PRO A 43 6.23 -13.84 7.53
C PRO A 43 6.14 -12.30 7.91
N ASN A 44 5.87 -11.95 9.15
CA ASN A 44 5.90 -10.53 9.60
C ASN A 44 7.25 -9.89 9.68
N MET A 45 8.32 -10.66 9.44
CA MET A 45 9.72 -10.18 9.57
C MET A 45 10.19 -9.77 8.20
N PHE A 46 9.38 -10.19 7.19
CA PHE A 46 9.63 -9.82 5.81
C PHE A 46 9.36 -8.33 5.54
N PRO A 47 10.29 -7.60 4.82
CA PRO A 47 10.19 -6.15 4.63
C PRO A 47 9.13 -5.62 3.70
N PHE A 48 8.71 -6.39 2.71
CA PHE A 48 7.67 -5.91 1.75
C PHE A 48 6.27 -6.19 2.26
N LYS A 49 5.41 -5.18 2.19
CA LYS A 49 4.19 -5.09 2.99
C LYS A 49 2.95 -5.02 2.11
N THR A 50 2.97 -4.17 1.09
CA THR A 50 1.96 -4.17 0.05
C THR A 50 2.51 -4.13 -1.35
N ALA A 51 1.68 -4.54 -2.30
CA ALA A 51 1.96 -4.40 -3.72
C ALA A 51 0.76 -3.89 -4.48
N VAL A 52 1.02 -2.99 -5.41
CA VAL A 52 0.04 -2.57 -6.38
C VAL A 52 0.61 -2.80 -7.76
N ILE A 53 -0.16 -3.38 -8.65
CA ILE A 53 0.35 -3.78 -9.94
C ILE A 53 -0.63 -3.47 -11.04
N THR A 54 -0.24 -2.63 -11.97
CA THR A 54 -1.23 -2.19 -12.94
C THR A 54 -1.21 -3.08 -14.12
N VAL A 55 -2.41 -3.28 -14.68
CA VAL A 55 -2.68 -4.16 -15.77
C VAL A 55 -3.29 -3.38 -16.93
N GLU A 56 -2.82 -3.70 -18.15
CA GLU A 56 -3.42 -3.23 -19.37
C GLU A 56 -4.50 -4.24 -19.72
N ASN A 57 -5.76 -3.82 -19.79
CA ASN A 57 -6.80 -4.60 -20.45
C ASN A 57 -7.59 -5.45 -19.46
N GLY A 58 -7.19 -5.42 -18.20
CA GLY A 58 -7.97 -5.95 -17.09
C GLY A 58 -7.61 -5.15 -15.86
N LYS A 59 -8.18 -5.44 -14.70
CA LYS A 59 -8.11 -4.43 -13.66
C LYS A 59 -6.91 -4.60 -12.76
N THR A 60 -6.52 -3.54 -12.09
CA THR A 60 -5.36 -3.56 -11.20
C THR A 60 -5.39 -4.51 -10.00
N ILE A 61 -4.20 -4.96 -9.66
CA ILE A 61 -4.02 -6.04 -8.72
C ILE A 61 -3.45 -5.51 -7.42
N GLN A 62 -4.06 -5.85 -6.31
CA GLN A 62 -3.66 -5.23 -5.06
C GLN A 62 -3.33 -6.34 -4.08
N PHE A 63 -2.16 -6.28 -3.46
CA PHE A 63 -1.80 -7.22 -2.37
C PHE A 63 -1.86 -6.42 -1.12
N GLY A 64 -2.92 -6.63 -0.36
CA GLY A 64 -3.05 -6.08 1.01
C GLY A 64 -2.06 -6.78 1.91
N GLU A 65 -2.06 -6.34 3.17
CA GLU A 65 -1.15 -6.76 4.21
C GLU A 65 -1.18 -8.28 4.33
N GLU A 66 -2.40 -8.85 4.48
CA GLU A 66 -2.61 -10.31 4.60
C GLU A 66 -2.16 -11.07 3.37
N MET A 67 -2.70 -10.70 2.21
CA MET A 67 -2.13 -11.10 0.94
C MET A 67 -0.61 -11.16 1.00
N MET A 68 0.02 -9.99 0.98
CA MET A 68 1.48 -9.91 0.84
C MET A 68 2.08 -10.97 1.72
N LYS A 69 1.62 -11.04 2.94
CA LYS A 69 2.24 -12.08 3.77
C LYS A 69 2.19 -13.44 3.05
N ARG A 70 1.07 -13.74 2.38
CA ARG A 70 0.95 -15.03 1.74
C ARG A 70 1.82 -15.09 0.47
N ALA A 71 1.97 -13.94 -0.19
CA ALA A 71 2.80 -13.87 -1.37
C ALA A 71 4.27 -14.10 -1.03
N LEU A 72 4.65 -13.77 0.19
CA LEU A 72 6.01 -13.91 0.59
C LEU A 72 6.31 -15.21 1.34
N GLN A 73 5.30 -16.12 1.47
CA GLN A 73 5.43 -17.31 2.30
C GLN A 73 5.67 -18.61 1.44
N TYR A 74 6.08 -19.74 2.00
CA TYR A 74 6.04 -20.97 1.19
C TYR A 74 4.60 -21.37 0.82
N SER A 75 4.49 -22.14 -0.25
CA SER A 75 3.18 -22.55 -0.79
C SER A 75 3.29 -24.03 -1.29
N PRO A 76 2.16 -24.69 -1.63
CA PRO A 76 2.33 -26.12 -2.09
C PRO A 76 3.34 -26.39 -3.20
N SER A 77 3.94 -27.58 -3.22
CA SER A 77 4.95 -27.93 -4.28
C SER A 77 4.51 -27.76 -5.69
N ALA A 78 3.29 -28.18 -5.96
CA ALA A 78 2.77 -28.29 -7.28
C ALA A 78 2.09 -26.97 -7.72
N GLY A 79 1.90 -26.04 -6.78
CA GLY A 79 1.38 -24.74 -7.07
C GLY A 79 0.31 -24.32 -6.10
N ILE A 80 -0.10 -23.09 -6.15
CA ILE A 80 -1.26 -22.68 -5.39
C ILE A 80 -2.58 -23.23 -6.00
N PRO A 81 -3.48 -23.60 -5.12
CA PRO A 81 -4.73 -24.27 -5.36
C PRO A 81 -5.54 -23.52 -6.40
N GLU A 82 -5.73 -22.21 -6.26
CA GLU A 82 -6.49 -21.43 -7.22
C GLU A 82 -5.97 -21.33 -8.66
N LEU A 83 -4.65 -21.43 -8.83
CA LEU A 83 -4.04 -21.46 -10.10
C LEU A 83 -4.01 -22.91 -10.58
N LEU A 84 -3.80 -23.90 -9.68
CA LEU A 84 -4.00 -25.30 -10.14
C LEU A 84 -5.46 -25.55 -10.64
N SER A 85 -6.48 -25.05 -9.91
CA SER A 85 -7.85 -25.24 -10.31
C SER A 85 -8.08 -24.54 -11.64
N TRP A 86 -7.59 -23.31 -11.81
CA TRP A 86 -7.77 -22.59 -13.06
C TRP A 86 -7.13 -23.27 -14.21
N LEU A 87 -5.86 -23.61 -14.11
CA LEU A 87 -5.24 -24.38 -15.24
C LEU A 87 -5.90 -25.71 -15.65
N LYS A 88 -6.18 -26.57 -14.69
CA LYS A 88 -6.90 -27.86 -14.90
C LYS A 88 -8.21 -27.63 -15.61
N GLN A 89 -8.93 -26.63 -15.12
CA GLN A 89 -10.16 -26.32 -15.76
C GLN A 89 -9.89 -25.83 -17.17
N LEU A 90 -8.80 -25.10 -17.35
CA LEU A 90 -8.42 -24.64 -18.69
C LEU A 90 -8.07 -25.80 -19.67
N GLN A 91 -7.38 -26.81 -19.19
CA GLN A 91 -7.06 -27.92 -20.03
C GLN A 91 -8.32 -28.66 -20.52
N ILE A 92 -9.27 -28.78 -19.61
CA ILE A 92 -10.51 -29.48 -19.90
C ILE A 92 -11.33 -28.75 -20.96
N LYS A 93 -11.48 -27.46 -20.74
CA LYS A 93 -12.00 -26.60 -21.72
C LYS A 93 -11.23 -26.73 -23.02
N LEU A 94 -9.91 -26.63 -23.01
CA LEU A 94 -9.16 -26.63 -24.27
C LEU A 94 -8.94 -28.00 -24.87
N HIS A 95 -8.75 -29.03 -24.06
CA HIS A 95 -8.23 -30.28 -24.65
C HIS A 95 -9.16 -31.44 -24.35
N ASN A 96 -10.12 -31.21 -23.43
CA ASN A 96 -11.02 -32.26 -23.01
C ASN A 96 -10.30 -33.63 -22.96
N PRO A 97 -9.24 -33.80 -22.15
CA PRO A 97 -8.41 -35.05 -22.26
C PRO A 97 -9.11 -36.30 -21.80
N PRO A 98 -9.19 -37.39 -22.62
CA PRO A 98 -10.05 -38.56 -22.28
C PRO A 98 -9.85 -39.03 -20.83
N THR A 99 -8.91 -38.37 -20.16
CA THR A 99 -8.20 -39.01 -19.04
C THR A 99 -8.62 -38.43 -17.68
N ILE A 100 -9.36 -37.33 -17.71
CA ILE A 100 -9.67 -36.55 -16.49
C ILE A 100 -10.27 -37.29 -15.26
N HIS A 101 -11.13 -38.26 -15.56
CA HIS A 101 -11.83 -39.12 -14.59
C HIS A 101 -11.39 -40.60 -14.72
N TYR A 102 -10.18 -40.89 -15.26
CA TYR A 102 -9.58 -42.23 -15.00
C TYR A 102 -9.21 -42.35 -13.50
N PRO A 103 -9.05 -43.62 -12.99
CA PRO A 103 -8.40 -43.85 -11.70
C PRO A 103 -6.93 -43.39 -11.81
N PRO A 104 -6.32 -42.97 -10.67
CA PRO A 104 -4.97 -42.44 -10.69
C PRO A 104 -3.90 -43.44 -11.11
N SER A 105 -3.79 -44.57 -10.45
CA SER A 105 -2.88 -45.63 -10.94
C SER A 105 -2.95 -45.82 -12.51
N GLN A 106 -4.09 -45.49 -13.14
CA GLN A 106 -4.28 -45.55 -14.61
C GLN A 106 -4.07 -44.25 -15.46
N GLY A 107 -3.47 -43.21 -14.87
CA GLY A 107 -3.17 -42.05 -15.71
C GLY A 107 -4.18 -40.92 -15.73
N GLN A 108 -5.03 -40.87 -14.69
CA GLN A 108 -5.81 -39.68 -14.42
C GLN A 108 -4.92 -38.42 -14.65
N MET A 109 -5.51 -37.42 -15.32
CA MET A 109 -4.83 -36.24 -15.73
C MET A 109 -4.39 -35.59 -14.44
N ASP A 110 -3.11 -35.18 -14.36
CA ASP A 110 -2.73 -34.27 -13.28
C ASP A 110 -1.90 -33.17 -13.88
N LEU A 111 -1.70 -32.09 -13.13
CA LEU A 111 -1.09 -30.90 -13.67
C LEU A 111 -0.25 -30.26 -12.55
N CYS A 112 0.93 -29.73 -12.85
CA CYS A 112 1.63 -28.94 -11.82
C CYS A 112 2.29 -27.66 -12.33
N VAL A 113 2.23 -26.60 -11.54
CA VAL A 113 2.89 -25.37 -11.93
C VAL A 113 4.39 -25.66 -11.72
N THR A 114 5.19 -25.27 -12.70
CA THR A 114 6.60 -25.44 -12.63
C THR A 114 7.31 -24.06 -12.70
N SER A 115 8.61 -24.02 -12.50
CA SER A 115 9.25 -22.72 -12.57
C SER A 115 9.77 -22.37 -13.94
N GLY A 116 8.83 -22.10 -14.87
CA GLY A 116 9.02 -22.10 -16.34
C GLY A 116 8.58 -23.47 -16.83
N SER A 117 8.22 -23.65 -18.12
CA SER A 117 7.81 -25.03 -18.58
C SER A 117 9.01 -25.88 -18.79
N GLN A 118 10.17 -25.26 -18.99
CA GLN A 118 11.42 -26.04 -19.20
C GLN A 118 11.87 -26.73 -17.96
N GLN A 119 11.42 -26.27 -16.78
CA GLN A 119 11.80 -27.05 -15.52
C GLN A 119 11.06 -28.41 -15.47
N GLY A 120 9.81 -28.48 -15.92
CA GLY A 120 9.07 -29.77 -15.87
C GLY A 120 9.53 -30.72 -16.97
N LEU A 121 9.87 -30.19 -18.13
CA LEU A 121 10.62 -30.95 -19.12
C LEU A 121 11.91 -31.59 -18.62
N CYS A 122 12.82 -30.78 -18.10
CA CYS A 122 14.03 -31.31 -17.60
C CYS A 122 13.67 -32.36 -16.60
N LYS A 123 12.76 -32.06 -15.68
CA LYS A 123 12.33 -33.10 -14.73
C LYS A 123 11.73 -34.40 -15.34
N VAL A 124 11.12 -34.31 -16.53
CA VAL A 124 10.63 -35.46 -17.23
C VAL A 124 11.76 -36.30 -17.87
N PHE A 125 12.64 -35.62 -18.59
CA PHE A 125 13.83 -36.17 -19.11
C PHE A 125 14.58 -36.96 -18.01
N GLU A 126 14.75 -36.34 -16.86
CA GLU A 126 15.50 -36.91 -15.73
C GLU A 126 14.82 -38.10 -15.15
N MET A 127 13.47 -38.01 -15.05
CA MET A 127 12.66 -39.11 -14.54
C MET A 127 12.67 -40.40 -15.45
N ILE A 128 12.94 -40.24 -16.75
CA ILE A 128 12.71 -41.32 -17.67
C ILE A 128 13.99 -42.00 -18.10
N ILE A 129 15.01 -41.18 -18.35
CA ILE A 129 16.11 -41.66 -19.19
C ILE A 129 17.25 -42.34 -18.37
N ASN A 130 17.54 -43.60 -18.72
CA ASN A 130 18.76 -44.33 -18.32
C ASN A 130 19.84 -44.20 -19.40
N PRO A 131 21.10 -44.25 -19.00
CA PRO A 131 22.12 -44.23 -20.05
C PRO A 131 21.97 -45.38 -21.08
N GLY A 132 22.00 -45.01 -22.36
CA GLY A 132 21.81 -46.05 -23.42
C GLY A 132 20.41 -46.08 -24.00
N ASP A 133 19.44 -45.52 -23.28
CA ASP A 133 18.05 -45.52 -23.73
C ASP A 133 17.92 -44.84 -25.14
N ASN A 134 16.98 -45.29 -25.96
CA ASN A 134 16.68 -44.63 -27.26
C ASN A 134 15.50 -43.66 -27.19
N VAL A 135 15.63 -42.49 -27.79
CA VAL A 135 14.53 -41.52 -27.74
C VAL A 135 14.27 -40.96 -29.16
N LEU A 136 13.02 -40.69 -29.48
CA LEU A 136 12.66 -40.17 -30.81
C LEU A 136 12.54 -38.65 -30.68
N LEU A 137 13.22 -37.90 -31.55
CA LEU A 137 12.73 -36.53 -31.91
C LEU A 137 13.00 -36.15 -33.38
N ASP A 138 12.57 -34.97 -33.81
CA ASP A 138 12.89 -34.51 -35.15
C ASP A 138 13.86 -33.37 -35.19
N GLU A 139 14.90 -33.48 -36.02
CA GLU A 139 15.80 -32.36 -36.24
C GLU A 139 15.35 -31.50 -37.43
N PRO A 140 15.63 -30.18 -37.44
CA PRO A 140 16.25 -29.42 -36.34
C PRO A 140 15.40 -29.33 -35.05
N ALA A 141 16.09 -29.39 -33.93
CA ALA A 141 15.44 -29.54 -32.64
C ALA A 141 15.84 -28.37 -31.76
N TYR A 142 14.93 -27.83 -30.97
CA TYR A 142 15.36 -26.73 -30.02
C TYR A 142 16.75 -27.04 -29.34
N SER A 143 17.70 -26.11 -29.41
CA SER A 143 19.05 -26.35 -28.87
C SER A 143 19.06 -26.69 -27.37
N GLY A 144 18.14 -26.09 -26.63
CA GLY A 144 17.99 -26.42 -25.21
C GLY A 144 17.60 -27.84 -24.91
N THR A 145 16.63 -28.41 -25.67
CA THR A 145 16.32 -29.80 -25.51
C THR A 145 17.56 -30.67 -25.88
N LEU A 146 18.28 -30.30 -26.91
CA LEU A 146 19.48 -31.03 -27.28
C LEU A 146 20.53 -31.01 -26.12
N GLN A 147 20.61 -29.89 -25.41
CA GLN A 147 21.62 -29.74 -24.45
C GLN A 147 21.19 -30.28 -23.11
N SER A 148 19.89 -30.45 -22.93
CA SER A 148 19.46 -31.15 -21.72
C SER A 148 19.47 -32.66 -21.94
N LEU A 149 19.35 -33.13 -23.17
CA LEU A 149 19.32 -34.62 -23.36
C LEU A 149 20.70 -35.21 -23.41
N HIS A 150 21.66 -34.38 -23.82
CA HIS A 150 23.06 -34.81 -24.00
C HIS A 150 23.69 -35.55 -22.80
N PRO A 151 23.72 -34.91 -21.62
CA PRO A 151 24.41 -35.59 -20.50
C PRO A 151 23.66 -36.79 -19.98
N LEU A 152 22.38 -36.96 -20.36
CA LEU A 152 21.59 -38.05 -19.84
C LEU A 152 22.07 -39.28 -20.66
N GLY A 153 22.91 -39.04 -21.65
CA GLY A 153 23.50 -40.16 -22.35
C GLY A 153 22.55 -41.06 -23.13
N CYS A 154 21.34 -40.59 -23.48
CA CYS A 154 20.46 -41.35 -24.40
C CYS A 154 21.00 -41.39 -25.83
N ASN A 155 20.51 -42.37 -26.63
CA ASN A 155 20.83 -42.32 -28.03
C ASN A 155 19.64 -41.62 -28.68
N ILE A 156 19.86 -40.47 -29.29
CA ILE A 156 18.80 -39.74 -29.97
C ILE A 156 18.60 -40.17 -31.44
N ILE A 157 17.45 -40.71 -31.79
CA ILE A 157 17.23 -41.23 -33.17
C ILE A 157 16.39 -40.18 -33.88
N ASN A 158 16.86 -39.70 -35.01
CA ASN A 158 16.26 -38.57 -35.66
C ASN A 158 15.09 -39.03 -36.48
N VAL A 159 13.96 -38.32 -36.36
CA VAL A 159 12.76 -38.64 -37.16
C VAL A 159 12.59 -37.54 -38.24
N ALA A 160 12.53 -37.95 -39.51
CA ALA A 160 12.30 -37.02 -40.63
C ALA A 160 11.01 -36.19 -40.47
N SER A 161 11.16 -34.91 -40.82
CA SER A 161 10.17 -33.84 -40.68
C SER A 161 10.24 -33.00 -41.99
N ASP A 162 9.29 -32.09 -42.21
CA ASP A 162 9.22 -31.28 -43.41
C ASP A 162 8.30 -30.08 -43.08
N GLU A 163 7.77 -29.35 -44.07
CA GLU A 163 6.87 -28.23 -43.78
C GLU A 163 5.76 -28.52 -42.72
N SER A 164 5.34 -29.80 -42.63
CA SER A 164 4.21 -30.19 -41.75
C SER A 164 4.54 -30.95 -40.46
N GLY A 165 5.81 -31.00 -40.08
CA GLY A 165 6.26 -31.67 -38.83
C GLY A 165 6.75 -33.11 -39.01
N ILE A 166 6.78 -33.94 -37.95
CA ILE A 166 7.31 -35.25 -38.18
C ILE A 166 6.53 -35.93 -39.37
N VAL A 167 7.28 -36.71 -40.18
CA VAL A 167 6.67 -37.46 -41.25
C VAL A 167 6.32 -38.84 -40.73
N PRO A 168 5.01 -39.18 -40.53
CA PRO A 168 4.68 -40.53 -40.05
C PRO A 168 5.40 -41.77 -40.64
N ASP A 169 5.59 -41.87 -41.96
CA ASP A 169 6.20 -43.15 -42.48
C ASP A 169 7.65 -43.30 -41.97
N SER A 170 8.28 -42.14 -41.73
CA SER A 170 9.67 -42.11 -41.23
C SER A 170 9.64 -42.64 -39.81
N LEU A 171 8.65 -42.18 -39.04
CA LEU A 171 8.44 -42.73 -37.70
C LEU A 171 8.21 -44.25 -37.74
N ARG A 172 7.33 -44.68 -38.65
CA ARG A 172 6.91 -46.07 -38.85
C ARG A 172 8.02 -46.97 -39.37
N ASP A 173 8.81 -46.46 -40.27
CA ASP A 173 9.86 -47.29 -40.78
C ASP A 173 11.12 -47.34 -39.83
N ILE A 174 11.30 -46.30 -39.01
CA ILE A 174 12.27 -46.30 -37.87
C ILE A 174 11.92 -47.39 -36.87
N LEU A 175 10.63 -47.41 -36.53
CA LEU A 175 10.04 -48.29 -35.55
C LEU A 175 9.99 -49.74 -35.97
N SER A 176 10.05 -49.97 -37.27
CA SER A 176 9.92 -51.32 -37.83
C SER A 176 11.13 -52.19 -37.53
N ARG A 177 12.17 -51.61 -36.90
CA ARG A 177 13.34 -52.42 -36.45
C ARG A 177 13.07 -53.14 -35.13
N TRP A 178 11.86 -52.94 -34.59
CA TRP A 178 11.43 -53.66 -33.40
C TRP A 178 10.09 -54.31 -33.71
N LYS A 179 9.74 -55.28 -32.90
CA LYS A 179 8.45 -55.83 -32.96
C LYS A 179 7.69 -55.03 -31.91
N PRO A 180 6.40 -54.72 -32.17
CA PRO A 180 5.60 -53.96 -31.18
C PRO A 180 5.70 -54.59 -29.79
N GLU A 181 6.13 -55.86 -29.73
CA GLU A 181 6.20 -56.58 -28.45
C GLU A 181 7.51 -56.58 -27.65
N ASP A 182 8.64 -56.04 -28.17
CA ASP A 182 9.85 -55.89 -27.33
C ASP A 182 9.66 -54.72 -26.42
N ALA A 183 8.62 -53.89 -26.63
CA ALA A 183 8.23 -52.89 -25.61
C ALA A 183 7.90 -53.50 -24.26
N LYS A 184 7.61 -54.80 -24.24
CA LYS A 184 7.16 -55.46 -23.03
C LYS A 184 8.44 -55.94 -22.44
N ASN A 185 9.53 -55.81 -23.18
CA ASN A 185 10.78 -56.38 -22.74
C ASN A 185 11.94 -55.38 -22.74
N PRO A 186 12.38 -54.99 -21.52
CA PRO A 186 13.42 -53.96 -21.27
C PRO A 186 14.71 -54.12 -22.01
N GLN A 187 15.11 -55.33 -22.34
CA GLN A 187 16.53 -55.47 -22.70
C GLN A 187 17.07 -54.93 -24.04
N LYS A 188 16.36 -55.12 -25.13
CA LYS A 188 16.81 -54.47 -26.37
C LYS A 188 15.83 -53.33 -26.80
N ASN A 189 15.37 -52.53 -25.83
CA ASN A 189 15.51 -51.09 -25.95
C ASN A 189 14.53 -50.35 -26.84
N THR A 190 13.27 -50.75 -26.92
CA THR A 190 12.33 -49.85 -27.61
C THR A 190 12.42 -48.33 -27.12
N PRO A 191 12.15 -47.37 -28.02
CA PRO A 191 12.17 -45.94 -27.64
C PRO A 191 11.32 -45.65 -26.43
N LYS A 192 11.88 -44.89 -25.48
CA LYS A 192 11.10 -44.57 -24.26
C LYS A 192 10.02 -43.54 -24.57
N PHE A 193 10.32 -42.67 -25.53
CA PHE A 193 9.43 -41.61 -25.84
C PHE A 193 9.78 -40.90 -27.11
N LEU A 194 8.77 -40.17 -27.60
CA LEU A 194 8.89 -39.22 -28.69
C LEU A 194 8.72 -37.82 -28.17
N TYR A 195 9.65 -36.94 -28.52
CA TYR A 195 9.54 -35.63 -28.09
C TYR A 195 9.14 -34.76 -29.33
N THR A 196 8.10 -33.92 -29.23
CA THR A 196 7.99 -32.95 -30.31
C THR A 196 7.44 -31.61 -29.84
N VAL A 197 7.71 -30.57 -30.64
CA VAL A 197 7.16 -29.24 -30.53
C VAL A 197 6.15 -29.09 -31.72
N PRO A 198 4.87 -29.39 -31.45
CA PRO A 198 3.87 -29.47 -32.54
C PRO A 198 3.46 -28.17 -33.20
N ASN A 199 3.73 -27.10 -32.54
CA ASN A 199 3.30 -25.83 -33.04
C ASN A 199 4.46 -24.88 -33.09
N GLY A 200 4.64 -24.26 -34.28
CA GLY A 200 5.78 -23.33 -34.55
C GLY A 200 7.09 -23.84 -33.91
N ASN A 201 7.64 -24.92 -34.38
CA ASN A 201 8.94 -25.47 -33.86
C ASN A 201 10.06 -24.47 -33.81
N ASN A 202 10.82 -24.42 -32.71
CA ASN A 202 12.03 -23.63 -32.64
C ASN A 202 13.08 -24.64 -33.07
N PRO A 203 13.74 -24.43 -34.22
CA PRO A 203 13.77 -23.16 -34.93
C PRO A 203 12.92 -23.00 -36.19
N THR A 204 12.14 -24.00 -36.62
CA THR A 204 11.60 -23.94 -38.01
C THR A 204 10.38 -23.07 -38.29
N GLY A 205 9.55 -22.80 -37.31
CA GLY A 205 8.24 -22.25 -37.60
C GLY A 205 7.21 -23.26 -38.03
N ASN A 206 7.60 -24.53 -38.24
CA ASN A 206 6.65 -25.61 -38.71
C ASN A 206 5.75 -26.24 -37.61
N SER A 207 4.50 -26.56 -38.00
CA SER A 207 3.60 -27.26 -37.11
C SER A 207 3.07 -28.54 -37.66
N LEU A 208 2.71 -29.48 -36.78
CA LEU A 208 2.12 -30.74 -37.22
C LEU A 208 0.67 -30.57 -37.62
N THR A 209 0.19 -31.44 -38.53
CA THR A 209 -1.24 -31.43 -38.88
C THR A 209 -1.97 -32.35 -37.94
N SER A 210 -3.28 -32.27 -38.02
CA SER A 210 -4.10 -33.04 -37.16
C SER A 210 -4.16 -34.46 -37.66
N GLU A 211 -3.96 -34.65 -38.95
CA GLU A 211 -4.04 -36.00 -39.54
C GLU A 211 -2.74 -36.71 -39.17
N ARG A 212 -1.63 -36.00 -39.27
CA ARG A 212 -0.34 -36.52 -38.81
C ARG A 212 -0.32 -36.81 -37.32
N LYS A 213 -0.79 -35.88 -36.49
CA LYS A 213 -0.96 -36.18 -35.07
C LYS A 213 -1.65 -37.52 -34.74
N LYS A 214 -2.73 -37.91 -35.44
CA LYS A 214 -3.38 -39.19 -35.09
C LYS A 214 -2.59 -40.41 -35.52
N GLU A 215 -1.84 -40.25 -36.61
CA GLU A 215 -1.02 -41.37 -37.09
C GLU A 215 0.10 -41.60 -36.06
N ILE A 216 0.65 -40.51 -35.49
CA ILE A 216 1.81 -40.57 -34.60
C ILE A 216 1.41 -41.22 -33.33
N TYR A 217 0.25 -40.78 -32.84
CA TYR A 217 -0.39 -41.42 -31.69
C TYR A 217 -0.60 -42.95 -31.84
N GLU A 218 -1.20 -43.33 -32.98
CA GLU A 218 -1.35 -44.75 -33.30
C GLU A 218 -0.02 -45.53 -33.21
N LEU A 219 1.01 -45.00 -33.86
CA LEU A 219 2.38 -45.49 -33.75
C LEU A 219 2.76 -45.60 -32.30
N ALA A 220 2.38 -44.57 -31.51
CA ALA A 220 2.64 -44.45 -30.04
C ALA A 220 2.12 -45.58 -29.12
N ARG A 221 0.88 -46.06 -29.28
CA ARG A 221 0.49 -47.32 -28.56
C ARG A 221 1.13 -48.49 -29.22
N LYS A 222 1.03 -48.50 -30.55
CA LYS A 222 1.61 -49.60 -31.26
C LYS A 222 2.94 -50.09 -30.67
N TYR A 223 3.95 -49.20 -30.48
CA TYR A 223 5.23 -49.63 -29.80
C TYR A 223 5.38 -49.11 -28.36
N ASP A 224 4.21 -48.77 -27.80
CA ASP A 224 4.00 -48.31 -26.45
C ASP A 224 5.17 -47.46 -25.84
N PHE A 225 5.36 -46.31 -26.49
CA PHE A 225 6.19 -45.21 -26.02
C PHE A 225 5.29 -43.99 -25.64
N LEU A 226 5.85 -43.10 -24.83
CA LEU A 226 5.21 -41.89 -24.31
C LEU A 226 5.38 -40.84 -25.35
N ILE A 227 4.53 -39.80 -25.33
CA ILE A 227 4.68 -38.62 -26.21
C ILE A 227 4.95 -37.41 -25.36
N ILE A 228 6.18 -36.91 -25.46
CA ILE A 228 6.30 -35.62 -24.88
C ILE A 228 5.92 -34.53 -25.84
N GLU A 229 4.86 -33.83 -25.43
CA GLU A 229 4.25 -32.74 -26.17
C GLU A 229 4.73 -31.40 -25.61
N ASP A 230 5.78 -30.86 -26.16
CA ASP A 230 6.40 -29.70 -25.55
C ASP A 230 5.83 -28.53 -26.32
N ASP A 231 4.87 -27.80 -25.74
CA ASP A 231 3.97 -26.97 -26.56
C ASP A 231 3.92 -25.49 -26.18
N PRO A 232 5.08 -24.79 -26.21
CA PRO A 232 5.16 -23.41 -25.80
C PRO A 232 4.65 -22.35 -26.76
N TYR A 233 4.37 -22.71 -28.03
CA TYR A 233 3.72 -21.82 -28.94
C TYR A 233 2.27 -22.32 -29.24
N TYR A 234 1.65 -23.09 -28.36
CA TYR A 234 0.30 -23.49 -28.53
C TYR A 234 -0.51 -22.22 -28.51
N PHE A 235 -0.17 -21.25 -27.68
CA PHE A 235 -1.07 -20.06 -27.73
C PHE A 235 -0.61 -19.02 -28.78
N LEU A 236 0.25 -19.51 -29.69
CA LEU A 236 0.86 -18.63 -30.60
C LEU A 236 0.66 -18.99 -32.09
N GLN A 237 -0.39 -19.74 -32.41
CA GLN A 237 -0.73 -20.24 -33.76
C GLN A 237 -1.49 -19.24 -34.62
N PHE A 238 -1.07 -19.12 -35.86
CA PHE A 238 -1.59 -18.16 -36.84
C PHE A 238 -3.01 -18.45 -37.48
N ASN A 239 -3.25 -19.69 -37.79
CA ASN A 239 -4.59 -20.27 -37.96
C ASN A 239 -5.37 -20.12 -36.67
N LYS A 240 -6.50 -19.42 -36.69
CA LYS A 240 -7.13 -19.30 -35.40
C LYS A 240 -7.99 -20.52 -35.04
N PHE A 241 -8.25 -21.40 -36.01
CA PHE A 241 -8.68 -22.78 -35.75
C PHE A 241 -7.48 -23.69 -35.33
N ARG A 242 -7.17 -23.74 -34.04
CA ARG A 242 -6.02 -24.56 -33.45
C ARG A 242 -6.16 -26.05 -33.69
N VAL A 243 -5.07 -26.75 -34.05
CA VAL A 243 -5.23 -28.19 -34.26
C VAL A 243 -5.42 -28.80 -32.90
N PRO A 244 -6.24 -29.89 -32.77
CA PRO A 244 -6.16 -30.68 -31.55
C PRO A 244 -4.77 -31.00 -31.13
N THR A 245 -4.57 -31.21 -29.84
CA THR A 245 -3.27 -31.55 -29.24
C THR A 245 -3.22 -33.05 -28.99
N PHE A 246 -2.00 -33.63 -28.90
CA PHE A 246 -1.82 -35.00 -28.39
C PHE A 246 -2.54 -35.21 -27.11
N LEU A 247 -2.68 -34.19 -26.27
CA LEU A 247 -3.50 -34.34 -25.07
C LEU A 247 -5.00 -34.59 -25.38
N SER A 248 -5.54 -33.86 -26.36
CA SER A 248 -6.98 -33.92 -26.69
C SER A 248 -7.37 -35.37 -27.07
N MET A 249 -6.50 -36.05 -27.81
CA MET A 249 -6.62 -37.49 -28.22
C MET A 249 -5.88 -38.58 -27.40
N ASP A 250 -5.48 -38.27 -26.17
CA ASP A 250 -4.71 -39.21 -25.31
C ASP A 250 -5.57 -40.25 -24.52
N VAL A 251 -6.19 -41.21 -25.23
CA VAL A 251 -7.07 -42.25 -24.62
C VAL A 251 -6.39 -43.22 -23.65
N ASP A 252 -5.08 -43.39 -23.80
CA ASP A 252 -4.27 -44.37 -23.09
C ASP A 252 -3.48 -43.76 -21.88
N GLY A 253 -3.26 -42.44 -21.88
CA GLY A 253 -2.50 -41.85 -20.78
C GLY A 253 -1.03 -42.06 -20.96
N ARG A 254 -0.54 -41.71 -22.14
CA ARG A 254 0.84 -41.82 -22.55
C ARG A 254 1.40 -40.46 -22.98
N VAL A 255 0.75 -39.38 -22.59
CA VAL A 255 1.17 -38.06 -23.07
C VAL A 255 1.46 -37.13 -21.88
N ILE A 256 2.65 -36.54 -21.84
CA ILE A 256 2.92 -35.50 -20.84
C ILE A 256 3.03 -34.26 -21.69
N ARG A 257 2.32 -33.19 -21.30
CA ARG A 257 2.27 -31.95 -22.05
C ARG A 257 2.84 -30.82 -21.24
N ALA A 258 3.83 -30.13 -21.84
CA ALA A 258 4.39 -28.89 -21.32
C ALA A 258 3.75 -27.69 -22.04
N ASP A 259 3.05 -26.89 -21.21
CA ASP A 259 2.69 -25.53 -21.51
C ASP A 259 3.53 -24.39 -20.92
N SER A 260 3.62 -23.31 -21.70
CA SER A 260 4.41 -22.14 -21.33
C SER A 260 3.58 -20.79 -21.33
N PHE A 261 3.74 -20.00 -20.27
CA PHE A 261 3.22 -18.61 -20.16
C PHE A 261 4.15 -17.52 -20.71
N SER A 262 5.28 -17.96 -21.29
CA SER A 262 6.49 -17.13 -21.44
C SER A 262 6.38 -16.22 -22.63
N1 LLP A 263 10.91 -24.53 -25.37
C2 LLP A 263 11.16 -23.88 -26.58
C2' LLP A 263 11.68 -24.67 -27.76
C3 LLP A 263 10.98 -22.51 -26.70
O3 LLP A 263 11.28 -21.91 -27.76
C4 LLP A 263 10.46 -21.81 -25.62
C4' LLP A 263 10.26 -20.32 -25.77
C5 LLP A 263 10.13 -22.47 -24.41
C6 LLP A 263 10.36 -23.83 -24.30
C5' LLP A 263 9.63 -21.72 -23.20
OP4 LLP A 263 10.17 -22.25 -21.95
P LLP A 263 9.94 -21.55 -20.54
OP1 LLP A 263 10.43 -20.21 -20.90
OP2 LLP A 263 8.45 -21.75 -20.36
OP3 LLP A 263 10.72 -22.34 -19.56
N LLP A 263 5.59 -16.70 -23.63
CA LLP A 263 5.35 -15.91 -24.84
CB LLP A 263 5.38 -16.77 -26.10
CG LLP A 263 6.84 -17.22 -26.49
CD LLP A 263 7.28 -18.41 -25.67
CE LLP A 263 8.69 -18.65 -25.86
NZ LLP A 263 9.06 -20.01 -25.30
C LLP A 263 4.07 -15.08 -24.76
O LLP A 263 3.97 -14.09 -25.50
N ILE A 264 3.17 -15.42 -23.82
CA ILE A 264 1.92 -14.72 -23.61
C ILE A 264 1.67 -13.93 -22.33
N ILE A 265 2.38 -14.26 -21.25
CA ILE A 265 2.16 -13.59 -19.98
C ILE A 265 3.46 -13.04 -19.38
N SER A 266 4.50 -13.88 -19.26
CA SER A 266 5.85 -13.42 -18.81
C SER A 266 6.95 -14.44 -18.84
N SER A 267 8.05 -14.14 -19.50
CA SER A 267 9.20 -15.08 -19.44
C SER A 267 9.87 -15.08 -18.06
N GLY A 268 9.94 -13.89 -17.46
CA GLY A 268 10.83 -13.60 -16.33
C GLY A 268 10.27 -14.07 -15.04
N LEU A 269 8.95 -14.26 -15.02
CA LEU A 269 8.19 -14.79 -13.88
C LEU A 269 8.39 -16.27 -13.59
N ARG A 270 8.81 -17.08 -14.56
CA ARG A 270 9.13 -18.52 -14.34
C ARG A 270 7.88 -19.27 -13.85
N ILE A 271 6.85 -19.36 -14.70
CA ILE A 271 5.59 -20.01 -14.37
C ILE A 271 5.17 -20.65 -15.69
N GLY A 272 5.17 -21.96 -15.68
CA GLY A 272 4.81 -22.73 -16.87
C GLY A 272 4.04 -23.91 -16.32
N PHE A 273 3.65 -24.91 -17.13
CA PHE A 273 2.92 -26.01 -16.41
C PHE A 273 3.02 -27.27 -17.07
N LEU A 274 2.94 -28.37 -16.28
CA LEU A 274 3.10 -29.68 -16.83
C LEU A 274 1.82 -30.52 -16.68
N THR A 275 1.35 -31.12 -17.82
CA THR A 275 0.10 -32.00 -17.81
C THR A 275 0.33 -33.45 -18.13
N GLY A 276 -0.07 -34.33 -17.26
CA GLY A 276 0.17 -35.70 -17.59
C GLY A 276 -0.53 -36.67 -16.70
N PRO A 277 -0.28 -37.96 -16.94
CA PRO A 277 -0.73 -39.07 -16.15
C PRO A 277 -0.23 -38.85 -14.72
N LYS A 278 -1.16 -38.92 -13.80
CA LYS A 278 -0.94 -38.68 -12.39
C LYS A 278 0.38 -39.27 -11.72
N PRO A 279 0.80 -40.51 -12.04
CA PRO A 279 1.98 -40.91 -11.24
C PRO A 279 3.35 -40.51 -11.75
N LEU A 280 3.45 -40.07 -12.99
CA LEU A 280 4.65 -39.49 -13.53
C LEU A 280 4.77 -38.03 -13.06
N ILE A 281 3.66 -37.27 -13.10
CA ILE A 281 3.64 -35.95 -12.58
C ILE A 281 4.03 -36.05 -11.12
N GLU A 282 3.69 -37.17 -10.45
CA GLU A 282 4.10 -37.34 -9.04
C GLU A 282 5.58 -37.40 -8.87
N ARG A 283 6.24 -38.12 -9.77
CA ARG A 283 7.71 -38.23 -9.79
C ARG A 283 8.38 -36.85 -10.00
N VAL A 284 7.87 -36.08 -10.93
CA VAL A 284 8.35 -34.67 -11.05
C VAL A 284 7.98 -33.79 -9.87
N ILE A 285 6.78 -33.99 -9.30
CA ILE A 285 6.62 -33.31 -8.05
C ILE A 285 7.53 -33.71 -6.83
N LEU A 286 7.88 -34.99 -6.68
CA LEU A 286 8.75 -35.34 -5.59
C LEU A 286 10.11 -34.71 -5.78
N HIS A 287 10.55 -34.61 -7.05
CA HIS A 287 11.78 -33.93 -7.46
C HIS A 287 11.70 -32.40 -7.23
N ILE A 288 10.64 -31.75 -7.72
CA ILE A 288 10.54 -30.34 -7.40
C ILE A 288 10.70 -30.12 -5.87
N GLN A 289 10.05 -30.97 -5.08
CA GLN A 289 10.06 -30.93 -3.63
C GLN A 289 11.43 -30.89 -2.91
N VAL A 290 12.45 -31.56 -3.46
CA VAL A 290 13.79 -31.51 -2.85
C VAL A 290 14.67 -30.45 -3.52
N SER A 291 14.10 -29.73 -4.49
CA SER A 291 14.83 -28.84 -5.41
C SER A 291 14.36 -27.35 -5.20
N THR A 292 13.60 -26.80 -6.17
CA THR A 292 13.10 -25.41 -6.06
C THR A 292 12.03 -25.24 -4.94
N LEU A 293 11.55 -26.38 -4.44
CA LEU A 293 10.36 -26.55 -3.57
C LEU A 293 9.03 -26.16 -4.18
N HIS A 294 9.03 -25.03 -4.86
CA HIS A 294 7.84 -24.60 -5.57
C HIS A 294 8.13 -23.30 -6.36
N PRO A 295 7.17 -22.90 -7.19
CA PRO A 295 7.27 -21.73 -8.08
C PRO A 295 6.95 -20.55 -7.12
N SER A 296 7.47 -19.35 -7.39
CA SER A 296 7.36 -18.21 -6.47
C SER A 296 5.87 -17.96 -6.17
N THR A 297 5.54 -17.94 -4.90
CA THR A 297 4.17 -17.69 -4.52
C THR A 297 3.63 -16.29 -4.91
N PHE A 298 4.48 -15.26 -4.82
CA PHE A 298 4.23 -13.95 -5.30
C PHE A 298 3.76 -13.96 -6.79
N ASN A 299 4.57 -14.53 -7.68
CA ASN A 299 4.35 -14.48 -9.13
C ASN A 299 3.08 -15.31 -9.52
N GLN A 300 2.87 -16.50 -8.94
CA GLN A 300 1.60 -17.25 -9.08
C GLN A 300 0.36 -16.42 -8.67
N LEU A 301 0.38 -15.72 -7.55
CA LEU A 301 -0.77 -14.94 -7.04
C LEU A 301 -1.17 -13.88 -8.05
N MET A 302 -0.22 -13.03 -8.47
CA MET A 302 -0.26 -12.18 -9.67
C MET A 302 -0.89 -12.80 -10.91
N ILE A 303 -0.27 -13.85 -11.44
CA ILE A 303 -0.87 -14.50 -12.58
C ILE A 303 -2.29 -15.04 -12.25
N SER A 304 -2.50 -15.71 -11.12
CA SER A 304 -3.82 -16.31 -10.80
C SER A 304 -4.92 -15.23 -10.69
N GLN A 305 -4.55 -14.09 -10.16
CA GLN A 305 -5.51 -13.00 -10.00
C GLN A 305 -5.70 -12.24 -11.26
N LEU A 306 -4.70 -12.25 -12.12
CA LEU A 306 -4.89 -11.78 -13.48
C LEU A 306 -5.87 -12.68 -14.16
N LEU A 307 -5.71 -13.95 -13.95
CA LEU A 307 -6.38 -14.94 -14.78
C LEU A 307 -7.86 -15.06 -14.41
N HIS A 308 -8.11 -15.19 -13.12
CA HIS A 308 -9.47 -15.05 -12.55
C HIS A 308 -10.23 -13.78 -12.82
N GLU A 309 -9.52 -12.68 -13.03
CA GLU A 309 -10.24 -11.45 -13.38
C GLU A 309 -10.58 -11.46 -14.88
N TRP A 310 -9.70 -12.06 -15.71
CA TRP A 310 -10.04 -12.24 -17.10
C TRP A 310 -11.20 -13.15 -17.45
N GLY A 311 -11.49 -14.20 -16.71
CA GLY A 311 -12.34 -15.29 -17.23
C GLY A 311 -11.58 -15.93 -18.39
N GLU A 312 -11.78 -17.20 -18.69
CA GLU A 312 -11.13 -17.73 -19.89
C GLU A 312 -11.51 -16.92 -21.14
N GLU A 313 -12.41 -15.94 -20.96
CA GLU A 313 -12.77 -15.02 -22.03
C GLU A 313 -11.68 -13.94 -22.27
N GLY A 314 -11.27 -13.30 -21.19
CA GLY A 314 -10.32 -12.21 -21.29
C GLY A 314 -8.94 -12.79 -21.56
N PHE A 315 -8.82 -14.08 -21.23
CA PHE A 315 -7.57 -14.79 -21.42
C PHE A 315 -7.47 -15.03 -22.87
N MET A 316 -8.50 -15.66 -23.40
CA MET A 316 -8.54 -16.03 -24.82
C MET A 316 -8.46 -14.77 -25.68
N ALA A 317 -9.19 -13.72 -25.32
CA ALA A 317 -9.08 -12.45 -26.06
C ALA A 317 -7.70 -11.85 -25.95
N HIS A 318 -6.98 -12.10 -24.87
CA HIS A 318 -5.58 -11.59 -24.71
C HIS A 318 -4.69 -12.36 -25.67
N VAL A 319 -4.99 -13.63 -25.92
CA VAL A 319 -4.12 -14.38 -26.75
C VAL A 319 -4.35 -14.04 -28.20
N ASP A 320 -5.61 -13.82 -28.61
CA ASP A 320 -5.89 -13.35 -29.98
C ASP A 320 -5.17 -12.04 -30.30
N ARG A 321 -5.11 -11.11 -29.38
CA ARG A 321 -4.38 -9.87 -29.58
C ARG A 321 -2.92 -10.13 -29.72
N VAL A 322 -2.36 -11.08 -28.94
CA VAL A 322 -0.89 -11.24 -29.07
C VAL A 322 -0.61 -12.01 -30.34
N ILE A 323 -1.60 -12.83 -30.74
CA ILE A 323 -1.49 -13.60 -31.96
C ILE A 323 -1.45 -12.60 -33.12
N ASP A 324 -2.38 -11.66 -33.10
CA ASP A 324 -2.49 -10.71 -34.16
C ASP A 324 -1.18 -10.05 -34.34
N PHE A 325 -0.53 -9.58 -33.27
CA PHE A 325 0.76 -8.83 -33.37
C PHE A 325 1.84 -9.74 -34.01
N TYR A 326 1.89 -11.01 -33.61
CA TYR A 326 2.83 -11.94 -34.23
C TYR A 326 2.54 -12.37 -35.68
N SER A 327 1.25 -12.51 -36.15
CA SER A 327 1.00 -12.51 -37.63
C SER A 327 1.48 -11.27 -38.37
N ASN A 328 1.35 -10.07 -37.78
CA ASN A 328 1.67 -8.84 -38.47
C ASN A 328 3.18 -8.67 -38.65
N GLN A 329 3.97 -9.14 -37.65
CA GLN A 329 5.44 -9.21 -37.65
C GLN A 329 5.89 -10.35 -38.55
N LYS A 330 5.15 -11.47 -38.56
CA LYS A 330 5.35 -12.52 -39.57
C LYS A 330 5.18 -11.95 -41.03
N ASP A 331 4.02 -11.34 -41.32
CA ASP A 331 3.81 -10.65 -42.62
C ASP A 331 4.98 -9.82 -43.06
N ALA A 332 5.45 -8.99 -42.16
CA ALA A 332 6.56 -8.10 -42.40
C ALA A 332 7.87 -8.87 -42.70
N ILE A 333 8.11 -9.97 -41.99
CA ILE A 333 9.47 -10.53 -42.13
C ILE A 333 9.49 -11.29 -43.45
N LEU A 334 8.38 -11.93 -43.78
CA LEU A 334 8.12 -12.57 -45.06
C LEU A 334 8.24 -11.59 -46.25
N ALA A 335 7.47 -10.52 -46.26
CA ALA A 335 7.69 -9.45 -47.22
C ALA A 335 9.16 -8.98 -47.34
N ALA A 336 9.88 -8.79 -46.24
CA ALA A 336 11.32 -8.55 -46.33
C ALA A 336 12.05 -9.66 -47.09
N ALA A 337 11.59 -10.91 -46.94
CA ALA A 337 12.34 -12.04 -47.49
C ALA A 337 12.15 -12.09 -48.94
N ASP A 338 10.88 -11.96 -49.37
CA ASP A 338 10.50 -11.87 -50.81
C ASP A 338 11.21 -10.71 -51.51
N LYS A 339 11.09 -9.53 -50.93
CA LYS A 339 11.88 -8.43 -51.33
C LYS A 339 13.41 -8.77 -51.63
N TRP A 340 14.15 -9.33 -50.67
CA TRP A 340 15.59 -9.42 -50.87
C TRP A 340 16.13 -10.78 -51.12
N LEU A 341 15.38 -11.81 -50.77
CA LEU A 341 15.87 -13.20 -50.91
C LEU A 341 15.18 -13.91 -52.10
N THR A 342 15.94 -14.53 -52.97
CA THR A 342 15.80 -14.03 -54.41
C THR A 342 15.81 -15.08 -55.42
N GLY A 343 15.44 -16.27 -55.07
CA GLY A 343 16.23 -17.28 -55.78
C GLY A 343 17.60 -17.28 -55.11
N LEU A 344 17.68 -16.65 -53.90
CA LEU A 344 18.85 -16.72 -53.05
C LEU A 344 18.74 -17.66 -51.84
N ALA A 345 17.52 -17.88 -51.37
CA ALA A 345 17.17 -18.65 -50.18
C ALA A 345 15.80 -19.20 -50.46
N GLU A 346 15.47 -20.34 -49.82
CA GLU A 346 14.06 -20.89 -49.68
C GLU A 346 13.66 -20.94 -48.21
N TRP A 347 12.38 -20.67 -47.92
CA TRP A 347 11.76 -20.86 -46.58
C TRP A 347 10.27 -21.28 -46.79
N HIS A 348 9.63 -21.83 -45.74
CA HIS A 348 8.19 -22.09 -45.63
C HIS A 348 7.59 -20.98 -44.78
N VAL A 349 6.27 -20.68 -44.92
CA VAL A 349 5.75 -19.70 -43.98
C VAL A 349 5.50 -20.39 -42.56
N PRO A 350 6.04 -19.73 -41.45
CA PRO A 350 5.78 -20.07 -40.05
C PRO A 350 4.28 -20.20 -39.81
N ALA A 351 3.90 -21.28 -39.13
CA ALA A 351 2.51 -21.49 -38.79
C ALA A 351 2.21 -21.05 -37.33
N ALA A 352 3.27 -20.94 -36.52
CA ALA A 352 3.10 -20.57 -35.11
C ALA A 352 4.39 -19.99 -34.59
N GLY A 353 4.32 -19.21 -33.55
CA GLY A 353 5.57 -18.82 -32.95
C GLY A 353 6.16 -17.53 -33.46
N MET A 354 7.50 -17.51 -33.47
CA MET A 354 8.30 -16.28 -33.65
C MET A 354 9.57 -16.43 -34.43
N PHE A 355 9.72 -17.50 -35.20
CA PHE A 355 10.96 -17.73 -35.96
C PHE A 355 10.74 -17.97 -37.47
N LEU A 356 11.58 -17.31 -38.28
CA LEU A 356 11.70 -17.71 -39.67
C LEU A 356 12.96 -18.57 -39.91
N TRP A 357 12.77 -19.68 -40.60
CA TRP A 357 13.86 -20.66 -40.90
C TRP A 357 14.14 -20.62 -42.42
N ILE A 358 15.31 -20.04 -42.75
CA ILE A 358 15.69 -19.77 -44.10
C ILE A 358 16.90 -20.56 -44.59
N LYS A 359 16.72 -21.30 -45.70
CA LYS A 359 17.79 -22.15 -46.18
C LYS A 359 18.53 -21.41 -47.28
N VAL A 360 19.81 -21.10 -47.01
CA VAL A 360 20.66 -20.37 -47.94
C VAL A 360 21.11 -21.32 -49.06
N LYS A 361 20.94 -20.83 -50.31
CA LYS A 361 21.27 -21.53 -51.58
C LYS A 361 22.75 -21.53 -51.95
N GLY A 362 23.22 -22.67 -52.46
CA GLY A 362 24.64 -22.82 -52.86
C GLY A 362 25.67 -22.20 -51.92
N ILE A 363 25.33 -22.08 -50.62
CA ILE A 363 26.30 -21.87 -49.52
C ILE A 363 26.13 -23.07 -48.58
N ASN A 364 27.14 -23.90 -48.42
CA ASN A 364 26.87 -25.17 -47.69
C ASN A 364 27.00 -25.17 -46.14
N ASP A 365 27.65 -24.15 -45.59
CA ASP A 365 27.57 -23.77 -44.15
C ASP A 365 27.50 -22.24 -43.94
N VAL A 366 26.66 -21.78 -43.01
CA VAL A 366 26.41 -20.30 -42.86
C VAL A 366 27.09 -19.56 -41.68
N LYS A 367 28.00 -20.27 -40.99
CA LYS A 367 28.81 -19.75 -39.86
C LYS A 367 29.71 -18.60 -40.23
N GLU A 368 30.45 -18.75 -41.32
CA GLU A 368 31.39 -17.76 -41.74
C GLU A 368 30.65 -16.49 -42.25
N LEU A 369 29.61 -16.68 -43.07
CA LEU A 369 28.78 -15.58 -43.54
C LEU A 369 28.12 -14.75 -42.41
N ILE A 370 27.69 -15.41 -41.33
CA ILE A 370 27.12 -14.71 -40.16
C ILE A 370 28.13 -14.34 -39.06
N GLU A 371 28.97 -15.29 -38.61
CA GLU A 371 30.01 -15.05 -37.56
C GLU A 371 30.98 -13.99 -38.03
N GLU A 372 31.44 -14.11 -39.26
CA GLU A 372 32.37 -13.13 -39.74
C GLU A 372 31.64 -12.00 -40.46
N LYS A 373 31.14 -12.24 -41.68
CA LYS A 373 30.70 -11.15 -42.58
C LYS A 373 29.49 -10.33 -42.17
N ALA A 374 28.46 -10.95 -41.59
CA ALA A 374 27.25 -10.17 -41.22
C ALA A 374 27.46 -9.23 -40.02
N VAL A 375 28.12 -9.72 -38.97
CA VAL A 375 28.37 -8.93 -37.76
C VAL A 375 29.11 -7.63 -38.04
N LYS A 376 30.17 -7.73 -38.86
CA LYS A 376 30.89 -6.55 -39.36
C LYS A 376 30.03 -5.57 -40.09
N MET A 377 28.93 -6.03 -40.72
CA MET A 377 27.93 -5.11 -41.35
C MET A 377 26.78 -4.70 -40.39
N GLY A 378 26.90 -5.03 -39.11
CA GLY A 378 25.83 -4.67 -38.18
C GLY A 378 24.53 -5.47 -38.25
N VAL A 379 24.56 -6.64 -38.88
CA VAL A 379 23.36 -7.48 -38.87
C VAL A 379 23.65 -8.84 -38.29
N LEU A 380 22.84 -9.26 -37.31
CA LEU A 380 23.01 -10.58 -36.76
C LEU A 380 21.83 -11.51 -37.00
N MET A 381 22.17 -12.72 -37.41
CA MET A 381 21.23 -13.85 -37.38
C MET A 381 21.91 -15.13 -36.87
N LEU A 382 21.08 -16.15 -36.62
CA LEU A 382 21.51 -17.33 -35.92
C LEU A 382 21.78 -18.50 -36.85
N PRO A 383 23.09 -18.86 -37.05
CA PRO A 383 23.49 -20.10 -37.80
C PRO A 383 22.68 -21.30 -37.34
N GLY A 384 22.22 -22.12 -38.26
CA GLY A 384 21.46 -23.31 -37.85
C GLY A 384 22.12 -24.45 -37.06
N ASN A 385 23.43 -24.37 -36.78
CA ASN A 385 24.20 -25.54 -36.25
C ASN A 385 23.73 -26.13 -34.96
N ALA A 386 23.40 -25.25 -34.03
CA ALA A 386 23.17 -25.73 -32.66
C ALA A 386 21.80 -26.39 -32.53
N PHE A 387 21.04 -26.42 -33.65
CA PHE A 387 19.72 -27.04 -33.59
C PHE A 387 19.77 -28.50 -34.04
N TYR A 388 20.99 -29.05 -34.16
CA TYR A 388 21.25 -30.45 -34.47
C TYR A 388 22.06 -31.16 -33.36
N VAL A 389 21.85 -32.47 -33.21
CA VAL A 389 22.73 -33.27 -32.38
C VAL A 389 24.21 -33.16 -32.77
N ASP A 390 24.53 -33.40 -34.03
CA ASP A 390 25.90 -33.14 -34.43
C ASP A 390 25.93 -31.69 -34.93
N SER A 391 26.23 -30.78 -34.00
CA SER A 391 26.21 -29.38 -34.32
C SER A 391 27.48 -28.96 -35.05
N SER A 392 28.40 -29.89 -35.30
CA SER A 392 29.67 -29.59 -35.94
C SER A 392 29.49 -29.71 -37.44
N ALA A 393 28.52 -30.52 -37.88
CA ALA A 393 28.10 -30.50 -39.26
C ALA A 393 27.73 -29.07 -39.74
N PRO A 394 27.94 -28.81 -41.03
CA PRO A 394 27.66 -27.52 -41.61
C PRO A 394 26.19 -27.39 -41.79
N SER A 395 25.63 -26.24 -41.41
CA SER A 395 24.21 -25.98 -41.75
C SER A 395 24.07 -24.77 -42.72
N PRO A 396 23.36 -24.96 -43.84
CA PRO A 396 23.16 -23.80 -44.67
C PRO A 396 21.99 -22.88 -44.23
N TYR A 397 21.43 -23.12 -43.03
CA TYR A 397 20.24 -22.41 -42.54
C TYR A 397 20.51 -21.32 -41.54
N LEU A 398 19.68 -20.27 -41.54
CA LEU A 398 19.57 -19.28 -40.49
C LEU A 398 18.18 -19.20 -39.88
N ARG A 399 18.09 -19.03 -38.57
CA ARG A 399 16.85 -18.64 -37.86
C ARG A 399 16.85 -17.12 -37.65
N ALA A 400 15.76 -16.53 -38.03
CA ALA A 400 15.68 -15.08 -37.90
C ALA A 400 14.45 -14.90 -37.04
N SER A 401 14.59 -14.09 -36.02
CA SER A 401 13.49 -13.83 -35.08
C SER A 401 12.65 -12.67 -35.57
N PHE A 402 11.31 -12.82 -35.55
CA PHE A 402 10.46 -11.67 -35.89
C PHE A 402 9.67 -11.08 -34.73
N SER A 403 10.09 -11.34 -33.50
CA SER A 403 9.26 -10.96 -32.34
C SER A 403 9.34 -9.48 -32.07
N SER A 404 10.44 -8.83 -32.49
CA SER A 404 10.82 -7.47 -32.04
C SER A 404 11.15 -6.38 -33.09
N ALA A 405 11.77 -6.75 -34.23
CA ALA A 405 12.32 -5.80 -35.19
C ALA A 405 11.17 -5.13 -35.95
N SER A 406 11.33 -3.83 -36.23
CA SER A 406 10.36 -3.08 -37.05
C SER A 406 10.61 -3.49 -38.46
N PRO A 407 9.61 -3.37 -39.35
CA PRO A 407 9.76 -3.65 -40.79
C PRO A 407 10.95 -2.95 -41.43
N GLU A 408 11.24 -1.73 -41.06
CA GLU A 408 12.45 -1.10 -41.56
C GLU A 408 13.68 -1.95 -41.14
N GLN A 409 13.73 -2.37 -39.87
CA GLN A 409 14.90 -3.07 -39.39
C GLN A 409 15.06 -4.43 -40.12
N MET A 410 13.97 -5.15 -40.33
CA MET A 410 13.94 -6.33 -41.23
C MET A 410 14.43 -6.07 -42.66
N ASP A 411 13.90 -4.98 -43.21
CA ASP A 411 14.34 -4.48 -44.52
C ASP A 411 15.82 -4.23 -44.60
N VAL A 412 16.38 -3.41 -43.72
CA VAL A 412 17.83 -3.23 -43.76
C VAL A 412 18.56 -4.60 -43.57
N ALA A 413 18.19 -5.35 -42.55
CA ALA A 413 18.76 -6.70 -42.29
C ALA A 413 18.83 -7.62 -43.57
N PHE A 414 17.71 -7.77 -44.25
CA PHE A 414 17.60 -8.63 -45.39
C PHE A 414 18.25 -8.10 -46.66
N GLN A 415 18.29 -6.76 -46.82
CA GLN A 415 19.23 -6.06 -47.74
C GLN A 415 20.73 -6.40 -47.57
N VAL A 416 21.26 -6.20 -46.39
CA VAL A 416 22.65 -6.50 -46.06
C VAL A 416 22.95 -8.00 -46.29
N LEU A 417 22.13 -8.88 -45.69
CA LEU A 417 22.21 -10.31 -45.91
C LEU A 417 22.18 -10.71 -47.37
N ALA A 418 21.18 -10.24 -48.13
CA ALA A 418 21.08 -10.73 -49.51
C ALA A 418 22.41 -10.44 -50.19
N GLN A 419 22.90 -9.21 -50.14
CA GLN A 419 24.20 -8.95 -50.72
C GLN A 419 25.44 -9.63 -50.16
N LEU A 420 25.43 -10.06 -48.92
CA LEU A 420 26.56 -10.84 -48.42
C LEU A 420 26.47 -12.25 -48.95
N ILE A 421 25.25 -12.78 -49.10
CA ILE A 421 25.12 -14.04 -49.88
C ILE A 421 25.70 -13.94 -51.33
N LYS A 422 25.30 -12.93 -52.09
CA LYS A 422 25.82 -12.81 -53.46
C LYS A 422 27.31 -12.57 -53.53
N GLU A 423 27.85 -11.80 -52.59
CA GLU A 423 29.34 -11.62 -52.51
C GLU A 423 30.06 -12.89 -51.97
N SER A 424 29.32 -13.98 -51.77
CA SER A 424 29.86 -15.25 -51.29
C SER A 424 29.72 -16.37 -52.32
N LEU A 425 28.78 -16.23 -53.27
CA LEU A 425 28.50 -17.29 -54.26
C LEU A 425 29.65 -17.63 -55.23
N MET B 1 43.63 -28.28 -6.20
CA MET B 1 43.10 -29.64 -6.11
C MET B 1 42.26 -29.97 -7.34
N ASN B 2 41.55 -31.10 -7.27
CA ASN B 2 41.14 -31.82 -8.48
C ASN B 2 39.62 -31.87 -8.53
N TYR B 3 39.00 -30.81 -9.02
CA TYR B 3 37.56 -30.70 -9.18
C TYR B 3 36.85 -31.82 -9.98
N ALA B 4 37.60 -32.43 -10.91
CA ALA B 4 37.17 -33.57 -11.67
C ALA B 4 36.59 -34.65 -10.86
N ARG B 5 37.11 -34.78 -9.64
CA ARG B 5 36.74 -35.84 -8.68
C ARG B 5 35.30 -35.81 -8.16
N PHE B 6 34.70 -34.60 -8.11
CA PHE B 6 33.39 -34.40 -7.48
C PHE B 6 32.43 -33.91 -8.55
N ILE B 7 32.67 -34.36 -9.78
CA ILE B 7 31.81 -34.07 -10.89
C ILE B 7 31.46 -35.42 -11.58
N THR B 8 30.18 -35.74 -11.53
CA THR B 8 29.60 -36.87 -12.19
C THR B 8 30.06 -36.98 -13.68
N ALA B 9 30.12 -38.16 -14.26
CA ALA B 9 30.31 -38.16 -15.76
C ALA B 9 29.20 -37.34 -16.48
N ALA B 10 27.97 -37.52 -16.09
CA ALA B 10 26.83 -36.73 -16.66
C ALA B 10 26.95 -35.17 -16.46
N SER B 11 27.49 -34.80 -15.31
CA SER B 11 27.76 -33.38 -14.98
C SER B 11 28.86 -32.68 -15.81
N ALA B 12 30.05 -33.28 -15.85
CA ALA B 12 31.10 -32.91 -16.81
C ALA B 12 30.64 -32.84 -18.23
N ALA B 13 29.69 -33.68 -18.62
CA ALA B 13 29.25 -33.62 -20.03
C ALA B 13 28.29 -32.46 -20.36
N ARG B 14 27.68 -31.80 -19.40
CA ARG B 14 26.94 -30.54 -19.79
C ARG B 14 27.90 -29.51 -20.45
N ASN B 15 27.38 -28.87 -21.50
CA ASN B 15 27.93 -27.81 -22.29
C ASN B 15 27.08 -26.52 -22.07
N PRO B 16 27.70 -25.34 -22.12
CA PRO B 16 26.74 -24.20 -22.04
C PRO B 16 25.51 -24.17 -22.96
N SER B 17 24.39 -23.88 -22.35
CA SER B 17 23.13 -23.74 -23.03
C SER B 17 22.47 -22.37 -22.67
N PRO B 18 23.06 -21.21 -23.04
CA PRO B 18 22.38 -19.95 -22.63
C PRO B 18 21.27 -19.38 -23.54
N ILE B 19 20.45 -18.48 -23.00
CA ILE B 19 19.72 -17.48 -23.81
C ILE B 19 20.78 -16.44 -24.23
N ARG B 20 21.34 -16.63 -25.44
CA ARG B 20 22.80 -16.37 -25.71
C ARG B 20 23.27 -14.95 -26.03
N THR B 21 24.50 -14.84 -26.57
CA THR B 21 25.15 -13.57 -26.94
C THR B 21 24.41 -12.80 -28.05
N MET B 22 23.19 -13.25 -28.32
CA MET B 22 22.20 -12.49 -29.06
C MET B 22 22.02 -11.16 -28.30
N THR B 23 22.13 -11.27 -26.98
CA THR B 23 22.04 -10.16 -26.02
C THR B 23 23.36 -9.94 -25.26
N ASP B 24 24.49 -10.30 -25.91
CA ASP B 24 25.81 -9.90 -25.44
C ASP B 24 26.62 -9.20 -26.56
N ILE B 25 26.79 -9.85 -27.72
CA ILE B 25 27.34 -9.14 -28.91
C ILE B 25 26.51 -7.85 -29.19
N LEU B 26 25.23 -7.89 -28.81
CA LEU B 26 24.34 -6.73 -28.90
C LEU B 26 24.31 -5.97 -27.55
N SER B 27 25.50 -5.68 -27.05
CA SER B 27 25.71 -4.93 -25.80
C SER B 27 27.07 -4.26 -25.85
N ARG B 28 27.92 -4.71 -26.79
CA ARG B 28 29.19 -4.06 -27.10
C ARG B 28 29.17 -3.56 -28.55
N GLY B 29 28.03 -3.73 -29.21
CA GLY B 29 27.88 -3.31 -30.61
C GLY B 29 27.59 -1.84 -30.77
N PRO B 30 27.71 -1.33 -32.02
CA PRO B 30 27.22 0.01 -32.40
C PRO B 30 25.71 0.08 -32.24
N LYS B 31 25.21 1.23 -31.80
CA LYS B 31 23.78 1.51 -31.62
C LYS B 31 22.97 1.02 -32.81
N SER B 32 23.53 1.19 -34.03
CA SER B 32 22.79 0.91 -35.27
C SER B 32 22.80 -0.59 -35.74
N MET B 33 23.38 -1.48 -34.90
CA MET B 33 23.28 -2.93 -35.11
C MET B 33 21.83 -3.35 -35.10
N ILE B 34 21.51 -4.33 -35.94
CA ILE B 34 20.21 -5.00 -35.94
C ILE B 34 20.36 -6.49 -35.79
N SER B 35 19.71 -7.08 -34.77
CA SER B 35 19.74 -8.53 -34.59
C SER B 35 18.37 -9.15 -34.78
N LEU B 36 18.42 -10.19 -35.56
CA LEU B 36 17.29 -11.06 -35.81
C LEU B 36 17.72 -12.43 -35.20
N ALA B 37 18.75 -12.43 -34.35
CA ALA B 37 19.36 -13.66 -33.83
C ALA B 37 18.84 -14.06 -32.46
N GLY B 38 18.11 -13.14 -31.81
CA GLY B 38 17.66 -13.33 -30.42
C GLY B 38 16.53 -14.33 -30.25
N GLY B 39 16.58 -15.08 -29.15
CA GLY B 39 15.50 -15.99 -28.69
C GLY B 39 14.42 -15.36 -27.74
N LEU B 40 14.60 -14.09 -27.37
CA LEU B 40 13.59 -13.46 -26.47
C LEU B 40 12.21 -13.23 -27.12
N PRO B 41 11.11 -13.41 -26.33
CA PRO B 41 9.76 -12.92 -26.86
C PRO B 41 9.61 -11.41 -26.68
N ASN B 42 8.66 -10.84 -27.41
CA ASN B 42 8.30 -9.46 -27.19
C ASN B 42 7.64 -9.22 -25.83
N PRO B 43 8.33 -8.43 -24.97
CA PRO B 43 7.86 -8.11 -23.66
C PRO B 43 6.64 -7.11 -23.70
N ASN B 44 6.53 -6.27 -24.73
CA ASN B 44 5.37 -5.28 -24.83
C ASN B 44 3.97 -5.92 -24.82
N MET B 45 3.93 -7.20 -25.16
CA MET B 45 2.73 -8.07 -25.14
C MET B 45 2.29 -8.50 -23.72
N PHE B 46 3.23 -8.52 -22.77
CA PHE B 46 2.87 -8.94 -21.43
C PHE B 46 1.90 -7.93 -20.77
N PRO B 47 0.96 -8.42 -19.97
CA PRO B 47 -0.16 -7.58 -19.59
C PRO B 47 0.04 -6.67 -18.40
N PHE B 48 0.98 -6.98 -17.48
CA PHE B 48 1.20 -6.17 -16.26
C PHE B 48 2.15 -5.07 -16.63
N LYS B 49 2.05 -3.89 -16.05
CA LYS B 49 2.81 -2.70 -16.56
C LYS B 49 3.64 -1.86 -15.56
N THR B 50 3.24 -1.82 -14.30
CA THR B 50 4.03 -1.16 -13.29
C THR B 50 3.67 -1.79 -11.95
N ALA B 51 4.50 -1.50 -10.94
CA ALA B 51 4.39 -2.14 -9.67
C ALA B 51 4.80 -1.12 -8.67
N VAL B 52 4.07 -1.05 -7.57
CA VAL B 52 4.40 -0.17 -6.42
C VAL B 52 4.45 -1.11 -5.18
N ILE B 53 5.61 -1.20 -4.55
CA ILE B 53 5.76 -2.12 -3.44
C ILE B 53 6.28 -1.51 -2.13
N THR B 54 5.57 -1.67 -1.02
CA THR B 54 5.97 -0.95 0.21
C THR B 54 6.90 -1.75 1.10
N VAL B 55 7.74 -1.01 1.78
CA VAL B 55 8.78 -1.54 2.65
C VAL B 55 8.61 -0.91 4.02
N GLU B 56 8.31 -1.72 5.03
CA GLU B 56 8.50 -1.23 6.41
C GLU B 56 10.05 -0.99 6.64
N ASN B 57 10.43 0.20 7.03
CA ASN B 57 11.91 0.43 7.25
C ASN B 57 12.75 0.91 6.02
N GLY B 58 12.06 1.62 5.09
CA GLY B 58 12.63 1.90 3.79
C GLY B 58 11.68 2.48 2.75
N LYS B 59 12.33 3.00 1.70
CA LYS B 59 11.77 3.61 0.50
C LYS B 59 10.90 2.60 -0.28
N THR B 60 9.76 3.06 -0.81
CA THR B 60 8.90 2.13 -1.49
C THR B 60 9.51 1.79 -2.82
N ILE B 61 9.35 0.53 -3.22
CA ILE B 61 9.91 0.04 -4.49
C ILE B 61 9.00 0.39 -5.65
N GLN B 62 9.60 0.98 -6.67
CA GLN B 62 8.88 1.24 -7.93
C GLN B 62 9.49 0.58 -9.17
N PHE B 63 8.62 -0.05 -9.95
CA PHE B 63 8.89 -0.57 -11.29
C PHE B 63 7.99 0.26 -12.17
N GLY B 64 8.54 1.35 -12.69
CA GLY B 64 7.98 1.99 -13.87
C GLY B 64 7.86 1.07 -15.06
N GLU B 65 7.43 1.60 -16.19
CA GLU B 65 6.97 0.79 -17.30
C GLU B 65 8.10 -0.01 -17.96
N GLU B 66 9.27 0.59 -17.97
CA GLU B 66 10.48 -0.02 -18.50
C GLU B 66 11.07 -1.08 -17.58
N MET B 67 11.16 -0.77 -16.29
CA MET B 67 11.73 -1.68 -15.33
C MET B 67 10.86 -2.92 -15.21
N MET B 68 9.57 -2.71 -15.31
CA MET B 68 8.57 -3.83 -15.36
C MET B 68 8.83 -4.77 -16.55
N LYS B 69 9.08 -4.19 -17.74
CA LYS B 69 9.35 -4.99 -18.91
C LYS B 69 10.58 -5.85 -18.75
N ARG B 70 11.61 -5.36 -18.09
CA ARG B 70 12.80 -6.16 -17.79
C ARG B 70 12.54 -7.28 -16.70
N ALA B 71 11.80 -6.89 -15.68
CA ALA B 71 11.19 -7.77 -14.68
C ALA B 71 10.35 -8.92 -15.21
N LEU B 72 9.62 -8.71 -16.34
CA LEU B 72 8.84 -9.79 -16.97
C LEU B 72 9.62 -10.61 -18.00
N GLN B 73 10.87 -10.19 -18.33
CA GLN B 73 11.61 -10.78 -19.47
C GLN B 73 12.62 -11.72 -18.86
N TYR B 74 13.08 -12.68 -19.66
CA TYR B 74 14.26 -13.54 -19.33
C TYR B 74 15.53 -12.74 -19.00
N SER B 75 16.24 -13.13 -17.94
CA SER B 75 17.54 -12.59 -17.51
C SER B 75 18.73 -13.61 -17.38
N PRO B 76 19.92 -13.13 -16.99
CA PRO B 76 21.00 -14.12 -17.01
C PRO B 76 20.78 -15.38 -16.14
N SER B 77 21.36 -16.52 -16.55
CA SER B 77 21.23 -17.79 -15.79
C SER B 77 21.63 -17.78 -14.28
N ALA B 78 22.68 -17.01 -13.91
CA ALA B 78 23.37 -17.05 -12.59
C ALA B 78 22.82 -15.90 -11.77
N GLY B 79 21.90 -15.13 -12.37
CA GLY B 79 21.32 -13.94 -11.79
C GLY B 79 21.66 -12.60 -12.46
N ILE B 80 20.94 -11.56 -12.06
CA ILE B 80 21.09 -10.21 -12.56
C ILE B 80 22.40 -9.63 -12.00
N PRO B 81 23.10 -8.93 -12.87
CA PRO B 81 24.42 -8.50 -12.56
C PRO B 81 24.40 -7.72 -11.21
N GLU B 82 23.43 -6.79 -11.02
CA GLU B 82 23.34 -6.02 -9.77
C GLU B 82 23.17 -6.81 -8.48
N LEU B 83 22.35 -7.85 -8.49
CA LEU B 83 22.26 -8.75 -7.39
C LEU B 83 23.55 -9.59 -7.19
N LEU B 84 24.04 -10.26 -8.24
CA LEU B 84 25.35 -10.96 -8.15
C LEU B 84 26.50 -10.13 -7.57
N SER B 85 26.79 -8.98 -8.15
CA SER B 85 27.81 -8.11 -7.52
C SER B 85 27.48 -7.65 -6.11
N TRP B 86 26.21 -7.46 -5.77
CA TRP B 86 25.88 -7.03 -4.40
C TRP B 86 26.10 -8.27 -3.49
N LEU B 87 25.67 -9.44 -3.97
CA LEU B 87 25.89 -10.63 -3.09
C LEU B 87 27.35 -10.99 -2.98
N LYS B 88 28.06 -10.92 -4.10
CA LYS B 88 29.56 -11.02 -4.12
C LYS B 88 30.30 -10.08 -3.10
N GLN B 89 30.03 -8.78 -3.14
CA GLN B 89 30.51 -7.83 -2.14
C GLN B 89 30.16 -8.25 -0.72
N LEU B 90 28.90 -8.63 -0.53
CA LEU B 90 28.47 -9.17 0.77
C LEU B 90 29.32 -10.34 1.30
N GLN B 91 29.62 -11.37 0.49
CA GLN B 91 30.41 -12.51 1.04
C GLN B 91 31.80 -12.05 1.48
N ILE B 92 32.33 -11.18 0.64
CA ILE B 92 33.62 -10.58 0.85
C ILE B 92 33.66 -9.89 2.18
N LYS B 93 32.74 -8.96 2.44
CA LYS B 93 32.63 -8.33 3.75
C LYS B 93 32.48 -9.30 4.88
N LEU B 94 31.67 -10.36 4.67
CA LEU B 94 31.33 -11.25 5.82
C LEU B 94 32.27 -12.41 5.99
N HIS B 95 32.95 -12.78 4.93
CA HIS B 95 33.72 -14.07 5.04
C HIS B 95 35.11 -13.93 4.48
N ASN B 96 35.39 -12.88 3.73
CA ASN B 96 36.75 -12.62 3.28
C ASN B 96 37.35 -13.92 2.69
N PRO B 97 36.64 -14.57 1.75
CA PRO B 97 37.12 -15.93 1.53
C PRO B 97 38.48 -15.93 0.83
N PRO B 98 39.43 -16.83 1.27
CA PRO B 98 40.86 -16.87 0.79
C PRO B 98 41.03 -16.82 -0.70
N THR B 99 39.90 -17.02 -1.35
CA THR B 99 39.80 -17.70 -2.60
C THR B 99 39.40 -16.68 -3.69
N ILE B 100 39.16 -15.43 -3.31
CA ILE B 100 38.49 -14.47 -4.21
C ILE B 100 39.28 -14.15 -5.46
N HIS B 101 40.61 -14.12 -5.31
CA HIS B 101 41.49 -13.75 -6.42
C HIS B 101 42.37 -14.92 -6.88
N TYR B 102 42.11 -16.13 -6.38
CA TYR B 102 42.73 -17.35 -6.92
C TYR B 102 42.33 -17.41 -8.40
N PRO B 103 43.13 -18.10 -9.24
CA PRO B 103 42.76 -18.30 -10.62
C PRO B 103 41.48 -19.11 -10.71
N PRO B 104 40.65 -18.80 -11.70
CA PRO B 104 39.41 -19.57 -11.93
C PRO B 104 39.64 -21.07 -11.79
N SER B 105 40.68 -21.59 -12.45
CA SER B 105 40.91 -23.02 -12.51
C SER B 105 41.19 -23.60 -11.14
N GLN B 106 41.78 -22.79 -10.26
CA GLN B 106 41.67 -23.00 -8.82
C GLN B 106 40.37 -22.42 -8.28
N GLY B 107 40.44 -21.88 -7.06
CA GLY B 107 39.41 -22.12 -6.06
C GLY B 107 38.44 -20.99 -6.35
N GLN B 108 38.78 -20.16 -7.33
CA GLN B 108 38.35 -18.76 -7.32
C GLN B 108 36.87 -18.63 -6.97
N MET B 109 36.59 -18.04 -5.82
CA MET B 109 35.19 -17.84 -5.37
C MET B 109 34.32 -17.54 -6.55
N ASP B 110 33.16 -18.23 -6.67
CA ASP B 110 32.16 -17.76 -7.60
C ASP B 110 30.77 -17.85 -6.97
N LEU B 111 29.75 -17.27 -7.60
CA LEU B 111 28.45 -17.13 -6.92
C LEU B 111 27.24 -17.27 -7.89
N CYS B 112 26.20 -18.00 -7.49
CA CYS B 112 25.06 -18.18 -8.34
C CYS B 112 23.78 -17.90 -7.50
N VAL B 113 22.92 -16.99 -7.98
CA VAL B 113 21.59 -16.75 -7.43
C VAL B 113 20.81 -18.00 -7.97
N THR B 114 20.05 -18.64 -7.04
CA THR B 114 19.30 -19.81 -7.28
C THR B 114 17.90 -19.55 -6.72
N SER B 115 17.01 -20.49 -7.00
CA SER B 115 15.59 -20.31 -6.77
C SER B 115 15.38 -21.04 -5.51
N GLY B 116 15.51 -20.33 -4.38
CA GLY B 116 15.75 -20.88 -3.06
C GLY B 116 17.17 -21.36 -2.84
N SER B 117 17.67 -21.50 -1.63
CA SER B 117 19.05 -22.12 -1.49
C SER B 117 18.96 -23.61 -1.76
N GLN B 118 17.84 -24.22 -1.41
CA GLN B 118 17.70 -25.66 -1.62
C GLN B 118 17.84 -26.16 -3.08
N GLN B 119 17.49 -25.36 -4.05
CA GLN B 119 17.73 -25.69 -5.48
C GLN B 119 19.22 -25.85 -5.74
N GLY B 120 20.07 -24.90 -5.26
CA GLY B 120 21.52 -25.02 -5.49
C GLY B 120 22.11 -26.21 -4.70
N LEU B 121 21.52 -26.54 -3.56
CA LEU B 121 22.02 -27.66 -2.81
C LEU B 121 21.66 -28.94 -3.60
N CYS B 122 20.43 -28.96 -4.14
CA CYS B 122 20.03 -30.17 -4.89
C CYS B 122 21.00 -30.43 -6.03
N LYS B 123 21.39 -29.37 -6.73
CA LYS B 123 22.28 -29.51 -7.82
C LYS B 123 23.78 -29.89 -7.45
N VAL B 124 24.15 -29.69 -6.20
CA VAL B 124 25.55 -29.88 -5.83
C VAL B 124 25.60 -31.35 -5.61
N PHE B 125 24.56 -31.85 -4.98
CA PHE B 125 24.40 -33.26 -4.69
C PHE B 125 24.44 -34.02 -6.02
N GLU B 126 23.62 -33.59 -6.97
CA GLU B 126 23.49 -34.31 -8.26
C GLU B 126 24.78 -34.28 -9.07
N MET B 127 25.44 -33.13 -9.03
CA MET B 127 26.77 -32.94 -9.57
C MET B 127 27.76 -34.02 -9.05
N ILE B 128 27.73 -34.30 -7.73
CA ILE B 128 28.74 -35.05 -7.07
C ILE B 128 28.48 -36.56 -7.05
N ILE B 129 27.19 -36.99 -6.92
CA ILE B 129 26.91 -38.33 -6.47
C ILE B 129 26.60 -39.42 -7.46
N ASN B 130 27.58 -40.32 -7.55
CA ASN B 130 27.46 -41.68 -8.09
C ASN B 130 26.90 -42.67 -7.08
N PRO B 131 26.07 -43.66 -7.56
CA PRO B 131 25.50 -44.58 -6.61
C PRO B 131 26.60 -45.36 -5.95
N GLY B 132 26.54 -45.52 -4.62
CA GLY B 132 27.62 -46.23 -3.88
C GLY B 132 28.73 -45.33 -3.29
N ASP B 133 28.74 -44.05 -3.60
CA ASP B 133 29.64 -43.06 -2.96
C ASP B 133 29.52 -42.92 -1.42
N ASN B 134 30.62 -42.62 -0.71
CA ASN B 134 30.42 -42.35 0.73
C ASN B 134 30.27 -40.82 1.01
N VAL B 135 29.34 -40.41 1.90
CA VAL B 135 29.14 -38.96 2.29
C VAL B 135 28.94 -38.87 3.81
N LEU B 136 29.51 -37.82 4.42
CA LEU B 136 29.42 -37.64 5.84
C LEU B 136 28.41 -36.53 6.20
N LEU B 137 27.53 -36.81 7.15
CA LEU B 137 26.74 -35.80 7.82
C LEU B 137 26.49 -36.24 9.22
N ASP B 138 25.88 -35.33 9.98
CA ASP B 138 25.52 -35.56 11.37
C ASP B 138 23.99 -35.68 11.52
N GLU B 139 23.53 -36.85 12.00
CA GLU B 139 22.13 -37.03 12.31
C GLU B 139 21.98 -36.65 13.79
N PRO B 140 20.92 -35.90 14.19
CA PRO B 140 19.74 -35.59 13.37
C PRO B 140 20.05 -34.54 12.28
N ALA B 141 19.35 -34.68 11.17
CA ALA B 141 19.63 -33.89 10.00
C ALA B 141 18.29 -33.53 9.35
N TYR B 142 18.18 -32.30 8.87
CA TYR B 142 17.03 -31.89 8.05
C TYR B 142 16.42 -33.06 7.18
N SER B 143 15.14 -33.39 7.32
CA SER B 143 14.59 -34.53 6.54
C SER B 143 14.54 -34.25 5.02
N GLY B 144 14.46 -32.98 4.62
CA GLY B 144 14.55 -32.60 3.20
C GLY B 144 15.83 -33.05 2.52
N THR B 145 16.97 -32.96 3.18
CA THR B 145 18.25 -33.38 2.60
C THR B 145 18.44 -34.93 2.68
N LEU B 146 18.00 -35.54 3.77
CA LEU B 146 17.81 -37.01 3.83
C LEU B 146 17.02 -37.54 2.60
N GLN B 147 15.97 -36.84 2.25
CA GLN B 147 15.07 -37.30 1.16
C GLN B 147 15.60 -36.93 -0.23
N SER B 148 16.42 -35.86 -0.26
CA SER B 148 17.18 -35.55 -1.47
C SER B 148 18.30 -36.60 -1.74
N LEU B 149 18.94 -37.03 -0.66
CA LEU B 149 20.15 -37.84 -0.75
C LEU B 149 19.80 -39.26 -1.15
N HIS B 150 18.73 -39.77 -0.53
CA HIS B 150 18.33 -41.15 -0.59
C HIS B 150 18.14 -41.73 -2.01
N PRO B 151 17.37 -41.04 -2.91
CA PRO B 151 17.34 -41.58 -4.30
C PRO B 151 18.68 -41.54 -5.02
N LEU B 152 19.63 -40.79 -4.45
CA LEU B 152 21.00 -40.74 -5.00
C LEU B 152 21.92 -41.99 -4.76
N GLY B 153 21.52 -42.92 -3.92
CA GLY B 153 22.35 -44.09 -3.59
C GLY B 153 23.71 -43.77 -2.95
N CYS B 154 23.82 -42.66 -2.23
CA CYS B 154 25.09 -42.54 -1.50
C CYS B 154 25.01 -43.45 -0.23
N ASN B 155 26.15 -43.89 0.28
CA ASN B 155 26.05 -44.48 1.64
C ASN B 155 26.30 -43.31 2.56
N ILE B 156 25.34 -43.04 3.43
CA ILE B 156 25.44 -41.93 4.31
C ILE B 156 26.13 -42.34 5.63
N ILE B 157 27.28 -41.76 5.96
CA ILE B 157 27.94 -42.16 7.20
C ILE B 157 27.70 -41.12 8.30
N ASN B 158 26.91 -41.53 9.32
CA ASN B 158 26.68 -40.71 10.49
C ASN B 158 27.87 -40.44 11.36
N VAL B 159 28.16 -39.16 11.50
CA VAL B 159 29.15 -38.64 12.41
C VAL B 159 28.42 -38.14 13.71
N ALA B 160 29.04 -38.43 14.85
CA ALA B 160 28.49 -38.01 16.15
C ALA B 160 28.44 -36.48 16.27
N SER B 161 27.39 -36.00 16.90
CA SER B 161 27.22 -34.55 17.19
C SER B 161 26.87 -34.36 18.69
N ASP B 162 26.96 -33.14 19.20
CA ASP B 162 26.44 -32.82 20.54
C ASP B 162 26.03 -31.35 20.59
N GLU B 163 25.82 -30.76 21.76
CA GLU B 163 25.38 -29.34 21.89
C GLU B 163 26.19 -28.40 20.99
N SER B 164 27.41 -28.82 20.62
CA SER B 164 28.24 -27.97 19.77
C SER B 164 28.45 -28.45 18.33
N GLY B 165 27.62 -29.32 17.78
CA GLY B 165 27.71 -29.58 16.34
C GLY B 165 28.46 -30.88 16.16
N ILE B 166 28.99 -31.16 14.98
CA ILE B 166 29.79 -32.35 14.83
C ILE B 166 30.97 -32.47 15.86
N VAL B 167 31.10 -33.68 16.44
CA VAL B 167 32.27 -33.97 17.27
C VAL B 167 33.43 -34.44 16.36
N PRO B 168 34.47 -33.57 16.24
CA PRO B 168 35.61 -33.80 15.40
C PRO B 168 36.37 -35.11 15.66
N ASP B 169 36.46 -35.54 16.92
CA ASP B 169 37.04 -36.87 17.19
C ASP B 169 36.21 -38.01 16.63
N SER B 170 34.88 -37.92 16.66
CA SER B 170 34.08 -38.94 15.94
C SER B 170 34.44 -38.92 14.45
N LEU B 171 34.64 -37.73 13.91
CA LEU B 171 34.99 -37.48 12.50
C LEU B 171 36.37 -38.07 12.23
N ARG B 172 37.31 -37.77 13.14
CA ARG B 172 38.63 -38.37 13.05
C ARG B 172 38.51 -39.89 13.05
N ASP B 173 37.72 -40.44 13.95
CA ASP B 173 37.62 -41.90 14.09
C ASP B 173 37.01 -42.67 12.90
N ILE B 174 35.90 -42.20 12.35
CA ILE B 174 35.29 -42.72 11.13
C ILE B 174 36.26 -42.61 9.94
N LEU B 175 37.04 -41.54 9.83
CA LEU B 175 37.87 -41.40 8.63
C LEU B 175 38.99 -42.43 8.59
N SER B 176 39.34 -42.96 9.76
CA SER B 176 40.46 -43.93 9.89
C SER B 176 40.14 -45.24 9.12
N ARG B 177 38.96 -45.29 8.48
CA ARG B 177 38.58 -46.46 7.73
C ARG B 177 39.45 -46.43 6.45
N TRP B 178 39.95 -45.22 6.14
CA TRP B 178 40.71 -44.93 4.92
C TRP B 178 42.06 -44.41 5.35
N LYS B 179 43.01 -44.31 4.45
CA LYS B 179 44.17 -43.43 4.68
C LYS B 179 44.05 -42.34 3.65
N PRO B 180 44.66 -41.16 3.89
CA PRO B 180 44.51 -40.04 2.97
C PRO B 180 44.69 -40.43 1.53
N GLU B 181 45.74 -41.23 1.25
CA GLU B 181 46.27 -41.33 -0.10
C GLU B 181 45.28 -42.10 -0.98
N ASP B 182 44.43 -42.90 -0.38
CA ASP B 182 43.26 -43.44 -1.09
C ASP B 182 42.37 -42.36 -1.72
N ALA B 183 42.47 -41.11 -1.26
CA ALA B 183 41.73 -40.03 -1.95
C ALA B 183 42.06 -40.00 -3.42
N LYS B 184 43.21 -40.58 -3.75
CA LYS B 184 43.71 -40.49 -5.12
C LYS B 184 43.11 -41.60 -6.00
N ASN B 185 42.41 -42.53 -5.35
CA ASN B 185 42.10 -43.89 -5.83
C ASN B 185 40.64 -44.17 -5.79
N PRO B 186 39.91 -43.79 -6.84
CA PRO B 186 38.43 -43.69 -6.77
C PRO B 186 37.66 -44.92 -6.22
N GLN B 187 37.89 -46.14 -6.70
CA GLN B 187 37.37 -47.32 -5.99
C GLN B 187 38.10 -47.40 -4.66
N LYS B 188 37.62 -48.14 -3.68
CA LYS B 188 38.10 -47.84 -2.35
C LYS B 188 37.41 -46.56 -1.76
N ASN B 189 36.84 -45.67 -2.59
CA ASN B 189 35.67 -44.84 -2.13
C ASN B 189 35.86 -43.94 -0.87
N THR B 190 36.78 -43.03 -0.80
CA THR B 190 36.80 -42.17 0.35
C THR B 190 35.62 -41.11 0.31
N PRO B 191 35.13 -40.65 1.47
CA PRO B 191 33.97 -39.70 1.40
C PRO B 191 34.22 -38.63 0.40
N LYS B 192 33.20 -38.24 -0.33
CA LYS B 192 33.42 -37.19 -1.37
C LYS B 192 33.13 -35.85 -0.71
N PHE B 193 32.28 -35.87 0.31
CA PHE B 193 31.95 -34.66 1.06
C PHE B 193 31.47 -34.85 2.49
N LEU B 194 31.68 -33.81 3.29
CA LEU B 194 30.95 -33.70 4.54
C LEU B 194 29.90 -32.58 4.47
N TYR B 195 28.65 -32.91 4.78
CA TYR B 195 27.61 -31.89 4.81
C TYR B 195 27.18 -31.57 6.23
N THR B 196 26.99 -30.29 6.54
CA THR B 196 26.38 -30.02 7.85
C THR B 196 25.71 -28.76 7.68
N VAL B 197 24.80 -28.47 8.61
CA VAL B 197 24.20 -27.15 8.86
C VAL B 197 24.89 -26.47 10.08
N PRO B 198 25.83 -25.52 9.87
CA PRO B 198 26.65 -25.15 11.08
C PRO B 198 26.04 -24.18 12.10
N ASN B 199 24.99 -23.42 11.75
CA ASN B 199 24.22 -22.66 12.68
C ASN B 199 22.80 -23.11 12.82
N GLY B 200 22.40 -23.40 14.05
CA GLY B 200 20.97 -23.64 14.31
C GLY B 200 20.43 -24.77 13.48
N ASN B 201 21.03 -25.96 13.57
CA ASN B 201 20.59 -27.15 12.82
C ASN B 201 19.05 -27.41 12.90
N ASN B 202 18.46 -27.66 11.72
CA ASN B 202 17.16 -28.31 11.66
C ASN B 202 17.27 -29.83 11.81
N PRO B 203 17.28 -30.29 13.06
CA PRO B 203 16.20 -30.00 14.01
C PRO B 203 16.73 -29.33 15.27
N THR B 204 17.97 -29.65 15.65
CA THR B 204 18.37 -29.64 17.05
C THR B 204 18.49 -28.21 17.58
N GLY B 205 18.95 -27.30 16.71
CA GLY B 205 19.13 -25.93 17.08
C GLY B 205 20.56 -25.68 17.59
N ASN B 206 21.47 -26.67 17.53
CA ASN B 206 22.90 -26.48 17.90
C ASN B 206 23.74 -25.90 16.78
N SER B 207 24.92 -25.43 17.19
CA SER B 207 25.77 -24.68 16.32
C SER B 207 27.20 -25.01 16.49
N LEU B 208 27.86 -25.30 15.38
CA LEU B 208 29.27 -25.64 15.44
C LEU B 208 30.05 -24.47 16.09
N THR B 209 31.14 -24.77 16.80
CA THR B 209 32.00 -23.76 17.39
C THR B 209 33.07 -23.51 16.40
N SER B 210 33.75 -22.40 16.58
CA SER B 210 34.77 -21.96 15.71
C SER B 210 35.97 -22.93 15.64
N GLU B 211 36.28 -23.50 16.80
CA GLU B 211 37.47 -24.24 16.97
C GLU B 211 37.11 -25.59 16.38
N ARG B 212 35.87 -26.08 16.58
CA ARG B 212 35.47 -27.26 15.81
C ARG B 212 35.48 -27.03 14.33
N LYS B 213 35.12 -25.84 13.89
CA LYS B 213 35.16 -25.63 12.46
C LYS B 213 36.59 -25.82 11.98
N LYS B 214 37.54 -25.26 12.74
CA LYS B 214 38.96 -25.31 12.38
C LYS B 214 39.49 -26.77 12.28
N GLU B 215 39.19 -27.61 13.28
CA GLU B 215 39.62 -29.05 13.22
C GLU B 215 38.94 -29.86 12.10
N ILE B 216 37.72 -29.46 11.75
CA ILE B 216 36.90 -30.14 10.76
C ILE B 216 37.50 -29.81 9.44
N TYR B 217 38.04 -28.61 9.35
CA TYR B 217 38.62 -28.22 8.08
C TYR B 217 39.89 -28.99 7.77
N GLU B 218 40.67 -29.32 8.83
CA GLU B 218 41.92 -30.02 8.63
C GLU B 218 41.69 -31.51 8.29
N LEU B 219 40.73 -32.13 8.94
CA LEU B 219 40.26 -33.45 8.52
C LEU B 219 39.93 -33.51 7.01
N ALA B 220 39.31 -32.43 6.53
CA ALA B 220 38.82 -32.34 5.12
C ALA B 220 39.99 -32.27 4.19
N ARG B 221 41.01 -31.54 4.61
CA ARG B 221 42.24 -31.50 3.85
C ARG B 221 42.93 -32.87 3.84
N LYS B 222 43.24 -33.39 5.03
CA LYS B 222 43.95 -34.63 5.18
C LYS B 222 43.37 -35.73 4.25
N TYR B 223 42.04 -35.96 4.30
CA TYR B 223 41.37 -36.99 3.50
C TYR B 223 40.67 -36.35 2.24
N ASP B 224 40.96 -35.08 2.04
CA ASP B 224 40.55 -34.33 0.83
C ASP B 224 39.02 -34.52 0.29
N PHE B 225 38.07 -34.29 1.15
CA PHE B 225 36.67 -34.16 0.73
C PHE B 225 36.20 -32.66 0.68
N LEU B 226 35.10 -32.40 -0.05
CA LEU B 226 34.44 -31.11 -0.01
C LEU B 226 33.77 -30.93 1.32
N ILE B 227 33.63 -29.69 1.80
CA ILE B 227 32.74 -29.49 2.91
C ILE B 227 31.53 -28.82 2.35
N ILE B 228 30.37 -29.43 2.50
CA ILE B 228 29.19 -28.61 2.19
C ILE B 228 28.46 -27.85 3.29
N GLU B 229 28.66 -26.54 3.24
CA GLU B 229 28.14 -25.67 4.31
C GLU B 229 26.79 -25.09 3.96
N ASP B 230 25.75 -25.80 4.39
CA ASP B 230 24.32 -25.41 4.28
C ASP B 230 23.97 -24.43 5.44
N ASP B 231 23.86 -23.12 5.13
CA ASP B 231 23.90 -22.06 6.21
C ASP B 231 22.73 -21.00 6.26
N PRO B 232 21.48 -21.52 6.19
CA PRO B 232 20.25 -20.74 6.02
C PRO B 232 19.86 -19.96 7.27
N TYR B 233 20.52 -20.31 8.39
CA TYR B 233 20.27 -19.61 9.66
C TYR B 233 21.52 -18.81 9.97
N TYR B 234 22.35 -18.60 8.98
CA TYR B 234 23.62 -17.92 9.25
C TYR B 234 23.24 -16.58 9.81
N PHE B 235 22.14 -16.04 9.29
CA PHE B 235 21.76 -14.72 9.63
C PHE B 235 20.88 -14.70 10.87
N LEU B 236 20.63 -15.85 11.47
CA LEU B 236 19.80 -15.88 12.63
C LEU B 236 20.54 -16.36 13.91
N GLN B 237 21.77 -15.96 14.08
CA GLN B 237 22.53 -16.34 15.30
C GLN B 237 22.11 -15.49 16.48
N PHE B 238 21.82 -16.06 17.61
CA PHE B 238 21.43 -15.21 18.77
C PHE B 238 22.63 -14.52 19.45
N ASN B 239 23.81 -15.14 19.30
CA ASN B 239 25.10 -14.60 19.68
C ASN B 239 25.51 -13.63 18.58
N LYS B 240 25.56 -12.35 18.92
CA LYS B 240 25.72 -11.30 17.95
C LYS B 240 27.17 -11.15 17.40
N PHE B 241 28.13 -11.78 18.09
CA PHE B 241 29.39 -12.09 17.48
C PHE B 241 29.25 -13.44 16.69
N ARG B 242 29.28 -13.36 15.36
CA ARG B 242 28.90 -14.47 14.46
C ARG B 242 30.04 -15.44 14.31
N VAL B 243 29.80 -16.72 14.52
CA VAL B 243 30.91 -17.69 14.35
C VAL B 243 31.29 -17.59 12.89
N PRO B 244 32.60 -17.40 12.62
CA PRO B 244 33.33 -17.49 11.38
C PRO B 244 32.88 -18.69 10.59
N THR B 245 32.79 -18.58 9.24
CA THR B 245 32.24 -19.65 8.40
C THR B 245 33.30 -20.64 7.87
N PHE B 246 32.95 -21.89 7.50
CA PHE B 246 33.91 -22.67 6.65
C PHE B 246 34.44 -21.90 5.44
N LEU B 247 33.54 -21.18 4.73
CA LEU B 247 34.00 -20.40 3.59
C LEU B 247 35.18 -19.51 4.05
N SER B 248 35.09 -18.95 5.26
CA SER B 248 36.02 -17.91 5.71
C SER B 248 37.43 -18.47 5.99
N MET B 249 37.56 -19.79 6.23
CA MET B 249 38.83 -20.52 6.31
C MET B 249 39.20 -21.39 5.09
N ASP B 250 38.49 -21.17 3.98
CA ASP B 250 38.65 -21.98 2.77
C ASP B 250 39.86 -21.65 1.86
N VAL B 251 41.04 -21.91 2.40
CA VAL B 251 42.34 -21.71 1.74
C VAL B 251 42.52 -22.62 0.51
N ASP B 252 41.86 -23.80 0.55
CA ASP B 252 42.05 -24.85 -0.46
C ASP B 252 41.15 -24.80 -1.66
N GLY B 253 40.07 -24.00 -1.58
CA GLY B 253 38.90 -24.07 -2.48
C GLY B 253 38.05 -25.34 -2.35
N ARG B 254 37.85 -25.86 -1.12
CA ARG B 254 37.10 -27.12 -0.95
C ARG B 254 35.69 -26.98 -0.36
N VAL B 255 35.23 -25.75 -0.13
CA VAL B 255 33.95 -25.51 0.59
C VAL B 255 32.88 -25.09 -0.39
N ILE B 256 31.66 -25.64 -0.31
CA ILE B 256 30.53 -25.09 -1.11
C ILE B 256 29.48 -24.53 -0.14
N ARG B 257 29.11 -23.22 -0.21
CA ARG B 257 28.25 -22.53 0.76
C ARG B 257 26.83 -22.20 0.28
N ALA B 258 25.77 -22.70 0.93
CA ALA B 258 24.45 -22.13 0.58
C ALA B 258 23.96 -21.18 1.64
N ASP B 259 23.49 -20.01 1.16
CA ASP B 259 22.85 -18.94 1.93
C ASP B 259 21.43 -18.78 1.57
N SER B 260 20.63 -18.48 2.58
CA SER B 260 19.26 -18.39 2.29
C SER B 260 18.72 -17.04 2.74
N PHE B 261 17.91 -16.44 1.86
CA PHE B 261 17.06 -15.28 2.25
C PHE B 261 15.75 -15.73 2.83
N SER B 262 15.59 -17.01 3.14
CA SER B 262 14.19 -17.47 3.35
C SER B 262 13.53 -17.02 4.65
N1 LLP B 263 17.58 -25.83 4.71
C2 LLP B 263 17.13 -25.98 5.98
C2' LLP B 263 17.60 -27.12 6.84
C3 LLP B 263 16.23 -25.09 6.50
O3 LLP B 263 15.88 -25.39 7.69
C4 LLP B 263 15.80 -23.95 5.75
C4' LLP B 263 14.77 -22.92 6.30
C5 LLP B 263 16.30 -23.80 4.48
C6 LLP B 263 17.17 -24.75 3.94
C5' LLP B 263 15.90 -22.74 3.51
OP4 LLP B 263 15.65 -23.30 2.17
P LLP B 263 15.22 -22.34 0.98
OP1 LLP B 263 13.92 -21.71 1.21
OP2 LLP B 263 16.33 -21.33 1.09
OP3 LLP B 263 15.10 -23.10 -0.28
N LLP B 263 14.40 -16.70 5.64
CA LLP B 263 13.93 -16.34 6.96
CB LLP B 263 14.48 -17.24 8.11
CG LLP B 263 15.25 -18.54 7.75
CD LLP B 263 14.45 -19.79 7.88
CE LLP B 263 14.04 -20.52 6.56
NZ LLP B 263 15.05 -21.61 6.03
C LLP B 263 14.16 -14.87 7.24
O LLP B 263 13.70 -14.43 8.27
N ILE B 264 14.87 -14.09 6.39
CA ILE B 264 15.12 -12.65 6.71
C ILE B 264 14.39 -11.75 5.70
N ILE B 265 14.36 -12.21 4.44
CA ILE B 265 13.79 -11.40 3.40
C ILE B 265 12.52 -12.03 2.79
N SER B 266 12.59 -13.29 2.38
CA SER B 266 11.39 -14.00 1.87
C SER B 266 11.54 -15.46 1.46
N SER B 267 10.68 -16.32 2.00
CA SER B 267 10.60 -17.74 1.64
C SER B 267 9.85 -18.04 0.28
N GLY B 268 8.69 -17.42 0.17
CA GLY B 268 7.86 -17.46 -1.07
C GLY B 268 8.43 -16.87 -2.34
N LEU B 269 9.42 -15.98 -2.23
CA LEU B 269 10.07 -15.42 -3.41
C LEU B 269 11.02 -16.38 -4.14
N ARG B 270 11.51 -17.43 -3.51
CA ARG B 270 12.42 -18.41 -4.16
C ARG B 270 13.70 -17.75 -4.65
N ILE B 271 14.42 -17.05 -3.74
CA ILE B 271 15.73 -16.40 -4.08
C ILE B 271 16.64 -16.59 -2.88
N GLY B 272 17.80 -17.22 -3.18
CA GLY B 272 18.84 -17.78 -2.27
C GLY B 272 20.06 -17.72 -3.16
N PHE B 273 21.22 -18.15 -2.64
CA PHE B 273 22.48 -18.07 -3.35
C PHE B 273 23.50 -19.18 -3.02
N LEU B 274 24.38 -19.45 -3.94
CA LEU B 274 25.31 -20.58 -3.76
C LEU B 274 26.69 -20.06 -4.09
N THR B 275 27.57 -20.16 -3.10
CA THR B 275 28.94 -19.64 -3.22
C THR B 275 29.97 -20.82 -3.23
N GLY B 276 31.00 -20.76 -4.06
CA GLY B 276 31.98 -21.82 -4.12
C GLY B 276 32.92 -21.73 -5.31
N PRO B 277 33.78 -22.77 -5.46
CA PRO B 277 34.80 -22.73 -6.49
C PRO B 277 34.19 -22.69 -7.88
N LYS B 278 34.62 -21.70 -8.67
CA LYS B 278 34.06 -21.42 -9.97
C LYS B 278 33.81 -22.61 -10.89
N PRO B 279 34.72 -23.62 -10.92
CA PRO B 279 34.48 -24.75 -11.81
C PRO B 279 33.30 -25.60 -11.39
N LEU B 280 33.05 -25.62 -10.10
CA LEU B 280 32.03 -26.44 -9.56
C LEU B 280 30.67 -25.69 -9.58
N ILE B 281 30.66 -24.41 -9.23
CA ILE B 281 29.51 -23.57 -9.50
C ILE B 281 29.16 -23.56 -11.00
N GLU B 282 30.16 -23.54 -11.85
CA GLU B 282 29.91 -23.65 -13.31
C GLU B 282 28.94 -24.81 -13.63
N ARG B 283 29.04 -25.92 -12.89
CA ARG B 283 28.31 -27.12 -13.33
C ARG B 283 26.85 -26.97 -12.94
N VAL B 284 26.66 -26.32 -11.79
CA VAL B 284 25.28 -26.06 -11.28
C VAL B 284 24.52 -25.02 -12.06
N ILE B 285 25.24 -23.98 -12.52
CA ILE B 285 24.73 -23.02 -13.49
C ILE B 285 24.26 -23.65 -14.87
N LEU B 286 25.06 -24.59 -15.41
CA LEU B 286 24.74 -25.31 -16.64
C LEU B 286 23.54 -26.20 -16.48
N HIS B 287 23.33 -26.71 -15.27
CA HIS B 287 22.20 -27.62 -14.95
C HIS B 287 21.03 -26.69 -14.73
N ILE B 288 21.22 -25.54 -14.02
CA ILE B 288 20.08 -24.59 -14.09
C ILE B 288 19.67 -24.16 -15.54
N GLN B 289 20.61 -24.05 -16.53
CA GLN B 289 20.27 -23.56 -17.92
C GLN B 289 19.37 -24.46 -18.73
N VAL B 290 19.08 -25.65 -18.24
CA VAL B 290 18.19 -26.60 -18.91
C VAL B 290 16.98 -26.89 -18.03
N SER B 291 16.98 -26.19 -16.89
CA SER B 291 16.07 -26.33 -15.76
C SER B 291 15.13 -25.17 -15.57
N THR B 292 15.31 -24.51 -14.43
CA THR B 292 14.56 -23.27 -14.10
C THR B 292 14.97 -22.13 -15.05
N LEU B 293 16.23 -22.23 -15.54
CA LEU B 293 16.95 -21.24 -16.41
C LEU B 293 17.47 -20.06 -15.61
N HIS B 294 16.65 -19.44 -14.77
CA HIS B 294 17.12 -18.36 -13.97
C HIS B 294 16.04 -18.14 -12.91
N PRO B 295 16.39 -17.44 -11.83
CA PRO B 295 15.44 -17.05 -10.79
C PRO B 295 14.58 -15.89 -11.31
N SER B 296 13.29 -15.94 -10.96
CA SER B 296 12.31 -14.83 -11.39
C SER B 296 13.09 -13.51 -11.46
N THR B 297 13.22 -12.88 -12.63
CA THR B 297 13.89 -11.56 -12.74
C THR B 297 13.22 -10.47 -11.83
N PHE B 298 11.90 -10.55 -11.77
CA PHE B 298 10.97 -9.67 -11.01
C PHE B 298 11.32 -9.72 -9.50
N ASN B 299 11.31 -10.93 -8.93
CA ASN B 299 11.62 -11.07 -7.53
C ASN B 299 13.11 -10.63 -7.18
N GLN B 300 14.10 -11.02 -8.02
CA GLN B 300 15.52 -10.55 -7.92
C GLN B 300 15.62 -9.00 -7.85
N LEU B 301 14.86 -8.32 -8.68
CA LEU B 301 14.77 -6.83 -8.79
C LEU B 301 14.24 -6.21 -7.56
N MET B 302 13.23 -6.83 -6.96
CA MET B 302 12.59 -6.32 -5.74
C MET B 302 13.61 -6.38 -4.61
N ILE B 303 14.36 -7.49 -4.51
CA ILE B 303 15.35 -7.67 -3.40
C ILE B 303 16.55 -6.79 -3.66
N SER B 304 17.01 -6.77 -4.91
CA SER B 304 18.10 -5.97 -5.22
C SER B 304 17.78 -4.46 -5.06
N GLN B 305 16.62 -3.97 -5.45
CA GLN B 305 16.29 -2.53 -5.20
C GLN B 305 16.33 -2.23 -3.73
N LEU B 306 15.62 -3.02 -2.93
CA LEU B 306 15.61 -2.95 -1.48
C LEU B 306 16.99 -2.84 -0.85
N LEU B 307 17.82 -3.81 -1.24
CA LEU B 307 19.15 -4.13 -0.70
C LEU B 307 20.16 -3.02 -0.96
N HIS B 308 19.95 -2.37 -2.09
CA HIS B 308 20.70 -1.27 -2.58
C HIS B 308 20.37 0.07 -1.91
N GLU B 309 19.12 0.26 -1.44
CA GLU B 309 18.78 1.42 -0.62
C GLU B 309 19.22 1.19 0.83
N TRP B 310 19.28 -0.05 1.25
CA TRP B 310 19.66 -0.38 2.59
C TRP B 310 21.18 -0.20 2.77
N GLY B 311 21.97 -0.58 1.76
CA GLY B 311 23.42 -0.64 1.90
C GLY B 311 23.63 -1.88 2.74
N GLU B 312 24.88 -2.19 3.03
CA GLU B 312 25.13 -3.36 3.82
C GLU B 312 24.72 -3.10 5.34
N GLU B 313 24.74 -1.83 5.76
CA GLU B 313 24.31 -1.35 7.11
C GLU B 313 22.84 -1.51 7.40
N GLY B 314 22.00 -1.16 6.44
CA GLY B 314 20.56 -1.27 6.60
C GLY B 314 20.12 -2.73 6.48
N PHE B 315 20.94 -3.57 5.79
CA PHE B 315 20.75 -4.99 5.73
C PHE B 315 21.04 -5.63 7.09
N MET B 316 22.25 -5.46 7.59
CA MET B 316 22.68 -5.98 8.90
C MET B 316 21.81 -5.41 10.01
N ALA B 317 21.31 -4.19 9.83
CA ALA B 317 20.38 -3.64 10.80
C ALA B 317 19.07 -4.38 10.74
N HIS B 318 18.63 -4.74 9.57
CA HIS B 318 17.43 -5.55 9.43
C HIS B 318 17.65 -6.96 10.03
N VAL B 319 18.74 -7.65 9.68
CA VAL B 319 19.00 -8.96 10.29
C VAL B 319 18.98 -8.88 11.77
N ASP B 320 19.73 -7.94 12.33
CA ASP B 320 19.68 -7.60 13.77
C ASP B 320 18.22 -7.47 14.32
N ARG B 321 17.27 -6.82 13.62
CA ARG B 321 15.89 -6.69 14.20
C ARG B 321 15.15 -8.07 14.23
N VAL B 322 15.34 -8.87 13.18
CA VAL B 322 14.75 -10.23 13.12
C VAL B 322 15.42 -11.14 14.16
N ILE B 323 16.72 -10.98 14.38
CA ILE B 323 17.42 -11.75 15.42
C ILE B 323 16.70 -11.44 16.75
N ASP B 324 16.49 -10.14 17.03
CA ASP B 324 15.92 -9.73 18.29
C ASP B 324 14.53 -10.31 18.32
N PHE B 325 13.79 -10.24 17.24
CA PHE B 325 12.48 -10.95 17.28
C PHE B 325 12.51 -12.48 17.55
N TYR B 326 13.41 -13.24 16.86
CA TYR B 326 13.50 -14.70 17.11
C TYR B 326 14.12 -14.98 18.43
N SER B 327 14.95 -14.07 18.88
CA SER B 327 15.46 -14.22 20.25
C SER B 327 14.47 -14.12 21.39
N ASN B 328 13.58 -13.12 21.44
CA ASN B 328 12.52 -13.10 22.43
C ASN B 328 11.52 -14.23 22.31
N GLN B 329 11.29 -14.77 21.12
CA GLN B 329 10.58 -16.07 20.92
C GLN B 329 11.34 -17.30 21.52
N LYS B 330 12.66 -17.32 21.46
CA LYS B 330 13.51 -18.34 22.15
C LYS B 330 13.41 -18.32 23.71
N ASP B 331 13.84 -17.23 24.33
CA ASP B 331 13.26 -16.81 25.61
C ASP B 331 11.91 -17.40 26.02
N ALA B 332 10.88 -17.01 25.29
CA ALA B 332 9.55 -17.39 25.69
C ALA B 332 9.32 -18.91 25.62
N ILE B 333 9.84 -19.54 24.59
CA ILE B 333 9.70 -20.99 24.55
C ILE B 333 10.56 -21.64 25.63
N LEU B 334 11.75 -21.07 25.86
CA LEU B 334 12.60 -21.58 26.97
C LEU B 334 11.76 -21.45 28.22
N ALA B 335 11.12 -20.30 28.41
CA ALA B 335 10.30 -20.15 29.60
C ALA B 335 9.11 -21.06 29.74
N ALA B 336 8.45 -21.38 28.63
CA ALA B 336 7.34 -22.41 28.61
C ALA B 336 7.84 -23.86 28.97
N ALA B 337 9.11 -24.17 28.59
CA ALA B 337 9.63 -25.52 28.84
C ALA B 337 10.16 -25.71 30.30
N ASP B 338 10.90 -24.72 30.84
CA ASP B 338 11.18 -24.64 32.28
C ASP B 338 9.96 -24.73 33.17
N LYS B 339 8.89 -24.03 32.79
CA LYS B 339 7.71 -24.01 33.53
C LYS B 339 7.04 -25.42 33.61
N TRP B 340 6.89 -26.08 32.47
CA TRP B 340 6.09 -27.33 32.40
C TRP B 340 6.91 -28.60 32.40
N LEU B 341 8.10 -28.53 31.84
CA LEU B 341 8.69 -29.75 31.35
C LEU B 341 9.91 -30.25 32.17
N THR B 342 10.26 -29.51 33.25
CA THR B 342 11.42 -29.81 33.99
C THR B 342 11.27 -31.15 34.72
N GLY B 343 12.26 -32.03 34.56
CA GLY B 343 12.21 -33.36 35.18
C GLY B 343 11.56 -34.36 34.23
N LEU B 344 10.99 -33.94 33.11
CA LEU B 344 10.67 -35.04 32.14
C LEU B 344 11.05 -34.91 30.72
N ALA B 345 11.83 -33.90 30.42
CA ALA B 345 12.45 -33.71 29.14
C ALA B 345 13.75 -32.94 29.36
N GLU B 346 14.67 -33.16 28.43
CA GLU B 346 15.91 -32.42 28.36
C GLU B 346 15.96 -31.69 26.97
N TRP B 347 16.63 -30.53 26.92
CA TRP B 347 16.80 -29.67 25.75
C TRP B 347 18.04 -28.75 26.01
N HIS B 348 18.81 -28.47 24.96
CA HIS B 348 19.78 -27.40 24.96
C HIS B 348 19.11 -26.08 24.49
N VAL B 349 19.69 -24.95 24.84
CA VAL B 349 19.07 -23.74 24.37
C VAL B 349 19.60 -23.61 22.96
N PRO B 350 18.69 -23.34 22.02
CA PRO B 350 18.98 -23.12 20.60
C PRO B 350 19.95 -21.95 20.47
N ALA B 351 21.04 -22.17 19.72
CA ALA B 351 22.13 -21.20 19.48
C ALA B 351 21.81 -20.26 18.27
N ALA B 352 20.82 -20.70 17.45
CA ALA B 352 20.42 -19.96 16.25
C ALA B 352 19.08 -20.62 15.70
N GLY B 353 18.46 -20.01 14.71
CA GLY B 353 17.32 -20.69 14.14
C GLY B 353 15.99 -20.43 14.81
N MET B 354 15.03 -21.33 14.53
CA MET B 354 13.64 -21.20 15.02
C MET B 354 13.10 -22.46 15.61
N PHE B 355 13.98 -23.40 15.96
CA PHE B 355 13.52 -24.64 16.59
C PHE B 355 14.06 -24.97 17.99
N LEU B 356 13.18 -25.57 18.80
CA LEU B 356 13.61 -26.23 20.01
C LEU B 356 13.55 -27.75 19.85
N TRP B 357 14.64 -28.43 20.21
CA TRP B 357 14.79 -29.90 20.16
C TRP B 357 14.74 -30.49 21.56
N ILE B 358 13.69 -31.24 21.86
CA ILE B 358 13.43 -31.69 23.22
C ILE B 358 13.37 -33.22 23.40
N LYS B 359 14.26 -33.73 24.23
CA LYS B 359 14.27 -35.13 24.58
C LYS B 359 13.31 -35.44 25.75
N VAL B 360 12.20 -36.16 25.48
CA VAL B 360 11.32 -36.59 26.53
C VAL B 360 11.85 -37.80 27.28
N LYS B 361 11.60 -37.83 28.61
CA LYS B 361 12.30 -38.80 29.45
C LYS B 361 11.83 -40.22 29.58
N GLY B 362 10.61 -40.56 29.85
CA GLY B 362 10.58 -42.07 30.09
C GLY B 362 9.85 -42.82 28.99
N ILE B 363 10.12 -42.44 27.74
CA ILE B 363 9.34 -42.83 26.56
C ILE B 363 10.33 -43.18 25.43
N ASN B 364 10.16 -44.37 24.87
CA ASN B 364 11.01 -44.84 23.81
C ASN B 364 10.64 -44.20 22.46
N ASP B 365 9.35 -44.21 22.15
CA ASP B 365 8.89 -43.50 20.94
C ASP B 365 7.79 -42.39 21.16
N VAL B 366 8.05 -41.21 20.64
CA VAL B 366 7.18 -40.07 20.90
C VAL B 366 6.06 -39.91 19.78
N LYS B 367 6.01 -40.87 18.85
CA LYS B 367 5.12 -40.84 17.67
C LYS B 367 3.63 -40.87 18.06
N GLU B 368 3.22 -41.83 18.89
CA GLU B 368 1.80 -42.00 19.29
C GLU B 368 1.32 -40.88 20.19
N LEU B 369 2.27 -40.38 20.99
CA LEU B 369 1.95 -39.43 22.01
C LEU B 369 1.48 -38.17 21.30
N ILE B 370 2.18 -37.82 20.22
CA ILE B 370 1.89 -36.62 19.45
C ILE B 370 0.76 -36.78 18.47
N GLU B 371 0.96 -37.75 17.59
CA GLU B 371 0.16 -37.91 16.38
C GLU B 371 -1.23 -38.43 16.73
N GLU B 372 -1.44 -38.77 18.02
CA GLU B 372 -2.64 -39.41 18.51
C GLU B 372 -3.16 -38.77 19.78
N LYS B 373 -2.32 -38.72 20.82
CA LYS B 373 -2.72 -38.16 22.11
C LYS B 373 -2.74 -36.65 21.97
N ALA B 374 -1.61 -36.05 21.56
CA ALA B 374 -1.55 -34.59 21.60
C ALA B 374 -2.52 -33.93 20.58
N VAL B 375 -2.59 -34.43 19.35
CA VAL B 375 -3.53 -33.95 18.31
C VAL B 375 -4.97 -33.87 18.79
N LYS B 376 -5.42 -34.89 19.48
CA LYS B 376 -6.73 -34.96 20.12
C LYS B 376 -6.94 -33.90 21.24
N MET B 377 -5.85 -33.39 21.84
CA MET B 377 -5.89 -32.30 22.83
C MET B 377 -5.70 -31.00 22.11
N GLY B 378 -5.62 -31.02 20.78
CA GLY B 378 -5.47 -29.80 19.96
C GLY B 378 -4.13 -29.07 20.10
N VAL B 379 -3.06 -29.86 20.20
CA VAL B 379 -1.70 -29.34 20.15
C VAL B 379 -0.85 -30.30 19.27
N LEU B 380 -0.17 -29.72 18.28
CA LEU B 380 0.78 -30.42 17.45
C LEU B 380 2.22 -30.01 17.76
N MET B 381 3.11 -31.01 17.75
CA MET B 381 4.53 -30.80 17.62
C MET B 381 5.06 -31.90 16.74
N LEU B 382 6.32 -31.82 16.37
CA LEU B 382 6.93 -32.71 15.39
C LEU B 382 7.94 -33.79 15.97
N PRO B 383 7.53 -35.08 16.06
CA PRO B 383 8.39 -36.23 16.51
C PRO B 383 9.68 -36.24 15.76
N GLY B 384 10.77 -36.65 16.44
CA GLY B 384 12.13 -36.60 15.82
C GLY B 384 12.28 -37.59 14.67
N ASN B 385 11.38 -38.58 14.50
CA ASN B 385 11.74 -39.78 13.59
C ASN B 385 12.30 -39.49 12.19
N ALA B 386 11.85 -38.38 11.62
CA ALA B 386 12.06 -38.11 10.18
C ALA B 386 13.32 -37.32 10.03
N PHE B 387 13.99 -37.06 11.15
CA PHE B 387 15.28 -36.43 10.99
C PHE B 387 16.46 -37.43 11.02
N TYR B 388 16.18 -38.73 10.82
CA TYR B 388 17.25 -39.77 10.79
C TYR B 388 17.21 -40.64 9.49
N VAL B 389 18.36 -41.14 8.99
CA VAL B 389 18.32 -41.98 7.80
C VAL B 389 17.30 -43.13 7.96
N ASP B 390 17.16 -43.63 9.17
CA ASP B 390 16.25 -44.67 9.54
C ASP B 390 15.06 -44.01 10.31
N SER B 391 14.07 -43.51 9.59
CA SER B 391 12.94 -42.90 10.30
C SER B 391 12.10 -43.95 10.99
N SER B 392 12.38 -45.26 10.79
CA SER B 392 11.57 -46.29 11.42
C SER B 392 12.01 -46.51 12.87
N ALA B 393 13.15 -45.93 13.21
CA ALA B 393 13.68 -46.14 14.54
C ALA B 393 12.91 -45.24 15.49
N PRO B 394 12.57 -45.76 16.67
CA PRO B 394 11.85 -44.95 17.63
C PRO B 394 12.73 -43.71 18.01
N SER B 395 12.06 -42.61 18.36
CA SER B 395 12.73 -41.32 18.65
C SER B 395 12.00 -40.76 19.85
N PRO B 396 12.73 -40.46 20.93
CA PRO B 396 12.25 -39.71 22.13
C PRO B 396 12.10 -38.21 21.94
N TYR B 397 12.29 -37.76 20.70
CA TYR B 397 12.50 -36.38 20.39
C TYR B 397 11.36 -35.77 19.72
N LEU B 398 11.17 -34.48 20.06
CA LEU B 398 10.19 -33.55 19.53
C LEU B 398 10.94 -32.30 19.02
N ARG B 399 10.56 -31.83 17.83
CA ARG B 399 11.01 -30.53 17.37
C ARG B 399 9.82 -29.57 17.56
N ALA B 400 10.07 -28.39 18.13
CA ALA B 400 8.97 -27.39 18.41
C ALA B 400 9.45 -26.05 17.86
N SER B 401 8.71 -25.48 16.91
CA SER B 401 9.14 -24.16 16.42
C SER B 401 8.59 -23.16 17.37
N PHE B 402 9.41 -22.14 17.50
CA PHE B 402 9.04 -20.95 18.14
C PHE B 402 8.97 -19.72 17.18
N SER B 403 8.77 -19.93 15.88
CA SER B 403 8.77 -18.74 14.96
C SER B 403 7.60 -17.85 15.14
N SER B 404 6.46 -18.43 15.52
CA SER B 404 5.10 -17.77 15.47
C SER B 404 4.25 -17.68 16.74
N ALA B 405 4.17 -18.81 17.47
CA ALA B 405 3.28 -18.91 18.62
C ALA B 405 3.52 -17.75 19.61
N SER B 406 2.45 -17.31 20.24
CA SER B 406 2.49 -16.26 21.25
C SER B 406 2.78 -16.96 22.57
N PRO B 407 3.34 -16.25 23.57
CA PRO B 407 3.64 -16.98 24.83
C PRO B 407 2.49 -17.80 25.36
N GLU B 408 1.29 -17.21 25.44
CA GLU B 408 0.13 -17.96 25.86
C GLU B 408 -0.05 -19.27 25.04
N GLN B 409 0.04 -19.22 23.71
CA GLN B 409 0.01 -20.49 22.97
C GLN B 409 1.13 -21.48 23.37
N MET B 410 2.35 -20.99 23.67
CA MET B 410 3.45 -21.87 24.07
C MET B 410 3.13 -22.57 25.40
N ASP B 411 2.49 -21.81 26.28
CA ASP B 411 2.23 -22.22 27.67
C ASP B 411 1.23 -23.33 27.74
N VAL B 412 0.18 -23.23 26.91
CA VAL B 412 -0.87 -24.25 26.78
C VAL B 412 -0.29 -25.44 26.07
N ALA B 413 0.48 -25.21 25.02
CA ALA B 413 1.11 -26.32 24.29
C ALA B 413 2.02 -27.10 25.24
N PHE B 414 2.88 -26.40 26.05
CA PHE B 414 3.70 -27.10 27.07
C PHE B 414 2.94 -27.72 28.23
N GLN B 415 1.91 -27.03 28.69
CA GLN B 415 1.03 -27.60 29.70
C GLN B 415 0.43 -28.93 29.23
N VAL B 416 -0.29 -28.90 28.08
CA VAL B 416 -0.92 -30.10 27.52
C VAL B 416 0.10 -31.22 27.29
N LEU B 417 1.31 -30.87 26.92
CA LEU B 417 2.35 -31.87 26.59
C LEU B 417 2.83 -32.62 27.88
N ALA B 418 3.09 -31.81 28.88
CA ALA B 418 3.52 -32.23 30.18
C ALA B 418 2.60 -33.31 30.70
N GLN B 419 1.33 -32.96 30.81
CA GLN B 419 0.27 -33.82 31.26
C GLN B 419 0.18 -35.16 30.46
N LEU B 420 0.41 -35.09 29.16
CA LEU B 420 0.23 -36.25 28.34
C LEU B 420 1.45 -37.15 28.50
N ILE B 421 2.63 -36.53 28.69
CA ILE B 421 3.90 -37.21 28.99
C ILE B 421 3.74 -38.07 30.25
N LYS B 422 3.14 -37.54 31.29
CA LYS B 422 3.00 -38.34 32.53
C LYS B 422 1.78 -39.29 32.55
N GLU B 423 0.78 -39.08 31.69
CA GLU B 423 -0.29 -40.07 31.52
C GLU B 423 0.21 -41.23 30.65
N SER B 424 1.46 -41.13 30.16
CA SER B 424 2.14 -42.14 29.31
C SER B 424 3.28 -42.90 30.04
N LEU B 425 3.87 -42.33 31.10
CA LEU B 425 4.83 -43.07 31.94
C LEU B 425 4.19 -44.18 32.81
N MET C 1 13.92 19.99 15.45
CA MET C 1 14.61 20.67 14.36
C MET C 1 14.22 20.09 13.01
N ASN C 2 13.69 18.87 13.02
CA ASN C 2 13.19 18.23 11.79
C ASN C 2 11.66 18.20 11.76
N TYR C 3 11.06 19.24 11.16
CA TYR C 3 9.59 19.32 11.04
C TYR C 3 8.92 18.15 10.29
N ALA C 4 9.48 17.64 9.22
CA ALA C 4 9.01 16.36 8.66
C ALA C 4 8.63 15.17 9.56
N ARG C 5 9.25 14.97 10.76
CA ARG C 5 8.70 13.98 11.69
C ARG C 5 7.36 14.31 12.39
N PHE C 6 6.96 15.56 12.50
CA PHE C 6 5.64 15.82 13.10
C PHE C 6 4.51 16.17 12.03
N ILE C 7 4.64 15.51 10.89
CA ILE C 7 3.81 15.88 9.76
C ILE C 7 3.55 14.59 8.98
N THR C 8 2.27 14.31 8.83
CA THR C 8 1.75 13.11 8.23
C THR C 8 2.02 13.05 6.72
N ALA C 9 1.90 11.87 6.10
CA ALA C 9 1.98 11.79 4.64
C ALA C 9 0.76 12.45 3.99
N ALA C 10 -0.43 12.21 4.43
CA ALA C 10 -1.53 13.05 3.84
C ALA C 10 -1.24 14.62 4.02
N SER C 11 -0.78 15.05 5.16
CA SER C 11 -0.53 16.53 5.39
C SER C 11 0.69 17.14 4.65
N ALA C 12 1.80 16.41 4.54
CA ALA C 12 2.85 16.75 3.55
C ALA C 12 2.44 16.79 2.06
N ALA C 13 1.42 16.02 1.65
CA ALA C 13 0.86 16.07 0.29
C ALA C 13 -0.02 17.32 -0.09
N ARG C 14 -0.63 18.00 0.88
CA ARG C 14 -1.26 19.32 0.69
C ARG C 14 -0.39 20.32 -0.11
N ASN C 15 -1.00 20.78 -1.22
CA ASN C 15 -0.50 21.85 -2.06
C ASN C 15 -1.31 23.09 -1.74
N PRO C 16 -0.69 24.28 -1.84
CA PRO C 16 -1.47 25.52 -1.66
C PRO C 16 -2.78 25.58 -2.46
N SER C 17 -3.87 25.85 -1.78
CA SER C 17 -5.16 25.98 -2.49
C SER C 17 -5.91 27.34 -2.25
N PRO C 18 -5.28 28.50 -2.53
CA PRO C 18 -5.86 29.81 -2.09
C PRO C 18 -6.95 30.40 -3.02
N ILE C 19 -7.52 31.54 -2.62
CA ILE C 19 -8.09 32.48 -3.57
C ILE C 19 -7.19 33.70 -3.76
N ARG C 20 -6.34 33.65 -4.79
CA ARG C 20 -4.91 33.87 -4.62
C ARG C 20 -4.52 35.29 -5.05
N THR C 21 -3.37 35.40 -5.71
CA THR C 21 -2.97 36.65 -6.34
C THR C 21 -3.73 36.88 -7.64
N MET C 22 -5.00 36.51 -7.65
CA MET C 22 -6.00 37.22 -8.44
C MET C 22 -5.91 38.62 -7.80
N THR C 23 -5.91 38.61 -6.46
CA THR C 23 -5.82 39.83 -5.64
C THR C 23 -4.42 40.12 -5.04
N ASP C 24 -3.36 39.88 -5.84
CA ASP C 24 -1.96 40.27 -5.45
C ASP C 24 -1.06 40.63 -6.65
N ILE C 25 -1.37 40.14 -7.86
CA ILE C 25 -0.85 40.82 -9.06
C ILE C 25 -1.50 42.21 -9.04
N LEU C 26 -2.59 42.27 -8.28
CA LEU C 26 -3.51 43.41 -8.13
C LEU C 26 -3.36 44.03 -6.72
N SER C 27 -2.24 43.73 -6.07
CA SER C 27 -1.80 44.47 -4.86
C SER C 27 -0.34 44.94 -5.00
N ARG C 28 0.27 44.60 -6.13
CA ARG C 28 1.53 45.20 -6.54
C ARG C 28 1.40 45.90 -7.90
N GLY C 29 0.17 46.22 -8.29
CA GLY C 29 -0.12 46.53 -9.71
C GLY C 29 -0.92 47.79 -9.99
N PRO C 30 -0.84 48.27 -11.27
CA PRO C 30 -1.35 49.61 -11.67
C PRO C 30 -2.87 49.64 -11.59
N LYS C 31 -3.42 50.75 -11.07
CA LYS C 31 -4.87 50.93 -10.86
C LYS C 31 -5.69 50.83 -12.22
N SER C 32 -4.98 50.47 -13.30
CA SER C 32 -5.52 50.32 -14.65
C SER C 32 -5.70 48.85 -15.06
N MET C 33 -4.96 47.95 -14.40
CA MET C 33 -5.11 46.53 -14.61
C MET C 33 -6.60 46.14 -14.57
N ILE C 34 -7.03 45.34 -15.54
CA ILE C 34 -8.26 44.68 -15.40
C ILE C 34 -8.00 43.19 -15.19
N SER C 35 -8.67 42.60 -14.23
CA SER C 35 -8.60 41.17 -14.12
C SER C 35 -9.91 40.46 -14.30
N LEU C 36 -9.82 39.38 -15.07
CA LEU C 36 -10.95 38.44 -15.14
C LEU C 36 -10.57 37.03 -14.63
N ALA C 37 -9.59 36.95 -13.71
CA ALA C 37 -9.02 35.66 -13.28
C ALA C 37 -9.52 35.25 -11.91
N GLY C 38 -10.19 36.18 -11.21
CA GLY C 38 -10.72 36.02 -9.86
C GLY C 38 -11.89 35.07 -9.70
N GLY C 39 -11.93 34.36 -8.57
CA GLY C 39 -13.13 33.66 -8.21
C GLY C 39 -14.15 34.32 -7.28
N LEU C 40 -14.06 35.62 -6.95
CA LEU C 40 -14.98 36.23 -5.92
C LEU C 40 -16.31 36.42 -6.59
N PRO C 41 -17.42 36.13 -5.86
CA PRO C 41 -18.70 36.58 -6.45
C PRO C 41 -18.85 38.06 -6.23
N ASN C 42 -19.68 38.69 -7.04
CA ASN C 42 -20.09 40.12 -6.83
C ASN C 42 -20.76 40.29 -5.46
N PRO C 43 -20.09 40.97 -4.49
CA PRO C 43 -20.65 41.23 -3.13
C PRO C 43 -21.88 42.25 -3.17
N ASN C 44 -22.07 42.96 -4.28
CA ASN C 44 -23.15 44.00 -4.38
C ASN C 44 -24.53 43.44 -4.29
N MET C 45 -24.65 42.12 -4.61
CA MET C 45 -25.87 41.32 -4.53
C MET C 45 -26.31 40.98 -3.14
N PHE C 46 -25.32 40.86 -2.28
CA PHE C 46 -25.56 40.56 -0.89
C PHE C 46 -26.48 41.64 -0.31
N PRO C 47 -27.47 41.22 0.50
CA PRO C 47 -28.58 42.13 0.93
C PRO C 47 -28.33 42.92 2.22
N PHE C 48 -27.32 42.53 3.00
CA PHE C 48 -27.02 43.25 4.24
C PHE C 48 -26.18 44.43 3.87
N LYS C 49 -26.46 45.61 4.38
CA LYS C 49 -25.83 46.79 3.84
C LYS C 49 -25.00 47.63 4.79
N THR C 50 -25.40 47.70 6.06
CA THR C 50 -24.65 48.43 7.08
C THR C 50 -24.73 47.76 8.43
N ALA C 51 -23.75 48.04 9.29
CA ALA C 51 -23.73 47.56 10.64
C ALA C 51 -23.49 48.66 11.66
N VAL C 52 -24.21 48.61 12.77
CA VAL C 52 -23.83 49.35 13.94
C VAL C 52 -23.84 48.47 15.15
N ILE C 53 -22.74 48.50 15.87
CA ILE C 53 -22.47 47.54 16.96
C ILE C 53 -21.97 48.34 18.15
N THR C 54 -22.68 48.28 19.27
CA THR C 54 -22.31 49.08 20.45
C THR C 54 -21.38 48.25 21.32
N VAL C 55 -20.59 48.94 22.12
CA VAL C 55 -19.50 48.30 22.82
C VAL C 55 -19.33 48.86 24.20
N GLU C 56 -19.36 48.02 25.22
CA GLU C 56 -19.22 48.49 26.61
C GLU C 56 -17.74 48.86 26.85
N ASN C 57 -17.53 50.08 27.37
CA ASN C 57 -16.16 50.64 27.65
C ASN C 57 -15.43 50.75 26.39
N GLY C 58 -16.19 51.12 25.37
CA GLY C 58 -15.62 51.22 24.06
C GLY C 58 -16.54 51.94 23.16
N LYS C 59 -15.94 52.33 22.06
CA LYS C 59 -16.48 53.17 20.99
C LYS C 59 -17.27 52.28 19.97
N THR C 60 -18.35 52.86 19.42
CA THR C 60 -19.27 52.08 18.58
C THR C 60 -18.66 51.76 17.25
N ILE C 61 -18.84 50.53 16.82
CA ILE C 61 -18.29 50.05 15.52
C ILE C 61 -19.31 50.22 14.37
N GLN C 62 -18.85 50.78 13.28
CA GLN C 62 -19.71 51.13 12.17
C GLN C 62 -19.11 50.37 11.02
N PHE C 63 -19.88 49.48 10.41
CA PHE C 63 -19.52 49.10 9.05
C PHE C 63 -20.41 49.97 8.11
N GLY C 64 -19.82 50.95 7.44
CA GLY C 64 -20.48 51.57 6.29
C GLY C 64 -20.45 50.65 5.08
N GLU C 65 -21.00 51.16 3.98
CA GLU C 65 -21.24 50.40 2.76
C GLU C 65 -20.03 49.68 2.20
N GLU C 66 -18.87 50.34 2.06
CA GLU C 66 -17.65 49.66 1.59
C GLU C 66 -17.11 48.66 2.59
N MET C 67 -17.08 49.03 3.90
CA MET C 67 -16.61 48.11 4.97
C MET C 67 -17.50 46.82 4.96
N MET C 68 -18.79 47.07 4.83
CA MET C 68 -19.78 46.01 4.78
C MET C 68 -19.55 44.98 3.65
N LYS C 69 -19.27 45.44 2.42
CA LYS C 69 -19.02 44.53 1.30
C LYS C 69 -17.81 43.63 1.60
N ARG C 70 -16.78 44.22 2.16
CA ARG C 70 -15.50 43.51 2.43
C ARG C 70 -15.86 42.40 3.42
N ALA C 71 -16.61 42.81 4.46
CA ALA C 71 -17.19 41.91 5.52
C ALA C 71 -18.15 40.78 5.01
N LEU C 72 -18.89 41.00 3.90
CA LEU C 72 -19.72 39.89 3.29
C LEU C 72 -18.92 39.03 2.26
N GLN C 73 -17.63 39.34 2.20
CA GLN C 73 -16.78 38.91 1.09
C GLN C 73 -15.67 38.02 1.67
N TYR C 74 -15.13 37.14 0.80
CA TYR C 74 -13.99 36.31 1.09
C TYR C 74 -12.72 37.05 1.56
N SER C 75 -11.97 36.40 2.41
CA SER C 75 -10.75 37.03 2.93
C SER C 75 -9.61 36.02 2.99
N PRO C 76 -8.38 36.49 3.32
CA PRO C 76 -7.30 35.49 3.24
C PRO C 76 -7.51 34.29 4.22
N SER C 77 -7.03 33.11 3.84
CA SER C 77 -7.00 31.88 4.66
C SER C 77 -6.68 31.92 6.16
N ALA C 78 -5.60 32.67 6.45
CA ALA C 78 -4.96 32.72 7.76
C ALA C 78 -5.57 33.86 8.55
N GLY C 79 -6.34 34.73 7.91
CA GLY C 79 -6.91 35.87 8.62
C GLY C 79 -6.79 37.17 7.83
N ILE C 80 -7.64 38.14 8.12
CA ILE C 80 -7.42 39.57 7.75
C ILE C 80 -6.06 40.17 8.21
N PRO C 81 -5.42 40.94 7.32
CA PRO C 81 -4.07 41.42 7.65
C PRO C 81 -3.99 42.11 9.01
N GLU C 82 -4.94 42.99 9.31
CA GLU C 82 -4.82 43.83 10.46
C GLU C 82 -5.01 43.09 11.82
N LEU C 83 -5.84 42.07 11.85
CA LEU C 83 -5.99 41.24 13.00
C LEU C 83 -4.80 40.26 13.12
N LEU C 84 -4.40 39.69 11.98
CA LEU C 84 -3.16 38.93 12.00
C LEU C 84 -1.99 39.78 12.58
N SER C 85 -1.77 41.00 12.07
CA SER C 85 -0.70 41.82 12.59
C SER C 85 -0.90 42.24 14.06
N TRP C 86 -2.16 42.48 14.44
CA TRP C 86 -2.43 42.93 15.80
C TRP C 86 -2.13 41.77 16.76
N LEU C 87 -2.41 40.54 16.34
CA LEU C 87 -2.22 39.31 17.20
C LEU C 87 -0.77 38.87 17.24
N LYS C 88 -0.11 38.96 16.11
CA LYS C 88 1.38 38.78 16.13
C LYS C 88 2.02 39.79 17.04
N GLN C 89 1.58 41.04 16.98
CA GLN C 89 2.22 42.01 17.85
C GLN C 89 1.89 41.73 19.26
N LEU C 90 0.61 41.48 19.53
CA LEU C 90 0.25 40.99 20.86
C LEU C 90 1.19 39.88 21.37
N GLN C 91 1.50 38.87 20.53
CA GLN C 91 2.33 37.69 20.94
C GLN C 91 3.80 38.05 21.28
N ILE C 92 4.38 38.91 20.44
CA ILE C 92 5.69 39.45 20.68
C ILE C 92 5.64 40.23 21.99
N LYS C 93 4.66 41.13 22.12
CA LYS C 93 4.52 41.94 23.32
C LYS C 93 4.45 41.07 24.57
N LEU C 94 3.64 40.01 24.51
CA LEU C 94 3.31 39.17 25.65
C LEU C 94 4.32 38.06 25.92
N HIS C 95 4.93 37.53 24.87
CA HIS C 95 5.66 36.28 24.99
C HIS C 95 7.10 36.36 24.54
N ASN C 96 7.41 37.29 23.66
CA ASN C 96 8.72 37.37 23.06
C ASN C 96 9.34 36.03 22.70
N PRO C 97 8.64 35.33 21.83
CA PRO C 97 8.95 33.98 21.34
C PRO C 97 10.38 34.07 20.84
N PRO C 98 11.34 33.30 21.44
CA PRO C 98 12.76 33.32 20.94
C PRO C 98 12.82 33.21 19.41
N THR C 99 11.72 32.71 18.88
CA THR C 99 11.56 32.36 17.50
C THR C 99 11.22 33.47 16.50
N ILE C 100 10.96 34.69 16.95
CA ILE C 100 10.25 35.55 16.02
C ILE C 100 11.03 35.63 14.73
N HIS C 101 12.34 35.90 14.83
CA HIS C 101 13.14 36.31 13.72
C HIS C 101 13.97 35.19 13.10
N TYR C 102 13.82 33.95 13.58
CA TYR C 102 14.42 32.84 12.85
C TYR C 102 13.98 32.89 11.37
N PRO C 103 14.82 32.38 10.47
CA PRO C 103 14.36 31.87 9.18
C PRO C 103 13.14 31.00 9.31
N PRO C 104 12.23 31.06 8.31
CA PRO C 104 11.08 30.21 8.17
C PRO C 104 11.37 28.76 8.41
N SER C 105 12.23 28.15 7.59
CA SER C 105 12.36 26.68 7.51
C SER C 105 12.91 26.20 8.85
N GLN C 106 13.42 27.16 9.60
CA GLN C 106 13.88 26.94 10.97
C GLN C 106 12.86 27.17 12.11
N GLY C 107 11.56 27.25 11.85
CA GLY C 107 10.67 27.48 13.01
C GLY C 107 10.21 28.91 13.30
N GLN C 108 10.48 29.83 12.38
CA GLN C 108 10.13 31.24 12.61
C GLN C 108 8.64 31.31 13.06
N MET C 109 8.33 32.11 14.08
CA MET C 109 6.95 32.13 14.62
C MET C 109 6.04 32.55 13.52
N ASP C 110 5.00 31.72 13.24
CA ASP C 110 3.86 32.23 12.47
C ASP C 110 2.60 32.17 13.27
N LEU C 111 1.54 32.77 12.72
CA LEU C 111 0.25 32.92 13.39
C LEU C 111 -0.91 32.75 12.41
N CYS C 112 -1.93 32.03 12.86
CA CYS C 112 -3.12 32.00 12.05
C CYS C 112 -4.46 32.07 12.79
N VAL C 113 -5.36 32.93 12.31
CA VAL C 113 -6.60 33.16 13.02
C VAL C 113 -7.35 31.88 12.65
N THR C 114 -8.02 31.26 13.61
CA THR C 114 -8.72 30.05 13.32
C THR C 114 -10.21 30.27 13.47
N SER C 115 -10.95 29.29 13.04
CA SER C 115 -12.36 29.44 13.29
C SER C 115 -12.83 28.78 14.65
N GLY C 116 -12.60 29.55 15.70
CA GLY C 116 -12.46 29.09 17.11
C GLY C 116 -11.10 28.48 17.35
N SER C 117 -10.64 28.44 18.58
CA SER C 117 -9.31 27.84 18.82
C SER C 117 -9.16 26.31 18.64
N GLN C 118 -10.24 25.57 18.88
CA GLN C 118 -10.25 24.10 18.77
C GLN C 118 -10.10 23.67 17.34
N GLN C 119 -10.44 24.54 16.40
CA GLN C 119 -10.27 24.12 14.96
C GLN C 119 -8.79 24.01 14.69
N GLY C 120 -8.00 24.96 15.19
CA GLY C 120 -6.60 24.94 14.88
C GLY C 120 -5.93 23.78 15.63
N LEU C 121 -6.39 23.44 16.82
CA LEU C 121 -5.94 22.25 17.60
C LEU C 121 -6.25 20.97 16.86
N CYS C 122 -7.51 20.89 16.37
CA CYS C 122 -7.95 19.74 15.64
C CYS C 122 -7.00 19.52 14.48
N LYS C 123 -6.64 20.58 13.75
CA LYS C 123 -5.93 20.38 12.49
C LYS C 123 -4.46 20.05 12.79
N VAL C 124 -4.03 20.50 13.98
CA VAL C 124 -2.74 20.14 14.45
C VAL C 124 -2.62 18.66 14.74
N PHE C 125 -3.66 18.11 15.41
CA PHE C 125 -3.75 16.67 15.71
C PHE C 125 -3.70 15.83 14.46
N GLU C 126 -4.55 16.17 13.49
CA GLU C 126 -4.70 15.48 12.15
C GLU C 126 -3.37 15.54 11.36
N MET C 127 -2.75 16.73 11.38
CA MET C 127 -1.45 16.97 10.73
C MET C 127 -0.45 15.93 11.22
N ILE C 128 -0.33 15.77 12.54
CA ILE C 128 0.70 15.00 13.21
C ILE C 128 0.50 13.51 13.37
N ILE C 129 -0.73 13.13 13.76
CA ILE C 129 -0.95 11.75 14.29
C ILE C 129 -1.20 10.63 13.27
N ASN C 130 -0.20 9.74 13.16
CA ASN C 130 -0.36 8.41 12.54
C ASN C 130 -0.93 7.40 13.54
N PRO C 131 -1.72 6.43 13.08
CA PRO C 131 -2.16 5.46 14.06
C PRO C 131 -1.02 4.70 14.78
N GLY C 132 -1.16 4.50 16.08
CA GLY C 132 -0.11 3.79 16.82
C GLY C 132 0.99 4.74 17.29
N ASP C 133 0.86 6.04 16.98
CA ASP C 133 1.79 7.07 17.49
C ASP C 133 1.64 7.26 19.00
N ASN C 134 2.73 7.56 19.73
CA ASN C 134 2.55 7.85 21.16
C ASN C 134 2.42 9.32 21.45
N VAL C 135 1.55 9.63 22.39
CA VAL C 135 1.32 11.05 22.77
C VAL C 135 1.20 11.14 24.31
N LEU C 136 1.80 12.15 24.93
CA LEU C 136 1.64 12.39 26.36
C LEU C 136 0.62 13.49 26.62
N LEU C 137 -0.23 13.27 27.61
CA LEU C 137 -0.93 14.36 28.28
C LEU C 137 -1.46 13.94 29.64
N ASP C 138 -1.80 14.92 30.48
CA ASP C 138 -2.21 14.64 31.86
C ASP C 138 -3.73 14.52 31.96
N GLU C 139 -4.19 13.48 32.65
CA GLU C 139 -5.60 13.35 32.99
C GLU C 139 -5.81 13.66 34.46
N PRO C 140 -6.98 14.28 34.85
CA PRO C 140 -8.08 14.48 33.92
C PRO C 140 -7.74 15.46 32.78
N ALA C 141 -8.40 15.19 31.64
CA ALA C 141 -8.22 15.98 30.43
C ALA C 141 -9.55 16.49 29.94
N TYR C 142 -9.53 17.69 29.35
CA TYR C 142 -10.71 18.15 28.56
C TYR C 142 -11.30 17.04 27.63
N SER C 143 -12.57 16.75 27.79
CA SER C 143 -13.21 15.60 27.12
C SER C 143 -13.24 15.85 25.62
N GLY C 144 -13.45 17.10 25.21
CA GLY C 144 -13.31 17.46 23.77
C GLY C 144 -12.02 16.96 23.13
N THR C 145 -10.87 17.13 23.78
CA THR C 145 -9.66 16.76 23.11
C THR C 145 -9.39 15.22 23.12
N LEU C 146 -9.83 14.55 24.19
CA LEU C 146 -9.98 13.06 24.24
C LEU C 146 -10.80 12.54 23.07
N GLN C 147 -11.92 13.18 22.80
CA GLN C 147 -12.82 12.76 21.70
C GLN C 147 -12.22 13.02 20.33
N SER C 148 -11.40 14.08 20.22
CA SER C 148 -10.60 14.38 19.05
C SER C 148 -9.47 13.43 18.83
N LEU C 149 -8.92 12.86 19.89
CA LEU C 149 -7.69 12.07 19.81
C LEU C 149 -8.08 10.66 19.65
N HIS C 150 -9.18 10.28 20.28
CA HIS C 150 -9.67 8.82 20.19
C HIS C 150 -9.69 8.21 18.75
N PRO C 151 -10.44 8.86 17.81
CA PRO C 151 -10.48 8.34 16.44
C PRO C 151 -9.16 8.37 15.67
N LEU C 152 -8.13 9.11 16.14
CA LEU C 152 -6.81 9.00 15.49
C LEU C 152 -5.96 7.75 15.79
N GLY C 153 -6.37 6.86 16.65
CA GLY C 153 -5.51 5.64 16.92
C GLY C 153 -4.13 5.99 17.50
N CYS C 154 -4.04 7.03 18.34
CA CYS C 154 -2.76 7.22 19.00
C CYS C 154 -2.83 6.49 20.34
N ASN C 155 -1.68 6.31 20.98
CA ASN C 155 -1.69 5.80 22.34
C ASN C 155 -1.51 7.02 23.18
N ILE C 156 -2.48 7.26 24.03
CA ILE C 156 -2.32 8.25 25.06
C ILE C 156 -1.55 7.70 26.28
N ILE C 157 -0.37 8.24 26.53
CA ILE C 157 0.32 7.87 27.76
C ILE C 157 0.08 8.96 28.83
N ASN C 158 -0.49 8.59 29.97
CA ASN C 158 -0.88 9.58 30.96
C ASN C 158 0.25 10.06 31.84
N VAL C 159 0.59 11.35 31.83
CA VAL C 159 1.61 11.92 32.78
C VAL C 159 0.86 12.12 34.13
N ALA C 160 1.57 11.95 35.25
CA ALA C 160 1.03 12.28 36.57
C ALA C 160 0.83 13.77 36.62
N SER C 161 -0.20 14.22 37.33
CA SER C 161 -0.46 15.67 37.51
C SER C 161 -0.87 16.01 38.96
N ASP C 162 -0.34 17.08 39.56
CA ASP C 162 -0.89 17.47 40.89
C ASP C 162 -1.52 18.85 40.89
N GLU C 163 -1.70 19.48 42.05
CA GLU C 163 -2.29 20.86 42.08
C GLU C 163 -1.46 21.88 41.36
N SER C 164 -0.21 21.55 41.00
CA SER C 164 0.62 22.47 40.19
C SER C 164 0.76 22.00 38.76
N GLY C 165 -0.02 20.98 38.37
CA GLY C 165 -0.07 20.58 36.97
C GLY C 165 0.74 19.31 36.79
N ILE C 166 1.24 19.07 35.59
CA ILE C 166 1.97 17.83 35.41
C ILE C 166 3.34 17.69 36.21
N VAL C 167 3.52 16.52 36.77
CA VAL C 167 4.70 16.34 37.61
C VAL C 167 5.87 15.99 36.67
N PRO C 168 6.90 16.85 36.62
CA PRO C 168 7.98 16.53 35.72
C PRO C 168 8.51 15.15 35.95
N ASP C 169 8.76 14.78 37.22
CA ASP C 169 9.41 13.49 37.52
C ASP C 169 8.66 12.37 36.85
N SER C 170 7.34 12.48 36.77
CA SER C 170 6.50 11.40 36.24
C SER C 170 6.77 11.25 34.75
N LEU C 171 6.83 12.42 34.09
CA LEU C 171 7.19 12.58 32.68
C LEU C 171 8.64 12.06 32.37
N ARG C 172 9.63 12.52 33.13
CA ARG C 172 10.98 11.92 33.10
C ARG C 172 10.91 10.37 33.20
N ASP C 173 10.16 9.86 34.17
CA ASP C 173 10.09 8.46 34.37
C ASP C 173 9.51 7.76 33.14
N ILE C 174 8.45 8.34 32.54
CA ILE C 174 7.77 7.72 31.37
C ILE C 174 8.71 7.73 30.18
N LEU C 175 9.54 8.77 30.12
CA LEU C 175 10.39 9.00 28.99
C LEU C 175 11.60 8.03 29.00
N SER C 176 11.97 7.56 30.20
CA SER C 176 13.13 6.66 30.37
C SER C 176 13.00 5.34 29.56
N ARG C 177 11.77 4.90 29.31
CA ARG C 177 11.56 3.68 28.54
C ARG C 177 12.11 3.73 27.10
N TRP C 178 12.50 4.93 26.67
CA TRP C 178 13.17 5.22 25.41
C TRP C 178 14.51 5.81 25.78
N LYS C 179 15.41 5.92 24.83
CA LYS C 179 16.49 6.85 24.99
C LYS C 179 16.37 8.02 23.99
N PRO C 180 17.07 9.16 24.26
CA PRO C 180 16.99 10.33 23.38
C PRO C 180 17.11 9.97 21.93
N GLU C 181 18.23 9.30 21.56
CA GLU C 181 18.53 8.99 20.15
C GLU C 181 17.44 8.17 19.47
N ASP C 182 16.58 7.57 20.25
CA ASP C 182 15.42 6.89 19.70
C ASP C 182 14.47 7.82 18.91
N ALA C 183 14.52 9.14 19.22
CA ALA C 183 13.74 10.18 18.51
C ALA C 183 14.11 10.34 17.02
N LYS C 184 15.30 9.85 16.66
CA LYS C 184 15.88 10.00 15.33
C LYS C 184 15.79 8.73 14.49
N ASN C 185 15.20 7.68 15.07
CA ASN C 185 15.22 6.32 14.53
C ASN C 185 13.79 6.01 14.07
N PRO C 186 13.54 6.13 12.73
CA PRO C 186 12.19 6.49 12.31
C PRO C 186 11.22 6.26 13.48
N GLN C 187 11.05 5.00 13.84
CA GLN C 187 10.27 4.70 15.02
C GLN C 187 10.82 3.49 15.81
N LYS C 188 11.56 3.79 16.85
CA LYS C 188 11.38 3.02 18.04
C LYS C 188 10.14 3.68 18.77
N ASN C 189 9.49 4.62 18.06
CA ASN C 189 8.12 5.09 18.31
C ASN C 189 8.04 6.12 19.42
N THR C 190 8.85 7.14 19.32
CA THR C 190 8.86 8.11 20.41
C THR C 190 7.69 9.07 20.34
N PRO C 191 7.28 9.56 21.53
CA PRO C 191 6.16 10.47 21.58
C PRO C 191 6.34 11.54 20.57
N LYS C 192 5.32 11.70 19.75
CA LYS C 192 5.34 12.87 18.85
C LYS C 192 5.10 14.22 19.62
N PHE C 193 4.38 14.17 20.74
CA PHE C 193 4.11 15.46 21.46
C PHE C 193 3.63 15.24 22.85
N LEU C 194 3.69 16.31 23.65
CA LEU C 194 2.96 16.38 24.89
C LEU C 194 1.88 17.42 24.71
N TYR C 195 0.67 17.17 25.20
CA TYR C 195 -0.45 18.12 25.16
C TYR C 195 -0.76 18.54 26.63
N THR C 196 -0.91 19.84 26.96
CA THR C 196 -1.59 20.18 28.26
C THR C 196 -2.28 21.48 28.11
N VAL C 197 -3.10 21.79 29.12
CA VAL C 197 -3.71 23.06 29.43
C VAL C 197 -3.02 23.62 30.72
N PRO C 198 -2.14 24.61 30.55
CA PRO C 198 -1.21 25.07 31.58
C PRO C 198 -1.78 25.96 32.64
N ASN C 199 -2.81 26.76 32.28
CA ASN C 199 -3.57 27.60 33.16
C ASN C 199 -5.05 27.24 33.24
N GLY C 200 -5.53 27.03 34.45
CA GLY C 200 -6.92 26.65 34.62
C GLY C 200 -7.37 25.40 33.93
N ASN C 201 -6.67 24.30 34.13
CA ASN C 201 -7.03 23.11 33.39
C ASN C 201 -8.50 22.84 33.51
N ASN C 202 -9.15 22.54 32.38
CA ASN C 202 -10.50 21.98 32.40
C ASN C 202 -10.50 20.47 32.52
N PRO C 203 -10.41 19.97 33.75
CA PRO C 203 -11.50 20.15 34.73
C PRO C 203 -11.01 20.87 35.99
N THR C 204 -9.77 20.61 36.38
CA THR C 204 -9.41 20.64 37.80
C THR C 204 -9.25 22.07 38.30
N GLY C 205 -9.05 23.00 37.37
CA GLY C 205 -8.73 24.39 37.71
C GLY C 205 -7.25 24.57 38.06
N ASN C 206 -6.39 23.56 37.91
CA ASN C 206 -4.95 23.71 38.23
C ASN C 206 -4.02 24.31 37.16
N SER C 207 -2.86 24.82 37.57
CA SER C 207 -1.92 25.44 36.63
C SER C 207 -0.49 25.12 36.92
N LEU C 208 0.23 24.97 35.82
CA LEU C 208 1.62 24.71 35.82
C LEU C 208 2.41 25.94 36.35
N THR C 209 3.49 25.66 37.09
CA THR C 209 4.37 26.73 37.65
C THR C 209 5.45 27.12 36.67
N SER C 210 5.96 28.36 36.71
CA SER C 210 7.11 28.68 35.85
C SER C 210 8.14 27.51 35.86
N GLU C 211 8.43 26.97 37.05
CA GLU C 211 9.53 26.03 37.24
C GLU C 211 9.26 24.72 36.60
N ARG C 212 8.01 24.30 36.66
CA ARG C 212 7.65 23.03 36.02
C ARG C 212 7.77 23.07 34.51
N LYS C 213 7.35 24.19 33.92
CA LYS C 213 7.58 24.46 32.49
C LYS C 213 9.02 24.37 31.99
N LYS C 214 9.98 25.00 32.69
CA LYS C 214 11.34 24.98 32.20
C LYS C 214 11.88 23.52 32.13
N GLU C 215 11.55 22.71 33.14
CA GLU C 215 11.87 21.23 33.25
C GLU C 215 11.19 20.45 32.15
N ILE C 216 9.88 20.64 32.03
CA ILE C 216 9.05 19.99 31.00
C ILE C 216 9.63 20.24 29.63
N TYR C 217 9.90 21.51 29.33
CA TYR C 217 10.53 21.93 28.13
C TYR C 217 11.94 21.36 27.84
N GLU C 218 12.82 21.33 28.87
CA GLU C 218 14.15 20.64 28.77
C GLU C 218 14.07 19.15 28.42
N LEU C 219 13.10 18.42 29.01
CA LEU C 219 12.71 17.08 28.60
C LEU C 219 12.19 16.89 27.17
N ALA C 220 11.32 17.82 26.75
CA ALA C 220 10.87 17.91 25.34
C ALA C 220 12.10 18.08 24.48
N ARG C 221 12.99 19.00 24.82
CA ARG C 221 14.30 19.13 24.11
C ARG C 221 14.90 17.73 23.98
N LYS C 222 15.25 17.17 25.14
CA LYS C 222 15.94 15.90 25.28
C LYS C 222 15.41 14.80 24.35
N TYR C 223 14.09 14.64 24.36
CA TYR C 223 13.45 13.49 23.68
C TYR C 223 12.86 13.97 22.38
N ASP C 224 13.21 15.21 22.06
CA ASP C 224 12.80 15.92 20.84
C ASP C 224 11.33 15.68 20.46
N PHE C 225 10.45 16.14 21.32
CA PHE C 225 9.05 16.15 20.96
C PHE C 225 8.50 17.57 21.03
N LEU C 226 7.30 17.70 20.51
CA LEU C 226 6.64 18.91 20.41
C LEU C 226 5.84 19.08 21.69
N ILE C 227 5.52 20.32 21.93
CA ILE C 227 4.79 20.59 23.13
C ILE C 227 3.56 21.32 22.65
N ILE C 228 2.38 20.80 22.92
CA ILE C 228 1.34 21.61 22.40
C ILE C 228 0.56 22.43 23.47
N GLU C 229 0.65 23.72 23.37
CA GLU C 229 0.19 24.47 24.55
C GLU C 229 -1.18 25.01 24.39
N ASP C 230 -2.17 24.22 24.78
CA ASP C 230 -3.59 24.59 24.71
C ASP C 230 -3.99 25.63 25.79
N ASP C 231 -4.01 26.92 25.46
CA ASP C 231 -4.08 27.93 26.58
C ASP C 231 -5.33 28.84 26.60
N PRO C 232 -6.55 28.26 26.68
CA PRO C 232 -7.75 29.07 26.56
C PRO C 232 -8.10 29.95 27.75
N TYR C 233 -7.47 29.74 28.89
CA TYR C 233 -7.85 30.50 30.08
C TYR C 233 -6.60 31.31 30.41
N TYR C 234 -5.69 31.45 29.44
CA TYR C 234 -4.47 32.24 29.62
C TYR C 234 -4.82 33.65 30.13
N PHE C 235 -5.84 34.27 29.52
CA PHE C 235 -6.26 35.59 29.95
C PHE C 235 -7.32 35.49 31.04
N LEU C 236 -7.26 34.44 31.89
CA LEU C 236 -8.19 34.26 32.99
C LEU C 236 -7.50 33.65 34.23
N GLN C 237 -6.27 34.16 34.53
CA GLN C 237 -5.51 33.68 35.69
C GLN C 237 -5.75 34.61 36.87
N PHE C 238 -6.00 34.06 38.04
CA PHE C 238 -6.54 34.87 39.14
C PHE C 238 -5.43 35.60 39.83
N ASN C 239 -4.26 34.97 39.64
CA ASN C 239 -2.94 35.45 39.82
C ASN C 239 -2.65 36.68 38.95
N LYS C 240 -2.31 37.82 39.52
CA LYS C 240 -2.15 38.86 38.51
C LYS C 240 -0.74 39.07 37.83
N PHE C 241 0.31 38.38 38.30
CA PHE C 241 1.46 38.00 37.46
C PHE C 241 1.25 36.67 36.78
N ARG C 242 1.11 36.72 35.45
CA ARG C 242 0.81 35.54 34.64
C ARG C 242 2.13 34.76 34.53
N VAL C 243 2.07 33.49 34.92
CA VAL C 243 3.16 32.59 34.67
C VAL C 243 3.60 32.66 33.19
N PRO C 244 4.89 32.81 32.94
CA PRO C 244 5.31 32.72 31.54
C PRO C 244 5.02 31.40 30.84
N THR C 245 4.88 31.45 29.50
CA THR C 245 4.21 30.46 28.73
C THR C 245 5.23 29.58 28.11
N PHE C 246 4.84 28.41 27.60
CA PHE C 246 5.83 27.58 26.87
C PHE C 246 6.40 28.28 25.65
N LEU C 247 5.61 29.16 25.06
CA LEU C 247 6.05 29.74 23.83
C LEU C 247 7.17 30.75 24.09
N SER C 248 7.01 31.61 25.08
CA SER C 248 8.06 32.52 25.61
C SER C 248 9.52 31.91 25.88
N MET C 249 9.60 30.64 26.25
CA MET C 249 10.83 29.88 26.39
C MET C 249 11.18 28.92 25.21
N ASP C 250 10.56 29.14 24.05
CA ASP C 250 10.61 28.18 22.95
C ASP C 250 11.77 28.40 22.00
N VAL C 251 12.99 28.34 22.59
CA VAL C 251 14.25 28.52 21.88
C VAL C 251 14.37 27.61 20.70
N ASP C 252 13.72 26.42 20.72
CA ASP C 252 13.93 25.43 19.64
C ASP C 252 12.97 25.46 18.47
N GLY C 253 11.88 26.21 18.61
CA GLY C 253 10.77 26.07 17.66
C GLY C 253 10.02 24.77 17.86
N ARG C 254 9.79 24.33 19.11
CA ARG C 254 9.05 23.10 19.34
C ARG C 254 7.63 23.24 19.93
N VAL C 255 7.10 24.48 20.00
CA VAL C 255 5.78 24.67 20.67
C VAL C 255 4.79 25.17 19.65
N ILE C 256 3.58 24.63 19.68
CA ILE C 256 2.47 25.28 19.03
C ILE C 256 1.56 25.79 20.19
N ARG C 257 1.07 27.01 20.03
CA ARG C 257 0.04 27.55 20.92
C ARG C 257 -1.33 27.65 20.25
N ALA C 258 -2.36 27.19 20.94
CA ALA C 258 -3.75 27.66 20.76
C ALA C 258 -4.05 28.75 21.78
N ASP C 259 -4.41 29.96 21.32
CA ASP C 259 -5.22 30.97 22.11
C ASP C 259 -6.69 31.07 21.63
N SER C 260 -7.59 31.35 22.57
CA SER C 260 -8.88 31.84 22.25
C SER C 260 -9.32 33.10 22.97
N PHE C 261 -10.26 33.75 22.33
CA PHE C 261 -11.05 34.84 22.78
C PHE C 261 -12.38 34.36 23.32
N SER C 262 -12.69 33.07 23.32
CA SER C 262 -14.12 32.60 23.57
C SER C 262 -14.61 32.98 24.99
N1 LLP C 263 -10.21 24.06 25.03
C2 LLP C 263 -10.68 23.90 26.34
C2' LLP C 263 -10.20 22.83 27.23
C3 LLP C 263 -11.62 24.79 26.84
O3 LLP C 263 -12.00 24.63 27.99
C4 LLP C 263 -12.02 25.86 26.06
C4' LLP C 263 -13.08 26.79 26.52
C5 LLP C 263 -11.58 26.01 24.74
C6 LLP C 263 -10.64 25.12 24.24
C5' LLP C 263 -12.07 27.13 23.86
OP4 LLP C 263 -12.32 26.70 22.52
P LLP C 263 -12.83 27.63 21.31
OP1 LLP C 263 -14.12 28.25 21.75
OP2 LLP C 263 -11.67 28.57 21.38
OP3 LLP C 263 -12.88 26.79 20.14
N LLP C 263 -13.62 33.19 25.90
CA LLP C 263 -13.92 33.37 27.32
CB LLP C 263 -13.04 32.55 28.31
CG LLP C 263 -13.30 31.00 28.39
CD LLP C 263 -12.69 30.19 27.21
CE LLP C 263 -13.58 28.92 26.88
NZ LLP C 263 -12.90 27.69 27.43
C LLP C 263 -13.90 34.87 27.64
O LLP C 263 -14.65 35.25 28.51
N ILE C 264 -13.10 35.66 26.88
CA ILE C 264 -12.98 37.13 27.10
C ILE C 264 -13.65 37.99 26.05
N ILE C 265 -13.69 37.56 24.79
CA ILE C 265 -14.47 38.38 23.85
C ILE C 265 -15.75 37.83 23.20
N SER C 266 -15.74 36.57 22.75
CA SER C 266 -16.93 35.91 22.27
C SER C 266 -16.69 34.46 21.89
N SER C 267 -17.45 33.53 22.48
CA SER C 267 -17.42 32.11 22.09
C SER C 267 -18.08 31.82 20.70
N GLY C 268 -19.09 32.63 20.44
CA GLY C 268 -20.03 32.34 19.38
C GLY C 268 -19.63 33.01 18.12
N LEU C 269 -18.66 33.96 18.19
CA LEU C 269 -18.02 34.41 16.93
C LEU C 269 -17.09 33.44 16.24
N ARG C 270 -16.51 32.47 16.91
CA ARG C 270 -15.67 31.43 16.24
C ARG C 270 -14.35 32.02 15.71
N ILE C 271 -13.53 32.56 16.62
CA ILE C 271 -12.25 33.26 16.28
C ILE C 271 -11.29 33.11 17.49
N GLY C 272 -10.25 32.33 17.24
CA GLY C 272 -9.24 31.87 18.17
C GLY C 272 -7.95 31.85 17.31
N PHE C 273 -6.79 31.58 17.87
CA PHE C 273 -5.58 31.73 16.97
C PHE C 273 -4.60 30.72 17.43
N LEU C 274 -3.76 30.37 16.51
CA LEU C 274 -2.74 29.33 16.58
C LEU C 274 -1.35 29.94 16.28
N THR C 275 -0.42 29.77 17.24
CA THR C 275 0.95 30.34 17.14
C THR C 275 1.98 29.16 17.11
N GLY C 276 2.91 29.13 16.20
CA GLY C 276 3.78 27.95 16.16
C GLY C 276 4.69 28.14 14.98
N PRO C 277 5.66 27.21 14.80
CA PRO C 277 6.75 27.27 13.81
C PRO C 277 6.13 27.38 12.41
N LYS C 278 6.63 28.28 11.56
CA LYS C 278 5.99 28.55 10.25
C LYS C 278 5.64 27.32 9.39
N PRO C 279 6.55 26.27 9.31
CA PRO C 279 6.22 25.06 8.50
C PRO C 279 5.05 24.23 9.03
N LEU C 280 4.81 24.28 10.36
CA LEU C 280 3.62 23.66 10.94
C LEU C 280 2.28 24.48 10.82
N ILE C 281 2.34 25.79 10.99
CA ILE C 281 1.19 26.65 10.69
C ILE C 281 0.84 26.51 9.22
N GLU C 282 1.86 26.34 8.40
CA GLU C 282 1.61 26.17 6.98
C GLU C 282 0.74 24.94 6.69
N ARG C 283 0.91 23.83 7.42
CA ARG C 283 0.14 22.60 7.03
C ARG C 283 -1.27 22.83 7.44
N VAL C 284 -1.45 23.45 8.58
CA VAL C 284 -2.83 23.74 9.00
C VAL C 284 -3.55 24.82 8.25
N ILE C 285 -2.85 25.91 7.87
CA ILE C 285 -3.49 26.79 6.87
C ILE C 285 -3.87 26.10 5.53
N LEU C 286 -3.07 25.14 5.02
CA LEU C 286 -3.42 24.48 3.80
C LEU C 286 -4.71 23.62 3.92
N HIS C 287 -4.88 22.93 5.05
CA HIS C 287 -6.03 22.08 5.34
C HIS C 287 -7.23 23.01 5.58
N ILE C 288 -6.97 24.11 6.33
CA ILE C 288 -8.07 25.10 6.41
C ILE C 288 -8.49 25.63 5.00
N GLN C 289 -7.62 25.63 3.96
CA GLN C 289 -7.97 26.17 2.67
C GLN C 289 -8.90 25.24 1.83
N VAL C 290 -9.02 23.95 2.21
CA VAL C 290 -9.93 23.00 1.57
C VAL C 290 -11.12 22.71 2.43
N SER C 291 -11.20 23.38 3.59
CA SER C 291 -12.31 23.21 4.51
C SER C 291 -13.12 24.53 4.66
N THR C 292 -12.99 25.23 5.79
CA THR C 292 -13.83 26.43 6.12
C THR C 292 -13.37 27.57 5.23
N LEU C 293 -12.13 27.41 4.74
CA LEU C 293 -11.43 28.43 3.99
C LEU C 293 -10.91 29.59 4.79
N HIS C 294 -11.74 30.22 5.60
CA HIS C 294 -11.18 31.21 6.54
C HIS C 294 -12.24 31.52 7.58
N PRO C 295 -11.87 32.23 8.63
CA PRO C 295 -12.81 32.48 9.71
C PRO C 295 -13.73 33.59 9.18
N SER C 296 -15.01 33.61 9.55
CA SER C 296 -15.94 34.69 9.04
C SER C 296 -15.20 36.05 8.97
N THR C 297 -15.18 36.74 7.81
CA THR C 297 -14.47 38.05 7.72
C THR C 297 -15.10 39.17 8.55
N PHE C 298 -16.42 39.05 8.71
CA PHE C 298 -17.28 40.03 9.36
C PHE C 298 -16.93 40.09 10.88
N ASN C 299 -16.90 38.89 11.52
CA ASN C 299 -16.61 38.72 12.90
C ASN C 299 -15.18 39.12 13.32
N GLN C 300 -14.18 38.84 12.47
CA GLN C 300 -12.78 39.32 12.60
C GLN C 300 -12.66 40.83 12.40
N LEU C 301 -13.39 41.39 11.46
CA LEU C 301 -13.57 42.87 11.39
C LEU C 301 -13.98 43.56 12.66
N MET C 302 -15.05 43.07 13.29
CA MET C 302 -15.54 43.48 14.63
C MET C 302 -14.44 43.34 15.73
N ILE C 303 -13.81 42.17 15.91
CA ILE C 303 -12.73 42.01 16.91
C ILE C 303 -11.57 42.97 16.60
N SER C 304 -11.22 43.05 15.30
CA SER C 304 -10.09 43.90 14.93
C SER C 304 -10.35 45.41 15.20
N GLN C 305 -11.56 45.85 14.93
CA GLN C 305 -11.89 47.23 15.13
C GLN C 305 -12.00 47.56 16.62
N LEU C 306 -12.42 46.57 17.42
CA LEU C 306 -12.51 46.70 18.87
C LEU C 306 -11.15 46.94 19.49
N LEU C 307 -10.24 46.10 19.03
CA LEU C 307 -8.97 45.83 19.59
C LEU C 307 -7.97 46.91 19.20
N HIS C 308 -8.02 47.33 17.94
CA HIS C 308 -7.31 48.53 17.45
C HIS C 308 -7.76 49.83 18.20
N GLU C 309 -9.06 49.95 18.44
CA GLU C 309 -9.59 51.14 19.15
C GLU C 309 -9.23 51.11 20.64
N TRP C 310 -9.24 49.94 21.29
CA TRP C 310 -8.74 49.83 22.68
C TRP C 310 -7.22 49.98 22.77
N GLY C 311 -6.52 49.46 21.77
CA GLY C 311 -5.08 49.30 21.90
C GLY C 311 -4.77 48.17 22.84
N GLU C 312 -3.51 47.88 23.07
CA GLU C 312 -3.19 46.80 24.03
C GLU C 312 -3.65 47.18 25.46
N GLU C 313 -3.66 48.47 25.70
CA GLU C 313 -4.01 49.02 26.98
C GLU C 313 -5.50 48.77 27.19
N GLY C 314 -6.37 49.16 26.26
CA GLY C 314 -7.80 48.88 26.47
C GLY C 314 -8.10 47.39 26.67
N PHE C 315 -7.35 46.56 25.94
CA PHE C 315 -7.48 45.09 25.95
C PHE C 315 -7.18 44.50 27.31
N MET C 316 -6.00 44.79 27.86
CA MET C 316 -5.61 44.22 29.19
C MET C 316 -6.48 44.78 30.29
N ALA C 317 -6.97 46.02 30.12
CA ALA C 317 -7.92 46.55 31.16
C ALA C 317 -9.25 45.70 31.14
N HIS C 318 -9.76 45.46 29.93
CA HIS C 318 -10.97 44.57 29.76
C HIS C 318 -10.64 43.17 30.41
N VAL C 319 -9.50 42.61 30.07
CA VAL C 319 -9.20 41.34 30.69
C VAL C 319 -9.13 41.36 32.17
N ASP C 320 -8.51 42.42 32.75
CA ASP C 320 -8.36 42.49 34.22
C ASP C 320 -9.76 42.61 34.82
N ARG C 321 -10.67 43.34 34.19
CA ARG C 321 -12.11 43.43 34.62
C ARG C 321 -12.87 42.11 34.58
N VAL C 322 -12.62 41.30 33.56
CA VAL C 322 -13.16 39.97 33.58
C VAL C 322 -12.48 38.98 34.55
N ILE C 323 -11.14 39.05 34.73
CA ILE C 323 -10.49 38.35 35.85
C ILE C 323 -11.20 38.72 37.11
N ASP C 324 -11.28 40.00 37.41
CA ASP C 324 -12.08 40.42 38.57
C ASP C 324 -13.42 39.71 38.65
N PHE C 325 -14.19 39.70 37.57
CA PHE C 325 -15.57 39.09 37.72
C PHE C 325 -15.59 37.51 38.05
N TYR C 326 -14.69 36.75 37.40
CA TYR C 326 -14.61 35.28 37.56
C TYR C 326 -13.92 35.04 38.91
N SER C 327 -13.08 35.97 39.32
CA SER C 327 -12.47 35.85 40.66
C SER C 327 -13.41 36.04 41.83
N ASN C 328 -14.33 36.99 41.79
CA ASN C 328 -15.40 37.03 42.78
C ASN C 328 -16.38 35.85 42.71
N GLN C 329 -16.69 35.40 41.50
CA GLN C 329 -17.45 34.16 41.30
C GLN C 329 -16.74 32.93 41.95
N LYS C 330 -15.45 32.79 41.75
CA LYS C 330 -14.64 31.73 42.38
C LYS C 330 -14.71 31.83 43.95
N ASP C 331 -14.46 33.04 44.49
CA ASP C 331 -14.79 33.30 45.89
C ASP C 331 -16.19 32.76 46.25
N ALA C 332 -17.23 33.20 45.51
CA ALA C 332 -18.55 32.84 45.95
C ALA C 332 -18.70 31.32 45.95
N ILE C 333 -18.15 30.64 44.99
CA ILE C 333 -18.31 29.14 44.99
C ILE C 333 -17.45 28.40 46.06
N LEU C 334 -16.26 28.92 46.32
CA LEU C 334 -15.42 28.50 47.45
C LEU C 334 -16.12 28.66 48.82
N ALA C 335 -16.84 29.75 49.02
CA ALA C 335 -17.55 29.88 50.26
C ALA C 335 -18.78 28.96 50.35
N ALA C 336 -19.53 28.82 49.26
CA ALA C 336 -20.58 27.78 49.24
C ALA C 336 -20.03 26.33 49.55
N ALA C 337 -18.76 26.05 49.23
CA ALA C 337 -18.28 24.66 49.30
C ALA C 337 -17.81 24.43 50.74
N ASP C 338 -16.98 25.35 51.28
CA ASP C 338 -16.76 25.41 52.77
C ASP C 338 -17.97 25.37 53.66
N LYS C 339 -19.07 25.92 53.20
CA LYS C 339 -20.20 26.02 54.05
C LYS C 339 -21.01 24.69 54.07
N TRP C 340 -21.18 24.01 52.94
CA TRP C 340 -21.97 22.82 52.96
C TRP C 340 -21.14 21.54 52.85
N LEU C 341 -19.93 21.64 52.27
CA LEU C 341 -19.19 20.42 51.92
C LEU C 341 -18.01 20.02 52.80
N THR C 342 -17.69 20.87 53.76
CA THR C 342 -16.39 20.79 54.46
C THR C 342 -15.87 19.37 54.80
N GLY C 343 -16.66 18.55 55.44
CA GLY C 343 -15.94 17.29 55.67
C GLY C 343 -16.44 16.15 54.80
N LEU C 344 -16.94 16.47 53.61
CA LEU C 344 -17.64 15.49 52.77
C LEU C 344 -17.04 15.31 51.40
N ALA C 345 -16.19 16.28 51.03
CA ALA C 345 -15.52 16.36 49.74
C ALA C 345 -14.21 17.13 49.99
N GLU C 346 -13.26 17.01 49.07
CA GLU C 346 -12.03 17.84 49.02
C GLU C 346 -12.00 18.58 47.67
N TRP C 347 -11.28 19.70 47.62
CA TRP C 347 -11.06 20.44 46.37
C TRP C 347 -9.84 21.34 46.56
N HIS C 348 -9.20 21.74 45.47
CA HIS C 348 -8.18 22.77 45.55
C HIS C 348 -8.78 24.10 45.04
N VAL C 349 -8.12 25.20 45.40
CA VAL C 349 -8.45 26.55 44.87
C VAL C 349 -7.95 26.59 43.37
N PRO C 350 -8.91 26.78 42.40
CA PRO C 350 -8.60 27.00 40.99
C PRO C 350 -7.67 28.22 40.88
N ALA C 351 -6.64 28.10 40.05
CA ALA C 351 -5.61 29.14 39.82
C ALA C 351 -5.99 29.98 38.62
N ALA C 352 -6.89 29.43 37.79
CA ALA C 352 -7.34 30.10 36.59
C ALA C 352 -8.68 29.51 36.14
N GLY C 353 -9.27 30.11 35.13
CA GLY C 353 -10.53 29.64 34.57
C GLY C 353 -11.85 29.76 35.28
N MET C 354 -12.62 28.67 35.13
CA MET C 354 -14.03 28.72 35.38
C MET C 354 -14.62 27.49 36.05
N PHE C 355 -13.74 26.62 36.53
CA PHE C 355 -14.14 25.34 37.07
C PHE C 355 -13.68 25.09 38.49
N LEU C 356 -14.56 24.53 39.29
CA LEU C 356 -14.11 23.97 40.54
C LEU C 356 -14.24 22.41 40.44
N TRP C 357 -13.19 21.71 40.83
CA TRP C 357 -13.18 20.23 40.74
C TRP C 357 -13.33 19.64 42.15
N ILE C 358 -14.41 18.90 42.35
CA ILE C 358 -14.67 18.42 43.65
C ILE C 358 -14.66 16.88 43.80
N LYS C 359 -13.87 16.40 44.78
CA LYS C 359 -13.87 14.98 45.09
C LYS C 359 -14.75 14.66 46.34
N VAL C 360 -15.70 13.73 46.15
CA VAL C 360 -16.66 13.34 47.17
C VAL C 360 -15.93 12.21 47.82
N LYS C 361 -15.89 12.22 49.16
CA LYS C 361 -15.33 11.13 49.94
C LYS C 361 -16.51 10.15 50.12
N GLY C 362 -16.29 8.85 50.03
CA GLY C 362 -17.40 7.96 50.37
C GLY C 362 -18.30 7.58 49.20
N ILE C 363 -18.16 8.31 48.10
CA ILE C 363 -18.71 7.88 46.82
C ILE C 363 -17.59 7.36 45.90
N ASN C 364 -17.93 6.30 45.16
CA ASN C 364 -17.06 5.67 44.18
C ASN C 364 -17.38 6.22 42.79
N ASP C 365 -18.69 6.31 42.54
CA ASP C 365 -19.28 6.64 41.27
C ASP C 365 -20.26 7.79 41.53
N VAL C 366 -19.90 8.98 41.09
CA VAL C 366 -20.67 10.20 41.31
C VAL C 366 -21.71 10.34 40.18
N LYS C 367 -21.53 9.48 39.15
CA LYS C 367 -22.52 9.19 38.06
C LYS C 367 -24.00 9.10 38.48
N GLU C 368 -24.37 8.13 39.31
CA GLU C 368 -25.79 7.94 39.70
C GLU C 368 -26.35 9.02 40.62
N LEU C 369 -25.50 9.59 41.47
CA LEU C 369 -26.00 10.64 42.37
C LEU C 369 -26.49 11.85 41.58
N ILE C 370 -25.86 12.15 40.44
CA ILE C 370 -26.31 13.34 39.71
C ILE C 370 -27.54 13.02 38.94
N GLU C 371 -27.42 11.98 38.13
CA GLU C 371 -28.41 11.59 37.13
C GLU C 371 -29.64 10.93 37.75
N GLU C 372 -29.52 10.16 38.84
CA GLU C 372 -30.78 9.80 39.49
C GLU C 372 -31.13 10.86 40.55
N LYS C 373 -30.16 11.18 41.40
CA LYS C 373 -30.56 11.74 42.63
C LYS C 373 -30.59 13.24 42.55
N ALA C 374 -29.53 13.87 42.00
CA ALA C 374 -29.55 15.36 42.00
C ALA C 374 -30.55 15.96 40.99
N VAL C 375 -30.63 15.40 39.77
CA VAL C 375 -31.68 15.85 38.82
C VAL C 375 -33.01 16.04 39.48
N LYS C 376 -33.44 15.03 40.21
CA LYS C 376 -34.82 15.01 40.75
C LYS C 376 -35.04 16.13 41.75
N MET C 377 -33.92 16.68 42.25
CA MET C 377 -33.96 17.74 43.27
C MET C 377 -33.74 19.02 42.56
N GLY C 378 -33.58 18.94 41.25
CA GLY C 378 -33.30 20.09 40.41
C GLY C 378 -31.98 20.79 40.64
N VAL C 379 -30.91 20.06 40.94
CA VAL C 379 -29.58 20.61 40.72
C VAL C 379 -28.67 19.69 39.90
N LEU C 380 -27.91 20.32 38.99
CA LEU C 380 -26.93 19.63 38.20
C LEU C 380 -25.48 20.08 38.49
N MET C 381 -24.59 19.09 38.55
CA MET C 381 -23.20 19.28 38.20
C MET C 381 -22.74 18.09 37.38
N LEU C 382 -21.47 18.13 37.03
CA LEU C 382 -20.97 17.33 35.93
C LEU C 382 -20.07 16.22 36.42
N PRO C 383 -20.58 14.96 36.42
CA PRO C 383 -19.73 13.78 36.76
C PRO C 383 -18.36 13.85 36.10
N GLY C 384 -17.32 13.62 36.86
CA GLY C 384 -15.97 13.60 36.22
C GLY C 384 -15.67 12.49 35.23
N ASN C 385 -16.55 11.52 35.04
CA ASN C 385 -16.20 10.37 34.13
C ASN C 385 -15.53 10.75 32.74
N ALA C 386 -16.02 11.86 32.13
CA ALA C 386 -15.71 12.23 30.73
C ALA C 386 -14.34 12.80 30.53
N PHE C 387 -13.70 13.17 31.64
CA PHE C 387 -12.41 13.81 31.54
C PHE C 387 -11.23 12.83 31.58
N TYR C 388 -11.52 11.54 31.34
CA TYR C 388 -10.51 10.41 31.29
C TYR C 388 -10.58 9.57 29.99
N VAL C 389 -9.45 9.09 29.49
CA VAL C 389 -9.43 8.15 28.36
C VAL C 389 -10.49 7.01 28.48
N ASP C 390 -10.51 6.39 29.65
CA ASP C 390 -11.50 5.36 30.05
C ASP C 390 -12.65 6.09 30.84
N SER C 391 -13.63 6.60 30.11
CA SER C 391 -14.74 7.30 30.75
C SER C 391 -15.55 6.32 31.59
N SER C 392 -15.30 5.01 31.35
CA SER C 392 -16.02 3.92 31.99
C SER C 392 -15.58 3.70 33.44
N ALA C 393 -14.32 4.00 33.74
CA ALA C 393 -13.86 3.88 35.10
C ALA C 393 -14.86 4.75 35.93
N PRO C 394 -15.16 4.30 37.18
CA PRO C 394 -15.92 5.05 38.16
C PRO C 394 -15.18 6.36 38.47
N SER C 395 -15.94 7.46 38.67
CA SER C 395 -15.29 8.77 39.10
C SER C 395 -15.92 9.35 40.35
N PRO C 396 -15.10 9.58 41.38
CA PRO C 396 -15.61 10.33 42.55
C PRO C 396 -15.75 11.88 42.31
N TYR C 397 -15.53 12.34 41.08
CA TYR C 397 -15.31 13.81 40.83
C TYR C 397 -16.46 14.52 40.11
N LEU C 398 -16.79 15.73 40.61
CA LEU C 398 -17.78 16.62 40.01
C LEU C 398 -17.05 17.79 39.48
N ARG C 399 -17.33 18.22 38.26
CA ARG C 399 -16.82 19.50 37.82
C ARG C 399 -17.91 20.53 38.16
N ALA C 400 -17.52 21.57 38.89
CA ALA C 400 -18.51 22.64 39.07
C ALA C 400 -18.03 24.00 38.57
N SER C 401 -18.92 24.49 37.73
CA SER C 401 -18.79 25.67 36.98
C SER C 401 -19.12 26.90 37.85
N PHE C 402 -18.23 27.87 37.88
CA PHE C 402 -18.60 29.08 38.58
C PHE C 402 -18.83 30.32 37.70
N SER C 403 -18.90 30.09 36.43
CA SER C 403 -18.98 31.19 35.49
C SER C 403 -20.26 32.08 35.55
N SER C 404 -21.37 31.63 36.14
CA SER C 404 -22.74 32.23 35.89
C SER C 404 -23.73 32.36 37.08
N ALA C 405 -23.70 31.37 37.98
CA ALA C 405 -24.69 31.23 39.04
C ALA C 405 -24.46 32.36 40.01
N SER C 406 -25.55 32.85 40.58
CA SER C 406 -25.52 33.80 41.64
C SER C 406 -25.20 33.13 42.99
N PRO C 407 -24.72 33.93 43.97
CA PRO C 407 -24.30 33.42 45.28
C PRO C 407 -25.36 32.59 45.94
N GLU C 408 -26.63 32.94 45.70
CA GLU C 408 -27.78 32.24 46.25
C GLU C 408 -27.97 30.86 45.56
N GLN C 409 -27.77 30.86 44.26
CA GLN C 409 -27.82 29.65 43.44
C GLN C 409 -26.73 28.65 43.80
N MET C 410 -25.50 29.08 43.98
CA MET C 410 -24.52 28.15 44.49
C MET C 410 -24.82 27.66 45.89
N ASP C 411 -25.47 28.48 46.70
CA ASP C 411 -25.79 28.10 48.07
C ASP C 411 -26.78 26.98 48.06
N VAL C 412 -27.87 27.12 47.30
CA VAL C 412 -28.92 26.09 47.21
C VAL C 412 -28.42 24.85 46.47
N ALA C 413 -27.67 25.03 45.40
CA ALA C 413 -27.01 23.91 44.79
C ALA C 413 -26.14 23.08 45.75
N PHE C 414 -25.30 23.76 46.54
CA PHE C 414 -24.37 23.09 47.43
C PHE C 414 -25.08 22.42 48.55
N GLN C 415 -26.06 23.07 49.23
CA GLN C 415 -26.84 22.41 50.27
C GLN C 415 -27.54 21.13 49.78
N VAL C 416 -28.16 21.22 48.61
CA VAL C 416 -28.91 20.10 48.08
C VAL C 416 -27.94 18.92 47.80
N LEU C 417 -26.76 19.20 47.28
CA LEU C 417 -25.66 18.21 47.05
C LEU C 417 -25.15 17.55 48.36
N ALA C 418 -24.85 18.37 49.36
CA ALA C 418 -24.32 17.84 50.61
C ALA C 418 -25.32 16.90 51.14
N GLN C 419 -26.59 17.21 51.13
CA GLN C 419 -27.61 16.30 51.69
C GLN C 419 -27.78 15.06 50.88
N LEU C 420 -27.68 15.18 49.56
CA LEU C 420 -27.70 14.01 48.68
C LEU C 420 -26.53 13.14 48.94
N ILE C 421 -25.34 13.69 49.10
CA ILE C 421 -24.14 12.87 49.36
C ILE C 421 -24.28 12.16 50.71
N LYS C 422 -24.86 12.81 51.71
CA LYS C 422 -25.08 12.18 52.98
C LYS C 422 -26.21 11.15 53.03
N GLU C 423 -27.20 11.32 52.14
CA GLU C 423 -28.21 10.29 51.94
C GLU C 423 -27.72 9.07 51.13
N SER C 424 -26.55 9.22 50.49
CA SER C 424 -25.94 8.16 49.68
C SER C 424 -24.96 7.36 50.55
N LEU C 425 -24.52 7.98 51.65
CA LEU C 425 -23.57 7.40 52.57
C LEU C 425 -24.18 6.32 53.50
N MET D 1 -27.94 2.21 1.43
CA MET D 1 -28.62 1.25 2.30
C MET D 1 -27.65 0.64 3.30
N ASN D 2 -26.42 0.41 2.87
CA ASN D 2 -25.29 -0.01 3.82
C ASN D 2 -24.23 1.08 4.07
N TYR D 3 -24.58 1.99 4.97
CA TYR D 3 -23.90 3.25 5.15
C TYR D 3 -22.47 3.02 5.65
N ALA D 4 -22.25 1.94 6.41
CA ALA D 4 -20.92 1.51 6.91
C ALA D 4 -19.78 1.36 5.92
N ARG D 5 -20.09 1.03 4.65
CA ARG D 5 -18.99 0.96 3.65
C ARG D 5 -18.50 2.35 3.19
N PHE D 6 -19.16 3.38 3.68
CA PHE D 6 -18.85 4.73 3.25
C PHE D 6 -18.29 5.56 4.45
N ILE D 7 -17.89 4.84 5.48
CA ILE D 7 -17.41 5.38 6.73
C ILE D 7 -16.11 4.59 7.06
N THR D 8 -15.03 5.32 6.93
CA THR D 8 -13.76 5.10 7.51
C THR D 8 -13.80 4.51 8.98
N ALA D 9 -12.99 3.50 9.25
CA ALA D 9 -12.72 3.17 10.68
C ALA D 9 -12.48 4.46 11.51
N ALA D 10 -11.85 5.49 11.00
CA ALA D 10 -11.53 6.58 11.89
C ALA D 10 -12.80 7.41 12.30
N SER D 11 -13.66 7.59 11.29
CA SER D 11 -14.96 8.26 11.38
C SER D 11 -16.10 7.46 12.12
N ALA D 12 -16.14 6.17 11.85
CA ALA D 12 -16.98 5.29 12.65
C ALA D 12 -16.62 5.28 14.14
N ALA D 13 -15.35 5.40 14.44
CA ALA D 13 -14.80 5.52 15.86
C ALA D 13 -15.12 6.79 16.64
N ARG D 14 -15.66 7.83 15.98
CA ARG D 14 -15.88 9.13 16.65
C ARG D 14 -17.13 8.98 17.47
N ASN D 15 -17.11 9.57 18.68
CA ASN D 15 -18.34 9.60 19.53
C ASN D 15 -18.73 11.04 19.75
N PRO D 16 -19.98 11.27 20.18
CA PRO D 16 -20.54 12.62 20.46
C PRO D 16 -19.65 13.67 21.11
N SER D 17 -19.18 13.58 22.30
CA SER D 17 -18.32 14.78 22.59
C SER D 17 -19.17 16.06 22.95
N PRO D 18 -19.17 16.38 24.29
CA PRO D 18 -20.23 16.92 25.13
C PRO D 18 -20.79 18.37 24.90
N ILE D 19 -21.26 18.93 26.03
CA ILE D 19 -22.36 19.96 26.21
C ILE D 19 -23.69 19.11 26.45
N ARG D 20 -23.71 18.44 27.60
CA ARG D 20 -24.16 17.04 27.68
C ARG D 20 -25.62 16.70 27.64
N THR D 21 -25.86 15.39 27.50
CA THR D 21 -27.19 14.73 27.59
C THR D 21 -27.77 15.00 28.99
N MET D 22 -27.25 16.10 29.55
CA MET D 22 -27.63 16.75 30.80
C MET D 22 -28.05 18.19 30.43
N THR D 23 -27.08 19.11 30.29
CA THR D 23 -27.34 20.55 30.08
C THR D 23 -28.16 20.97 28.84
N ASP D 24 -28.51 19.97 28.01
CA ASP D 24 -29.77 19.99 27.25
C ASP D 24 -30.74 19.09 28.00
N ILE D 25 -31.34 19.69 29.03
CA ILE D 25 -32.24 19.04 29.98
C ILE D 25 -32.79 20.23 30.79
N LEU D 26 -31.90 21.16 31.11
CA LEU D 26 -32.22 22.47 31.73
C LEU D 26 -33.27 23.27 30.92
N SER D 27 -33.26 23.08 29.60
CA SER D 27 -34.30 23.61 28.71
C SER D 27 -35.65 22.85 28.84
N ARG D 28 -35.56 21.51 28.98
CA ARG D 28 -36.73 20.63 29.14
C ARG D 28 -37.28 20.44 30.60
N GLY D 29 -36.70 21.14 31.59
CA GLY D 29 -37.20 21.06 32.96
C GLY D 29 -37.73 22.36 33.57
N PRO D 30 -38.18 22.29 34.85
CA PRO D 30 -38.80 23.38 35.66
C PRO D 30 -37.97 24.66 35.71
N LYS D 31 -38.62 25.83 35.69
CA LYS D 31 -37.88 27.10 35.63
C LYS D 31 -36.75 27.16 36.70
N SER D 32 -37.03 26.59 37.90
CA SER D 32 -36.09 26.61 39.04
C SER D 32 -35.06 25.42 39.18
N MET D 33 -34.73 24.77 38.07
CA MET D 33 -33.53 23.89 38.00
C MET D 33 -32.27 24.74 38.26
N ILE D 34 -31.33 24.32 39.07
CA ILE D 34 -30.05 25.01 38.93
C ILE D 34 -28.97 24.10 38.41
N SER D 35 -28.15 24.55 37.49
CA SER D 35 -27.10 23.72 36.99
C SER D 35 -25.79 24.42 37.06
N LEU D 36 -24.84 23.73 37.62
CA LEU D 36 -23.48 24.14 37.55
C LEU D 36 -22.72 23.11 36.72
N ALA D 37 -23.35 22.57 35.66
CA ALA D 37 -22.72 21.43 34.95
C ALA D 37 -22.24 21.90 33.60
N GLY D 38 -22.85 22.95 33.12
CA GLY D 38 -22.59 23.35 31.75
C GLY D 38 -21.24 23.99 31.57
N GLY D 39 -20.76 23.99 30.34
CA GLY D 39 -19.44 24.52 30.14
C GLY D 39 -19.40 25.87 29.52
N LEU D 40 -20.52 26.63 29.59
CA LEU D 40 -20.41 27.88 28.86
C LEU D 40 -19.78 28.96 29.72
N PRO D 41 -19.17 29.98 29.07
CA PRO D 41 -18.65 31.14 29.81
C PRO D 41 -19.77 32.15 29.96
N ASN D 42 -19.66 33.04 30.95
CA ASN D 42 -20.62 34.15 31.09
C ASN D 42 -20.61 35.12 29.85
N PRO D 43 -21.67 35.08 29.06
CA PRO D 43 -21.66 35.99 27.94
C PRO D 43 -21.88 37.54 28.31
N ASN D 44 -21.96 37.87 29.61
CA ASN D 44 -22.11 39.28 30.03
C ASN D 44 -20.82 39.94 30.01
N MET D 45 -19.79 39.10 29.92
CA MET D 45 -18.43 39.58 29.86
C MET D 45 -18.13 40.14 28.49
N PHE D 46 -18.93 39.86 27.47
CA PHE D 46 -18.48 40.13 26.13
C PHE D 46 -18.74 41.63 25.82
N PRO D 47 -17.80 42.32 25.11
CA PRO D 47 -17.95 43.77 24.90
C PRO D 47 -19.01 44.25 23.92
N PHE D 48 -19.42 43.46 22.94
CA PHE D 48 -20.40 43.95 22.00
C PHE D 48 -21.74 43.71 22.60
N LYS D 49 -22.60 44.74 22.42
CA LYS D 49 -23.78 44.90 23.28
C LYS D 49 -25.11 44.84 22.50
N THR D 50 -25.19 45.46 21.31
CA THR D 50 -26.36 45.49 20.47
C THR D 50 -25.91 45.51 19.03
N ALA D 51 -26.80 45.19 18.10
CA ALA D 51 -26.46 45.33 16.70
C ALA D 51 -27.58 45.87 15.82
N VAL D 52 -27.22 46.77 14.93
CA VAL D 52 -28.13 47.23 13.88
C VAL D 52 -27.61 46.97 12.48
N ILE D 53 -28.16 45.98 11.81
CA ILE D 53 -27.83 45.74 10.43
C ILE D 53 -28.94 46.05 9.45
N THR D 54 -28.68 46.97 8.53
CA THR D 54 -29.63 47.29 7.47
C THR D 54 -29.60 46.26 6.37
N VAL D 55 -30.70 46.15 5.68
CA VAL D 55 -30.89 45.12 4.68
C VAL D 55 -31.49 45.83 3.51
N GLU D 56 -31.00 45.62 2.30
CA GLU D 56 -31.67 46.29 1.16
C GLU D 56 -32.91 45.52 0.69
N ASN D 57 -34.03 46.24 0.62
CA ASN D 57 -35.34 45.70 0.23
C ASN D 57 -35.88 44.77 1.29
N GLY D 58 -35.69 45.20 2.55
CA GLY D 58 -35.73 44.33 3.72
C GLY D 58 -35.84 45.12 5.00
N LYS D 59 -36.39 44.48 6.04
CA LYS D 59 -36.60 45.10 7.38
C LYS D 59 -35.21 45.10 8.02
N THR D 60 -34.87 46.16 8.74
CA THR D 60 -33.58 46.18 9.34
C THR D 60 -33.49 45.20 10.54
N ILE D 61 -32.39 44.48 10.58
CA ILE D 61 -32.22 43.51 11.64
C ILE D 61 -31.66 44.08 12.91
N GLN D 62 -32.25 43.69 14.03
CA GLN D 62 -31.83 44.21 15.32
C GLN D 62 -31.58 43.09 16.32
N PHE D 63 -30.36 43.02 16.82
CA PHE D 63 -30.06 42.30 18.05
C PHE D 63 -30.10 43.24 19.24
N GLY D 64 -31.18 43.21 19.98
CA GLY D 64 -31.19 43.69 21.35
C GLY D 64 -30.22 43.00 22.29
N GLU D 65 -30.35 43.35 23.55
CA GLU D 65 -29.47 42.94 24.63
C GLU D 65 -29.38 41.42 24.79
N GLU D 66 -30.52 40.78 25.03
CA GLU D 66 -30.63 39.33 25.07
C GLU D 66 -30.15 38.53 23.86
N MET D 67 -30.70 38.92 22.69
CA MET D 67 -30.27 38.49 21.36
C MET D 67 -28.69 38.58 21.11
N MET D 68 -28.11 39.75 21.38
CA MET D 68 -26.63 39.93 21.32
C MET D 68 -25.87 38.94 22.22
N LYS D 69 -26.30 38.75 23.46
CA LYS D 69 -25.75 37.62 24.23
C LYS D 69 -25.84 36.24 23.58
N ARG D 70 -27.01 35.86 23.09
CA ARG D 70 -27.19 34.59 22.43
C ARG D 70 -26.23 34.56 21.20
N ALA D 71 -26.19 35.65 20.46
CA ALA D 71 -25.32 35.69 19.26
C ALA D 71 -23.79 35.60 19.45
N LEU D 72 -23.38 36.10 20.61
CA LEU D 72 -22.01 36.02 21.05
C LEU D 72 -21.63 34.73 21.77
N GLN D 73 -22.61 33.87 22.06
CA GLN D 73 -22.38 32.63 22.86
C GLN D 73 -22.40 31.36 21.95
N TYR D 74 -21.77 30.26 22.42
CA TYR D 74 -21.83 29.03 21.71
C TYR D 74 -23.24 28.60 21.42
N SER D 75 -23.38 27.47 20.67
CA SER D 75 -24.67 27.06 20.14
C SER D 75 -24.56 25.71 19.40
N PRO D 76 -25.69 25.05 19.06
CA PRO D 76 -25.58 23.64 18.65
C PRO D 76 -24.58 23.44 17.53
N SER D 77 -23.85 22.31 17.50
CA SER D 77 -22.97 21.97 16.30
C SER D 77 -23.57 22.00 14.84
N ALA D 78 -24.76 21.47 14.71
CA ALA D 78 -25.41 21.38 13.45
C ALA D 78 -26.05 22.69 13.15
N GLY D 79 -26.09 23.64 14.10
CA GLY D 79 -26.72 24.95 13.83
C GLY D 79 -27.79 25.35 14.79
N ILE D 80 -28.08 26.63 14.84
CA ILE D 80 -29.29 27.19 15.51
C ILE D 80 -30.62 26.61 15.00
N PRO D 81 -31.53 26.32 15.94
CA PRO D 81 -32.68 25.49 15.60
C PRO D 81 -33.57 26.20 14.58
N GLU D 82 -33.68 27.54 14.72
CA GLU D 82 -34.51 28.28 13.75
C GLU D 82 -33.97 28.27 12.31
N LEU D 83 -32.64 28.24 12.16
CA LEU D 83 -32.11 28.11 10.81
C LEU D 83 -32.22 26.72 10.28
N LEU D 84 -32.00 25.78 11.15
CA LEU D 84 -32.05 24.38 10.77
C LEU D 84 -33.43 24.07 10.22
N SER D 85 -34.48 24.53 10.91
CA SER D 85 -35.84 24.30 10.38
C SER D 85 -36.26 25.11 9.14
N TRP D 86 -35.78 26.33 8.99
CA TRP D 86 -36.02 27.06 7.75
C TRP D 86 -35.40 26.34 6.58
N LEU D 87 -34.18 25.86 6.75
CA LEU D 87 -33.47 25.22 5.67
C LEU D 87 -34.02 23.82 5.30
N LYS D 88 -34.46 23.09 6.30
CA LYS D 88 -35.10 21.81 6.06
C LYS D 88 -36.43 21.96 5.32
N GLN D 89 -37.24 22.89 5.76
CA GLN D 89 -38.48 23.21 5.04
C GLN D 89 -38.17 23.53 3.59
N LEU D 90 -37.21 24.45 3.38
CA LEU D 90 -36.82 24.86 2.05
C LEU D 90 -36.47 23.66 1.14
N GLN D 91 -35.66 22.71 1.65
CA GLN D 91 -35.27 21.54 0.84
C GLN D 91 -36.52 20.72 0.47
N ILE D 92 -37.42 20.62 1.43
CA ILE D 92 -38.70 19.89 1.19
C ILE D 92 -39.44 20.59 0.03
N LYS D 93 -39.55 21.92 0.06
CA LYS D 93 -40.18 22.66 -1.05
C LYS D 93 -39.43 22.57 -2.39
N LEU D 94 -38.16 22.89 -2.39
CA LEU D 94 -37.39 22.85 -3.62
C LEU D 94 -37.17 21.43 -4.12
N HIS D 95 -37.06 20.45 -3.24
CA HIS D 95 -36.56 19.12 -3.71
C HIS D 95 -37.45 17.95 -3.28
N ASN D 96 -38.37 18.14 -2.34
CA ASN D 96 -39.34 17.11 -2.18
C ASN D 96 -38.54 15.77 -2.02
N PRO D 97 -37.57 15.69 -1.08
CA PRO D 97 -36.71 14.48 -1.06
C PRO D 97 -37.46 13.23 -0.61
N PRO D 98 -37.45 12.13 -1.45
CA PRO D 98 -38.22 10.88 -1.17
C PRO D 98 -37.87 10.32 0.21
N THR D 99 -36.84 10.88 0.86
CA THR D 99 -36.14 10.33 1.98
C THR D 99 -36.67 11.00 3.29
N ILE D 100 -37.57 11.99 3.13
CA ILE D 100 -37.88 12.78 4.31
C ILE D 100 -38.42 12.01 5.50
N HIS D 101 -39.22 10.97 5.26
CA HIS D 101 -39.82 10.23 6.32
C HIS D 101 -39.20 8.79 6.45
N TYR D 102 -38.16 8.45 5.70
CA TYR D 102 -37.46 7.18 6.06
C TYR D 102 -37.04 7.11 7.58
N PRO D 103 -37.07 5.90 8.17
CA PRO D 103 -36.37 5.72 9.45
C PRO D 103 -34.96 6.25 9.39
N PRO D 104 -34.47 6.85 10.51
CA PRO D 104 -33.08 7.30 10.66
C PRO D 104 -32.08 6.35 10.06
N SER D 105 -32.04 5.10 10.54
CA SER D 105 -30.97 4.11 10.13
C SER D 105 -31.04 3.80 8.63
N GLN D 106 -32.22 4.05 8.06
CA GLN D 106 -32.42 3.94 6.62
C GLN D 106 -32.03 5.28 6.13
N GLY D 107 -32.17 5.67 4.92
CA GLY D 107 -31.50 7.02 4.77
C GLY D 107 -32.20 8.32 5.12
N GLN D 108 -32.77 8.47 6.34
CA GLN D 108 -33.65 9.67 6.65
C GLN D 108 -32.89 10.99 6.54
N MET D 109 -33.50 11.88 5.77
CA MET D 109 -32.87 13.18 5.42
C MET D 109 -32.57 13.94 6.68
N ASP D 110 -31.30 14.32 6.83
CA ASP D 110 -30.87 15.26 7.86
C ASP D 110 -30.14 16.39 7.23
N LEU D 111 -29.78 17.42 8.02
CA LEU D 111 -29.23 18.63 7.40
C LEU D 111 -28.31 19.27 8.35
N CYS D 112 -27.23 19.82 7.84
CA CYS D 112 -26.38 20.56 8.79
C CYS D 112 -25.73 21.83 8.26
N VAL D 113 -25.85 22.91 9.00
CA VAL D 113 -25.31 24.21 8.60
C VAL D 113 -23.85 24.05 8.90
N THR D 114 -22.98 24.57 8.02
CA THR D 114 -21.58 24.33 8.08
C THR D 114 -20.95 25.68 7.80
N SER D 115 -19.68 25.83 8.10
CA SER D 115 -19.01 27.10 8.04
C SER D 115 -18.52 27.23 6.70
N GLY D 116 -19.43 27.48 5.74
CA GLY D 116 -19.20 27.26 4.31
C GLY D 116 -19.59 25.85 3.78
N SER D 117 -20.25 25.78 2.63
CA SER D 117 -20.46 24.43 1.96
C SER D 117 -19.20 23.67 1.94
N GLN D 118 -18.12 24.35 1.62
CA GLN D 118 -16.78 23.65 1.51
C GLN D 118 -16.36 22.90 2.77
N GLN D 119 -16.80 23.31 3.94
CA GLN D 119 -16.44 22.50 5.15
C GLN D 119 -17.15 21.13 5.25
N GLY D 120 -18.46 21.10 4.98
CA GLY D 120 -19.15 19.83 4.83
C GLY D 120 -18.44 18.92 3.82
N LEU D 121 -18.12 19.47 2.65
CA LEU D 121 -17.65 18.64 1.52
C LEU D 121 -16.34 17.96 1.92
N CYS D 122 -15.46 18.78 2.50
CA CYS D 122 -14.19 18.35 2.93
C CYS D 122 -14.39 17.21 3.86
N LYS D 123 -15.18 17.44 4.90
CA LYS D 123 -15.46 16.40 5.86
C LYS D 123 -16.24 15.16 5.33
N VAL D 124 -16.82 15.24 4.15
CA VAL D 124 -17.54 14.14 3.59
C VAL D 124 -16.45 13.31 2.92
N PHE D 125 -15.50 13.96 2.26
CA PHE D 125 -14.36 13.30 1.71
C PHE D 125 -13.54 12.56 2.72
N GLU D 126 -13.47 13.02 3.97
CA GLU D 126 -12.49 12.47 4.96
C GLU D 126 -13.25 11.32 5.57
N MET D 127 -14.55 11.53 5.75
CA MET D 127 -15.43 10.50 6.21
C MET D 127 -15.49 9.22 5.32
N ILE D 128 -15.10 9.34 4.06
CA ILE D 128 -15.26 8.17 3.13
C ILE D 128 -14.05 7.41 2.64
N ILE D 129 -13.02 8.18 2.32
CA ILE D 129 -11.96 7.78 1.47
C ILE D 129 -10.80 7.20 2.30
N ASN D 130 -10.49 5.94 1.96
CA ASN D 130 -9.28 5.20 2.28
C ASN D 130 -8.32 5.28 1.14
N PRO D 131 -7.03 5.43 1.43
CA PRO D 131 -6.01 5.38 0.41
C PRO D 131 -6.21 4.19 -0.55
N GLY D 132 -6.19 4.46 -1.84
CA GLY D 132 -6.36 3.37 -2.80
C GLY D 132 -7.78 3.41 -3.38
N ASP D 133 -8.74 3.90 -2.60
CA ASP D 133 -10.14 4.09 -3.08
C ASP D 133 -10.32 4.72 -4.52
N ASN D 134 -11.31 4.27 -5.25
CA ASN D 134 -11.62 4.82 -6.60
C ASN D 134 -12.78 5.77 -6.53
N VAL D 135 -12.54 7.04 -6.88
CA VAL D 135 -13.65 8.02 -6.94
C VAL D 135 -13.93 8.51 -8.35
N LEU D 136 -15.13 8.98 -8.65
CA LEU D 136 -15.53 9.37 -10.04
C LEU D 136 -15.88 10.84 -10.05
N LEU D 137 -15.35 11.58 -11.01
CA LEU D 137 -15.80 12.95 -11.26
C LEU D 137 -15.26 13.47 -12.59
N ASP D 138 -15.80 14.60 -13.04
CA ASP D 138 -15.58 15.07 -14.40
C ASP D 138 -14.62 16.26 -14.42
N GLU D 139 -13.46 16.06 -15.05
CA GLU D 139 -12.59 17.17 -15.41
C GLU D 139 -13.15 17.93 -16.63
N PRO D 140 -12.76 19.20 -16.74
CA PRO D 140 -12.18 19.94 -15.62
C PRO D 140 -13.13 20.12 -14.39
N ALA D 141 -12.45 20.20 -13.23
CA ALA D 141 -13.08 20.15 -11.96
C ALA D 141 -12.58 21.33 -11.16
N TYR D 142 -13.41 21.89 -10.30
CA TYR D 142 -12.93 22.91 -9.36
C TYR D 142 -11.50 22.53 -8.75
N SER D 143 -10.53 23.39 -8.92
CA SER D 143 -9.18 23.16 -8.45
C SER D 143 -9.09 22.87 -6.95
N GLY D 144 -9.90 23.61 -6.17
CA GLY D 144 -9.96 23.42 -4.71
C GLY D 144 -10.44 22.04 -4.25
N THR D 145 -11.38 21.43 -4.98
CA THR D 145 -11.71 20.04 -4.67
C THR D 145 -10.69 19.02 -5.18
N LEU D 146 -9.91 19.33 -6.24
CA LEU D 146 -8.71 18.49 -6.58
C LEU D 146 -7.66 18.53 -5.44
N GLN D 147 -7.48 19.71 -4.84
CA GLN D 147 -6.46 19.97 -3.79
C GLN D 147 -6.90 19.29 -2.49
N SER D 148 -8.23 19.23 -2.31
CA SER D 148 -8.84 18.51 -1.20
C SER D 148 -8.68 17.05 -1.34
N LEU D 149 -8.87 16.58 -2.58
CA LEU D 149 -8.87 15.14 -2.84
C LEU D 149 -7.53 14.51 -2.92
N HIS D 150 -6.58 15.23 -3.53
CA HIS D 150 -5.16 14.79 -3.63
C HIS D 150 -4.53 14.15 -2.38
N PRO D 151 -4.47 14.86 -1.21
CA PRO D 151 -3.75 14.32 0.01
C PRO D 151 -4.46 13.14 0.65
N LEU D 152 -5.72 12.90 0.27
CA LEU D 152 -6.48 11.79 0.76
C LEU D 152 -6.14 10.42 0.08
N GLY D 153 -5.36 10.45 -1.00
CA GLY D 153 -4.88 9.21 -1.74
C GLY D 153 -5.93 8.35 -2.48
N CYS D 154 -7.11 8.91 -2.77
CA CYS D 154 -7.98 8.26 -3.74
C CYS D 154 -7.38 8.28 -5.16
N ASN D 155 -7.88 7.35 -5.96
CA ASN D 155 -7.60 7.32 -7.35
C ASN D 155 -8.79 7.96 -8.03
N ILE D 156 -8.65 9.17 -8.54
CA ILE D 156 -9.65 9.80 -9.32
C ILE D 156 -9.76 9.23 -10.76
N ILE D 157 -10.90 8.63 -11.11
CA ILE D 157 -11.12 8.19 -12.48
C ILE D 157 -12.03 9.20 -13.23
N ASN D 158 -11.51 9.84 -14.29
CA ASN D 158 -12.21 10.89 -15.04
C ASN D 158 -13.39 10.35 -15.87
N VAL D 159 -14.59 10.92 -15.71
CA VAL D 159 -15.76 10.55 -16.54
C VAL D 159 -15.82 11.53 -17.73
N ALA D 160 -16.40 11.14 -18.88
CA ALA D 160 -16.49 12.09 -19.98
C ALA D 160 -17.65 13.06 -19.73
N SER D 161 -17.32 14.34 -19.92
CA SER D 161 -18.28 15.44 -19.78
C SER D 161 -18.46 16.15 -21.16
N ASP D 162 -19.68 16.56 -21.53
CA ASP D 162 -19.80 17.47 -22.68
C ASP D 162 -20.48 18.73 -22.24
N GLU D 163 -20.85 19.61 -23.15
CA GLU D 163 -21.48 20.85 -22.73
C GLU D 163 -22.76 20.60 -21.85
N SER D 164 -23.32 19.38 -21.88
CA SER D 164 -24.45 19.01 -21.00
C SER D 164 -24.05 18.32 -19.66
N GLY D 165 -22.77 18.38 -19.28
CA GLY D 165 -22.31 17.74 -18.04
C GLY D 165 -21.68 16.38 -18.33
N ILE D 166 -21.81 15.45 -17.38
CA ILE D 166 -21.34 14.11 -17.64
C ILE D 166 -22.25 13.30 -18.60
N VAL D 167 -21.52 12.59 -19.47
CA VAL D 167 -22.04 11.78 -20.53
C VAL D 167 -22.29 10.38 -19.92
N PRO D 168 -23.54 10.04 -19.65
CA PRO D 168 -23.77 8.74 -19.06
C PRO D 168 -23.13 7.52 -19.76
N ASP D 169 -23.06 7.50 -21.10
CA ASP D 169 -22.33 6.43 -21.79
C ASP D 169 -20.94 6.22 -21.23
N SER D 170 -20.23 7.32 -20.92
CA SER D 170 -18.91 7.26 -20.30
C SER D 170 -18.90 6.69 -18.89
N LEU D 171 -19.88 7.06 -18.10
CA LEU D 171 -20.03 6.56 -16.76
C LEU D 171 -20.36 5.07 -16.85
N ARG D 172 -21.22 4.69 -17.81
CA ARG D 172 -21.59 3.31 -17.97
C ARG D 172 -20.33 2.52 -18.32
N ASP D 173 -19.53 3.11 -19.20
CA ASP D 173 -18.40 2.45 -19.80
C ASP D 173 -17.29 2.14 -18.78
N ILE D 174 -16.92 3.13 -17.95
CA ILE D 174 -15.90 2.96 -16.91
C ILE D 174 -16.36 1.93 -15.89
N LEU D 175 -17.67 1.85 -15.67
CA LEU D 175 -18.24 1.02 -14.62
C LEU D 175 -18.39 -0.40 -15.06
N SER D 176 -18.22 -0.65 -16.36
CA SER D 176 -18.46 -1.99 -16.92
C SER D 176 -17.24 -2.88 -16.65
N ARG D 177 -16.19 -2.29 -16.11
CA ARG D 177 -14.99 -2.97 -15.65
C ARG D 177 -15.23 -3.78 -14.36
N TRP D 178 -16.25 -3.40 -13.60
CA TRP D 178 -16.67 -4.10 -12.40
C TRP D 178 -18.03 -4.79 -12.65
N LYS D 179 -18.40 -5.68 -11.75
CA LYS D 179 -19.72 -6.26 -11.79
C LYS D 179 -20.55 -5.64 -10.65
N PRO D 180 -21.87 -5.42 -10.88
CA PRO D 180 -22.74 -4.89 -9.82
C PRO D 180 -22.58 -5.53 -8.47
N GLU D 181 -22.06 -6.76 -8.46
CA GLU D 181 -21.86 -7.57 -7.26
C GLU D 181 -20.49 -7.28 -6.60
N ASP D 182 -19.49 -6.73 -7.30
CA ASP D 182 -18.23 -6.36 -6.60
C ASP D 182 -18.44 -5.23 -5.60
N ALA D 183 -19.58 -4.52 -5.68
CA ALA D 183 -19.94 -3.51 -4.67
C ALA D 183 -19.95 -4.07 -3.26
N LYS D 184 -20.57 -5.25 -3.10
CA LYS D 184 -20.67 -5.97 -1.84
C LYS D 184 -19.33 -6.62 -1.42
N ASN D 185 -18.30 -6.47 -2.25
CA ASN D 185 -16.97 -7.07 -2.04
C ASN D 185 -15.91 -5.98 -1.93
N PRO D 186 -15.53 -5.62 -0.67
CA PRO D 186 -14.65 -4.45 -0.42
C PRO D 186 -13.33 -4.59 -1.12
N GLN D 187 -12.90 -5.84 -1.38
CA GLN D 187 -11.62 -5.99 -2.02
C GLN D 187 -11.62 -5.67 -3.54
N LYS D 188 -12.74 -5.71 -4.26
CA LYS D 188 -12.51 -5.20 -5.58
C LYS D 188 -12.77 -3.79 -5.94
N ASN D 189 -12.89 -2.96 -4.90
CA ASN D 189 -12.56 -1.55 -5.04
C ASN D 189 -13.38 -0.84 -6.09
N THR D 190 -14.66 -1.16 -6.11
CA THR D 190 -15.65 -0.43 -6.83
C THR D 190 -15.74 1.05 -6.38
N PRO D 191 -16.10 1.95 -7.31
CA PRO D 191 -16.05 3.34 -6.82
C PRO D 191 -16.93 3.65 -5.59
N LYS D 192 -16.35 4.40 -4.66
CA LYS D 192 -17.09 4.86 -3.46
C LYS D 192 -18.21 5.89 -3.76
N PHE D 193 -17.90 6.88 -4.61
CA PHE D 193 -18.90 7.88 -4.99
C PHE D 193 -18.64 8.39 -6.34
N LEU D 194 -19.68 9.01 -6.94
CA LEU D 194 -19.51 10.05 -7.97
C LEU D 194 -19.64 11.48 -7.41
N TYR D 195 -18.66 12.33 -7.69
CA TYR D 195 -18.72 13.74 -7.31
C TYR D 195 -19.02 14.64 -8.53
N THR D 196 -19.90 15.59 -8.40
CA THR D 196 -20.15 16.57 -9.47
C THR D 196 -20.78 17.85 -8.99
N VAL D 197 -20.54 18.91 -9.74
CA VAL D 197 -21.15 20.25 -9.66
C VAL D 197 -22.11 20.33 -10.92
N PRO D 198 -23.45 20.20 -10.72
CA PRO D 198 -24.35 20.02 -11.87
C PRO D 198 -24.90 21.31 -12.48
N ASN D 199 -24.78 22.41 -11.76
CA ASN D 199 -25.14 23.65 -12.33
C ASN D 199 -23.98 24.55 -12.39
N GLY D 200 -23.66 25.02 -13.58
CA GLY D 200 -22.53 25.93 -13.74
C GLY D 200 -21.22 25.37 -13.17
N ASN D 201 -20.80 24.16 -13.61
CA ASN D 201 -19.47 23.65 -13.18
C ASN D 201 -18.45 24.80 -13.11
N ASN D 202 -17.55 24.75 -12.16
CA ASN D 202 -16.46 25.72 -12.08
C ASN D 202 -15.26 24.91 -12.56
N PRO D 203 -14.72 25.19 -13.73
CA PRO D 203 -14.67 26.39 -14.60
C PRO D 203 -15.57 26.46 -15.86
N THR D 204 -16.23 25.35 -16.21
CA THR D 204 -16.89 25.31 -17.55
C THR D 204 -18.17 26.11 -17.75
N GLY D 205 -19.08 26.13 -16.78
CA GLY D 205 -20.36 26.75 -17.01
C GLY D 205 -21.48 25.77 -17.44
N ASN D 206 -21.15 24.56 -17.83
CA ASN D 206 -22.18 23.60 -18.19
C ASN D 206 -22.98 23.02 -17.02
N SER D 207 -24.16 22.47 -17.32
CA SER D 207 -25.06 22.04 -16.34
C SER D 207 -25.51 20.75 -16.89
N LEU D 208 -25.55 19.74 -15.99
CA LEU D 208 -26.21 18.48 -16.23
C LEU D 208 -27.65 18.74 -16.60
N THR D 209 -28.19 17.82 -17.41
CA THR D 209 -29.61 17.90 -17.86
C THR D 209 -30.44 16.94 -17.01
N SER D 210 -31.75 17.14 -17.01
CA SER D 210 -32.65 16.29 -16.22
C SER D 210 -32.55 14.77 -16.58
N GLU D 211 -32.56 14.49 -17.87
CA GLU D 211 -32.44 13.17 -18.46
C GLU D 211 -31.18 12.49 -17.97
N ARG D 212 -30.05 13.17 -18.15
CA ARG D 212 -28.78 12.68 -17.66
C ARG D 212 -28.72 12.36 -16.18
N LYS D 213 -29.34 13.17 -15.35
CA LYS D 213 -29.31 12.93 -13.92
C LYS D 213 -29.97 11.62 -13.58
N LYS D 214 -31.07 11.31 -14.32
CA LYS D 214 -31.80 10.09 -14.09
C LYS D 214 -30.96 8.92 -14.51
N GLU D 215 -30.19 9.03 -15.60
CA GLU D 215 -29.31 7.92 -16.08
C GLU D 215 -28.21 7.64 -15.11
N ILE D 216 -27.61 8.71 -14.60
CA ILE D 216 -26.52 8.63 -13.70
C ILE D 216 -27.00 8.02 -12.40
N TYR D 217 -28.19 8.43 -11.92
CA TYR D 217 -28.75 7.93 -10.69
C TYR D 217 -28.95 6.40 -10.72
N GLU D 218 -29.56 5.91 -11.82
CA GLU D 218 -29.62 4.50 -12.23
C GLU D 218 -28.26 3.73 -12.10
N LEU D 219 -27.20 4.25 -12.72
CA LEU D 219 -25.84 3.73 -12.62
C LEU D 219 -25.33 3.62 -11.16
N ALA D 220 -25.60 4.68 -10.38
CA ALA D 220 -25.24 4.74 -8.94
C ALA D 220 -25.93 3.65 -8.16
N ARG D 221 -27.20 3.38 -8.48
CA ARG D 221 -27.86 2.33 -7.71
C ARG D 221 -27.47 0.92 -8.10
N LYS D 222 -27.26 0.73 -9.41
CA LYS D 222 -26.78 -0.52 -10.01
C LYS D 222 -25.36 -0.91 -9.51
N TYR D 223 -24.44 0.05 -9.46
CA TYR D 223 -23.11 -0.24 -8.95
C TYR D 223 -22.98 0.23 -7.51
N ASP D 224 -24.14 0.60 -6.94
CA ASP D 224 -24.32 1.07 -5.57
C ASP D 224 -23.23 1.98 -4.94
N PHE D 225 -22.96 3.12 -5.57
CA PHE D 225 -22.12 4.15 -5.02
C PHE D 225 -22.95 5.42 -4.66
N LEU D 226 -22.35 6.25 -3.80
CA LEU D 226 -22.92 7.52 -3.33
C LEU D 226 -22.80 8.59 -4.38
N ILE D 227 -23.75 9.56 -4.43
CA ILE D 227 -23.47 10.65 -5.34
C ILE D 227 -23.20 11.84 -4.47
N ILE D 228 -22.18 12.59 -4.76
CA ILE D 228 -22.24 13.78 -3.95
C ILE D 228 -22.46 15.05 -4.77
N GLU D 229 -23.58 15.69 -4.46
CA GLU D 229 -24.11 16.76 -5.29
C GLU D 229 -23.53 18.09 -4.83
N ASP D 230 -22.46 18.55 -5.46
CA ASP D 230 -21.88 19.85 -5.05
C ASP D 230 -22.41 21.09 -5.83
N ASP D 231 -23.33 21.83 -5.22
CA ASP D 231 -24.28 22.71 -5.97
C ASP D 231 -24.32 24.22 -5.55
N PRO D 232 -23.16 24.90 -5.61
CA PRO D 232 -23.09 26.29 -5.17
C PRO D 232 -23.82 27.31 -6.06
N TYR D 233 -24.07 26.91 -7.30
CA TYR D 233 -24.65 27.79 -8.34
C TYR D 233 -26.03 27.27 -8.65
N TYR D 234 -26.56 26.42 -7.77
CA TYR D 234 -27.95 25.97 -7.86
C TYR D 234 -28.94 27.14 -7.89
N PHE D 235 -28.78 28.16 -7.04
CA PHE D 235 -29.69 29.31 -7.11
C PHE D 235 -29.13 30.31 -8.13
N LEU D 236 -28.19 29.82 -8.96
CA LEU D 236 -27.67 30.66 -9.99
C LEU D 236 -27.91 30.23 -11.46
N GLN D 237 -29.01 29.55 -11.72
CA GLN D 237 -29.25 28.99 -13.05
C GLN D 237 -29.89 30.08 -13.91
N PHE D 238 -29.51 30.24 -15.19
CA PHE D 238 -30.10 31.38 -16.01
C PHE D 238 -31.48 31.11 -16.58
N ASN D 239 -31.76 29.81 -16.69
CA ASN D 239 -33.05 29.23 -17.10
C ASN D 239 -33.88 29.10 -15.84
N LYS D 240 -34.96 29.84 -15.73
CA LYS D 240 -35.58 29.95 -14.41
C LYS D 240 -36.50 28.77 -14.04
N PHE D 241 -36.89 27.97 -15.04
CA PHE D 241 -37.16 26.53 -14.92
C PHE D 241 -35.86 25.79 -14.44
N ARG D 242 -35.81 25.49 -13.16
CA ARG D 242 -34.61 24.90 -12.50
C ARG D 242 -34.60 23.41 -12.74
N VAL D 243 -33.46 22.87 -13.12
CA VAL D 243 -33.43 21.46 -13.29
C VAL D 243 -33.49 20.69 -12.00
N PRO D 244 -34.33 19.65 -12.01
CA PRO D 244 -34.42 18.78 -10.87
C PRO D 244 -33.04 18.30 -10.37
N THR D 245 -32.88 18.27 -9.03
CA THR D 245 -31.69 17.79 -8.33
C THR D 245 -31.65 16.26 -8.12
N PHE D 246 -30.43 15.70 -8.15
CA PHE D 246 -30.17 14.32 -7.65
C PHE D 246 -30.81 14.04 -6.30
N LEU D 247 -30.69 14.96 -5.35
CA LEU D 247 -31.48 14.88 -4.12
C LEU D 247 -33.02 14.73 -4.27
N SER D 248 -33.64 15.37 -5.27
CA SER D 248 -35.09 15.13 -5.43
C SER D 248 -35.46 13.73 -6.07
N MET D 249 -34.45 13.05 -6.64
CA MET D 249 -34.55 11.66 -7.11
C MET D 249 -34.08 10.60 -6.15
N ASP D 250 -33.66 10.97 -4.94
CA ASP D 250 -32.89 10.12 -4.05
C ASP D 250 -33.78 9.15 -3.27
N VAL D 251 -34.47 8.24 -4.00
CA VAL D 251 -35.25 7.19 -3.34
C VAL D 251 -34.42 6.21 -2.52
N ASP D 252 -33.12 6.06 -2.86
CA ASP D 252 -32.22 5.15 -2.09
C ASP D 252 -31.52 5.74 -0.88
N GLY D 253 -31.61 7.05 -0.62
CA GLY D 253 -30.68 7.62 0.41
C GLY D 253 -29.19 7.46 0.08
N ARG D 254 -28.83 7.77 -1.16
CA ARG D 254 -27.45 7.64 -1.66
C ARG D 254 -26.92 9.01 -2.11
N VAL D 255 -27.70 10.05 -1.90
CA VAL D 255 -27.16 11.39 -2.26
C VAL D 255 -26.77 12.27 -1.09
N ILE D 256 -25.61 12.87 -1.23
CA ILE D 256 -25.31 13.94 -0.32
C ILE D 256 -25.25 15.23 -1.16
N ARG D 257 -25.81 16.35 -0.62
CA ARG D 257 -25.96 17.63 -1.27
C ARG D 257 -25.29 18.78 -0.48
N ALA D 258 -24.32 19.48 -1.08
CA ALA D 258 -23.76 20.78 -0.57
C ALA D 258 -24.51 21.85 -1.28
N ASP D 259 -25.21 22.68 -0.48
CA ASP D 259 -25.67 24.06 -0.82
C ASP D 259 -24.83 25.21 -0.28
N SER D 260 -24.67 26.24 -1.10
CA SER D 260 -23.88 27.40 -0.77
C SER D 260 -24.76 28.66 -0.72
N PHE D 261 -24.62 29.48 0.33
CA PHE D 261 -25.18 30.82 0.28
C PHE D 261 -24.15 31.77 -0.25
N SER D 262 -23.03 31.27 -0.76
CA SER D 262 -21.89 32.23 -0.94
C SER D 262 -22.10 33.19 -2.14
N1 LLP D 263 -17.53 25.21 -4.76
C2 LLP D 263 -17.30 25.81 -5.99
C2' LLP D 263 -16.79 24.96 -7.10
C3 LLP D 263 -17.51 27.19 -6.19
O3 LLP D 263 -17.27 27.63 -7.34
C4 LLP D 263 -18.00 27.99 -5.14
C4' LLP D 263 -18.23 29.47 -5.35
C5 LLP D 263 -18.23 27.33 -3.88
C6 LLP D 263 -17.99 25.94 -3.69
C5' LLP D 263 -18.67 28.02 -2.60
OP4 LLP D 263 -18.15 27.37 -1.38
P LLP D 263 -18.46 27.99 0.03
OP1 LLP D 263 -18.14 29.43 0.03
OP2 LLP D 263 -19.91 27.68 0.06
OP3 LLP D 263 -17.55 27.13 0.91
N LLP D 263 -22.94 32.81 -3.11
CA LLP D 263 -23.09 33.65 -4.31
CB LLP D 263 -23.08 32.90 -5.64
CG LLP D 263 -22.17 31.64 -5.74
CD LLP D 263 -20.69 31.93 -5.74
CE LLP D 263 -19.93 31.16 -4.68
NZ LLP D 263 -19.46 29.71 -4.90
C LLP D 263 -24.32 34.50 -4.20
O LLP D 263 -24.48 35.45 -4.99
N ILE D 264 -25.20 34.20 -3.23
CA ILE D 264 -26.47 34.92 -3.13
C ILE D 264 -26.66 35.69 -1.82
N ILE D 265 -26.15 35.17 -0.69
CA ILE D 265 -26.28 35.85 0.58
C ILE D 265 -24.97 36.32 1.26
N SER D 266 -23.92 35.49 1.26
CA SER D 266 -22.62 36.01 1.65
C SER D 266 -21.62 34.95 1.69
N SER D 267 -20.49 35.27 1.08
CA SER D 267 -19.30 34.46 1.09
C SER D 267 -18.44 34.64 2.38
N GLY D 268 -18.15 35.90 2.77
CA GLY D 268 -17.46 36.18 4.08
C GLY D 268 -18.11 35.65 5.37
N LEU D 269 -19.45 35.38 5.35
CA LEU D 269 -20.12 34.84 6.54
C LEU D 269 -19.86 33.35 6.78
N ARG D 270 -19.40 32.60 5.79
CA ARG D 270 -19.00 31.25 6.11
C ARG D 270 -20.23 30.44 6.67
N ILE D 271 -21.27 30.25 5.85
CA ILE D 271 -22.55 29.64 6.30
C ILE D 271 -23.14 29.01 5.08
N GLY D 272 -23.00 27.70 5.04
CA GLY D 272 -23.56 26.89 4.03
C GLY D 272 -24.22 25.73 4.73
N PHE D 273 -24.48 24.69 3.95
CA PHE D 273 -25.26 23.57 4.50
C PHE D 273 -25.09 22.27 3.71
N LEU D 274 -25.15 21.18 4.46
CA LEU D 274 -25.08 19.83 3.97
C LEU D 274 -26.43 19.07 4.29
N THR D 275 -26.97 18.39 3.27
CA THR D 275 -28.24 17.60 3.30
C THR D 275 -27.96 16.12 2.87
N GLY D 276 -28.18 15.15 3.75
CA GLY D 276 -27.89 13.73 3.33
C GLY D 276 -28.65 12.81 4.27
N PRO D 277 -28.42 11.49 4.12
CA PRO D 277 -28.83 10.44 4.99
C PRO D 277 -28.23 10.70 6.36
N LYS D 278 -29.08 10.78 7.40
CA LYS D 278 -28.72 10.97 8.83
C LYS D 278 -27.47 10.32 9.33
N PRO D 279 -27.31 8.97 9.16
CA PRO D 279 -26.05 8.33 9.61
C PRO D 279 -24.82 8.93 9.04
N LEU D 280 -24.85 9.53 7.85
CA LEU D 280 -23.66 10.08 7.22
C LEU D 280 -23.52 11.55 7.66
N ILE D 281 -24.64 12.29 7.78
CA ILE D 281 -24.49 13.66 8.29
C ILE D 281 -24.00 13.60 9.77
N GLU D 282 -24.46 12.59 10.47
CA GLU D 282 -24.03 12.35 11.85
C GLU D 282 -22.50 12.31 11.96
N ARG D 283 -21.79 11.55 11.09
CA ARG D 283 -20.29 11.47 11.10
C ARG D 283 -19.60 12.82 10.82
N VAL D 284 -20.20 13.56 9.87
CA VAL D 284 -19.76 14.95 9.74
C VAL D 284 -20.17 15.91 10.91
N ILE D 285 -21.40 15.84 11.44
CA ILE D 285 -21.55 16.63 12.68
C ILE D 285 -20.57 16.20 13.89
N LEU D 286 -20.33 14.90 14.04
CA LEU D 286 -19.31 14.44 15.05
C LEU D 286 -17.93 15.04 14.84
N HIS D 287 -17.56 15.36 13.60
CA HIS D 287 -16.19 15.81 13.28
C HIS D 287 -16.10 17.31 13.50
N ILE D 288 -17.16 18.02 13.09
CA ILE D 288 -17.26 19.39 13.38
C ILE D 288 -17.16 19.65 14.91
N GLN D 289 -17.76 18.80 15.78
CA GLN D 289 -17.79 18.92 17.23
C GLN D 289 -16.38 18.94 17.85
N VAL D 290 -15.38 18.46 17.13
CA VAL D 290 -14.00 18.46 17.69
C VAL D 290 -13.12 19.45 16.96
N SER D 291 -13.77 20.32 16.18
CA SER D 291 -13.09 21.03 15.11
C SER D 291 -13.60 22.46 15.34
N THR D 292 -14.31 23.08 14.39
CA THR D 292 -14.97 24.40 14.57
C THR D 292 -16.03 24.55 15.68
N LEU D 293 -16.76 23.42 15.88
CA LEU D 293 -17.72 23.20 16.91
C LEU D 293 -19.16 23.48 16.49
N HIS D 294 -19.34 24.58 15.79
CA HIS D 294 -20.58 25.00 15.12
C HIS D 294 -20.27 26.27 14.21
N PRO D 295 -21.18 26.64 13.31
CA PRO D 295 -20.92 27.87 12.50
C PRO D 295 -21.13 29.12 13.44
N SER D 296 -20.45 30.24 13.19
CA SER D 296 -20.77 31.51 13.89
C SER D 296 -22.29 31.67 14.23
N THR D 297 -22.63 31.71 15.52
CA THR D 297 -24.06 31.88 15.87
C THR D 297 -24.63 33.28 15.51
N PHE D 298 -23.80 34.28 15.71
CA PHE D 298 -24.03 35.65 15.26
C PHE D 298 -24.45 35.66 13.81
N ASN D 299 -23.60 35.17 12.92
CA ASN D 299 -23.88 35.23 11.50
C ASN D 299 -25.09 34.35 11.09
N GLN D 300 -25.22 33.17 11.70
CA GLN D 300 -26.40 32.34 11.54
C GLN D 300 -27.74 33.09 11.92
N LEU D 301 -27.68 33.88 12.98
CA LEU D 301 -28.83 34.67 13.41
C LEU D 301 -29.20 35.73 12.37
N MET D 302 -28.21 36.51 11.97
CA MET D 302 -28.36 37.45 10.87
C MET D 302 -29.15 36.82 9.72
N ILE D 303 -28.58 35.78 9.13
CA ILE D 303 -29.27 35.03 8.04
C ILE D 303 -30.65 34.46 8.38
N SER D 304 -30.86 34.03 9.60
CA SER D 304 -32.14 33.34 9.88
C SER D 304 -33.22 34.41 10.05
N GLN D 305 -32.81 35.58 10.50
CA GLN D 305 -33.79 36.63 10.75
C GLN D 305 -34.23 37.27 9.47
N LEU D 306 -33.27 37.42 8.56
CA LEU D 306 -33.51 37.89 7.20
C LEU D 306 -34.42 36.93 6.38
N LEU D 307 -34.08 35.67 6.38
CA LEU D 307 -34.84 34.61 5.72
C LEU D 307 -36.24 34.43 6.26
N HIS D 308 -36.43 34.60 7.57
CA HIS D 308 -37.79 34.50 8.13
C HIS D 308 -38.64 35.67 7.85
N GLU D 309 -38.00 36.81 7.68
CA GLU D 309 -38.70 38.04 7.44
C GLU D 309 -39.02 38.04 5.96
N TRP D 310 -38.07 37.62 5.13
CA TRP D 310 -38.30 37.56 3.72
C TRP D 310 -39.42 36.59 3.36
N GLY D 311 -39.41 35.41 3.95
CA GLY D 311 -40.30 34.37 3.52
C GLY D 311 -39.57 33.66 2.41
N GLU D 312 -39.87 32.36 2.31
CA GLU D 312 -39.39 31.58 1.22
C GLU D 312 -39.66 32.38 -0.08
N GLU D 313 -40.61 33.33 0.02
CA GLU D 313 -41.01 34.21 -1.11
C GLU D 313 -40.11 35.43 -1.37
N GLY D 314 -39.75 36.11 -0.30
CA GLY D 314 -38.76 37.15 -0.42
C GLY D 314 -37.43 36.52 -0.81
N PHE D 315 -37.27 35.24 -0.45
CA PHE D 315 -36.03 34.51 -0.75
C PHE D 315 -35.83 34.31 -2.23
N MET D 316 -36.91 33.96 -2.90
CA MET D 316 -36.80 33.52 -4.28
C MET D 316 -36.77 34.68 -5.19
N ALA D 317 -37.41 35.77 -4.80
CA ALA D 317 -37.34 37.04 -5.50
C ALA D 317 -35.93 37.68 -5.42
N HIS D 318 -35.25 37.47 -4.30
CA HIS D 318 -33.91 37.94 -4.16
C HIS D 318 -33.10 37.16 -5.20
N VAL D 319 -33.29 35.85 -5.26
CA VAL D 319 -32.52 35.03 -6.18
C VAL D 319 -32.77 35.41 -7.61
N ASP D 320 -34.01 35.74 -7.97
CA ASP D 320 -34.31 36.23 -9.32
C ASP D 320 -33.60 37.51 -9.69
N ARG D 321 -33.56 38.47 -8.76
CA ARG D 321 -32.88 39.74 -9.05
C ARG D 321 -31.42 39.45 -9.24
N VAL D 322 -30.88 38.56 -8.42
CA VAL D 322 -29.50 38.08 -8.52
C VAL D 322 -29.27 37.31 -9.81
N ILE D 323 -30.18 36.40 -10.16
CA ILE D 323 -30.06 35.69 -11.42
C ILE D 323 -30.01 36.70 -12.57
N ASP D 324 -30.84 37.75 -12.51
CA ASP D 324 -31.04 38.60 -13.66
C ASP D 324 -29.74 39.32 -13.76
N PHE D 325 -29.15 39.72 -12.64
CA PHE D 325 -27.89 40.47 -12.71
C PHE D 325 -26.71 39.69 -13.45
N TYR D 326 -26.57 38.40 -13.14
CA TYR D 326 -25.53 37.54 -13.76
C TYR D 326 -25.83 37.13 -15.19
N SER D 327 -27.13 37.13 -15.59
CA SER D 327 -27.47 36.81 -17.00
C SER D 327 -26.98 37.91 -17.89
N ASN D 328 -27.16 39.13 -17.40
CA ASN D 328 -26.86 40.38 -18.04
C ASN D 328 -25.35 40.58 -18.24
N GLN D 329 -24.61 40.08 -17.26
CA GLN D 329 -23.19 40.06 -17.17
C GLN D 329 -22.69 38.94 -18.10
N LYS D 330 -23.36 37.81 -18.10
CA LYS D 330 -23.07 36.72 -19.05
C LYS D 330 -23.30 37.28 -20.48
N ASP D 331 -24.50 37.76 -20.81
CA ASP D 331 -24.71 38.48 -22.05
C ASP D 331 -23.48 39.40 -22.38
N ALA D 332 -23.11 40.30 -21.46
CA ALA D 332 -21.99 41.24 -21.77
C ALA D 332 -20.70 40.55 -22.12
N ILE D 333 -20.43 39.42 -21.51
CA ILE D 333 -19.15 38.79 -21.82
C ILE D 333 -19.06 37.99 -23.10
N LEU D 334 -20.15 37.31 -23.40
CA LEU D 334 -20.35 36.70 -24.70
C LEU D 334 -20.18 37.80 -25.76
N ALA D 335 -20.90 38.85 -25.64
CA ALA D 335 -20.72 40.03 -26.55
C ALA D 335 -19.27 40.54 -26.72
N ALA D 336 -18.53 40.72 -25.63
CA ALA D 336 -17.16 41.07 -25.79
C ALA D 336 -16.43 39.93 -26.58
N ALA D 337 -17.03 38.73 -26.54
CA ALA D 337 -16.31 37.59 -27.10
C ALA D 337 -16.63 37.29 -28.55
N ASP D 338 -17.90 37.39 -28.93
CA ASP D 338 -18.25 37.46 -30.34
C ASP D 338 -17.48 38.60 -30.98
N LYS D 339 -17.26 39.67 -30.24
CA LYS D 339 -16.57 40.83 -30.79
C LYS D 339 -15.09 40.71 -31.07
N TRP D 340 -14.31 40.20 -30.13
CA TRP D 340 -12.87 40.27 -30.39
C TRP D 340 -12.38 38.89 -30.73
N LEU D 341 -13.18 37.86 -30.42
CA LEU D 341 -12.61 36.50 -30.33
C LEU D 341 -12.96 35.42 -31.41
N THR D 342 -13.96 35.76 -32.23
CA THR D 342 -14.43 34.93 -33.31
C THR D 342 -13.30 34.50 -34.24
N GLY D 343 -13.20 33.20 -34.46
CA GLY D 343 -12.07 32.64 -35.21
C GLY D 343 -10.86 32.34 -34.35
N LEU D 344 -10.76 32.93 -33.17
CA LEU D 344 -9.53 32.75 -32.37
C LEU D 344 -9.71 31.85 -31.17
N ALA D 345 -10.98 31.57 -30.83
CA ALA D 345 -11.31 30.76 -29.70
C ALA D 345 -12.71 30.22 -29.86
N GLU D 346 -13.05 29.23 -29.05
CA GLU D 346 -14.44 28.73 -28.93
C GLU D 346 -14.89 28.67 -27.51
N TRP D 347 -16.17 28.88 -27.28
CA TRP D 347 -16.72 28.72 -25.96
C TRP D 347 -18.13 28.25 -26.11
N HIS D 348 -18.64 27.59 -25.05
CA HIS D 348 -20.07 27.32 -24.89
C HIS D 348 -20.60 28.39 -23.99
N VAL D 349 -21.87 28.69 -24.22
CA VAL D 349 -22.65 29.57 -23.34
C VAL D 349 -22.97 28.92 -21.99
N PRO D 350 -22.61 29.65 -20.90
CA PRO D 350 -22.82 29.33 -19.51
C PRO D 350 -24.29 29.18 -19.18
N ALA D 351 -24.65 28.04 -18.57
CA ALA D 351 -26.02 27.68 -18.20
C ALA D 351 -26.40 28.24 -16.84
N ALA D 352 -25.32 28.44 -16.04
CA ALA D 352 -25.43 28.70 -14.63
C ALA D 352 -24.10 29.35 -14.13
N GLY D 353 -24.18 30.17 -13.12
CA GLY D 353 -22.91 30.58 -12.44
C GLY D 353 -22.28 31.87 -12.89
N MET D 354 -21.00 31.83 -13.09
CA MET D 354 -20.28 33.07 -13.07
C MET D 354 -19.02 33.02 -13.88
N PHE D 355 -18.83 31.98 -14.72
CA PHE D 355 -17.56 31.72 -15.41
C PHE D 355 -17.76 31.48 -16.90
N LEU D 356 -16.94 32.09 -17.73
CA LEU D 356 -16.96 31.73 -19.16
C LEU D 356 -15.73 30.82 -19.50
N TRP D 357 -15.92 29.65 -20.11
CA TRP D 357 -14.79 28.76 -20.43
C TRP D 357 -14.48 28.79 -21.92
N ILE D 358 -13.24 29.20 -22.20
CA ILE D 358 -12.82 29.58 -23.52
C ILE D 358 -11.58 28.81 -24.01
N LYS D 359 -11.75 27.96 -25.07
CA LYS D 359 -10.65 27.25 -25.72
C LYS D 359 -10.04 28.10 -26.82
N VAL D 360 -8.78 28.51 -26.64
CA VAL D 360 -8.04 29.18 -27.72
C VAL D 360 -7.42 28.24 -28.80
N LYS D 361 -7.66 28.59 -30.06
CA LYS D 361 -7.25 27.83 -31.28
C LYS D 361 -5.76 28.02 -31.55
N GLY D 362 -5.05 26.99 -32.00
CA GLY D 362 -3.62 27.09 -32.35
C GLY D 362 -2.63 27.52 -31.28
N ILE D 363 -2.98 27.31 -30.00
CA ILE D 363 -2.11 27.59 -28.81
C ILE D 363 -2.26 26.39 -27.81
N ASN D 364 -1.29 25.47 -27.82
CA ASN D 364 -1.42 24.24 -27.04
C ASN D 364 -1.39 24.45 -25.53
N ASP D 365 -0.80 25.56 -25.10
CA ASP D 365 -0.83 25.91 -23.68
C ASP D 365 -0.83 27.44 -23.39
N VAL D 366 -1.75 27.80 -22.52
CA VAL D 366 -2.16 29.20 -22.42
C VAL D 366 -1.48 29.95 -21.32
N LYS D 367 -0.61 29.24 -20.58
CA LYS D 367 0.12 29.80 -19.44
C LYS D 367 1.10 30.93 -19.85
N GLU D 368 1.87 30.68 -20.91
CA GLU D 368 2.82 31.66 -21.44
C GLU D 368 2.11 32.98 -21.77
N LEU D 369 0.99 32.82 -22.46
CA LEU D 369 0.20 33.88 -23.00
C LEU D 369 -0.37 34.77 -21.88
N ILE D 370 -0.96 34.10 -20.89
CA ILE D 370 -1.50 34.76 -19.69
C ILE D 370 -0.46 35.30 -18.70
N GLU D 371 0.48 34.47 -18.28
CA GLU D 371 1.41 34.84 -17.15
C GLU D 371 2.54 35.80 -17.58
N GLU D 372 2.92 35.75 -18.86
CA GLU D 372 3.92 36.65 -19.36
C GLU D 372 3.33 37.84 -20.14
N LYS D 373 2.68 37.54 -21.26
CA LYS D 373 2.11 38.58 -22.15
C LYS D 373 0.93 39.39 -21.60
N ALA D 374 -0.13 38.74 -21.09
CA ALA D 374 -1.30 39.50 -20.66
C ALA D 374 -1.08 40.37 -19.40
N VAL D 375 -0.50 39.77 -18.33
CA VAL D 375 -0.15 40.52 -17.09
C VAL D 375 0.50 41.84 -17.48
N LYS D 376 1.54 41.75 -18.31
CA LYS D 376 2.34 42.92 -18.72
C LYS D 376 1.57 44.00 -19.50
N MET D 377 0.47 43.59 -20.12
CA MET D 377 -0.42 44.51 -20.84
C MET D 377 -1.64 44.92 -20.02
N GLY D 378 -1.68 44.44 -18.78
CA GLY D 378 -2.62 44.88 -17.76
C GLY D 378 -3.86 44.04 -17.66
N VAL D 379 -3.82 42.80 -18.18
CA VAL D 379 -5.06 42.00 -18.23
C VAL D 379 -4.87 40.58 -17.76
N LEU D 380 -5.71 40.16 -16.82
CA LEU D 380 -5.51 38.85 -16.21
C LEU D 380 -6.68 37.98 -16.40
N MET D 381 -6.37 36.77 -16.87
CA MET D 381 -7.30 35.68 -16.90
C MET D 381 -6.61 34.48 -16.34
N LEU D 382 -7.39 33.42 -16.17
CA LEU D 382 -6.97 32.33 -15.38
C LEU D 382 -6.71 31.07 -16.24
N PRO D 383 -5.42 30.69 -16.37
CA PRO D 383 -5.04 29.54 -17.25
C PRO D 383 -5.78 28.26 -16.87
N GLY D 384 -6.19 27.42 -17.82
CA GLY D 384 -7.05 26.28 -17.43
C GLY D 384 -6.52 25.11 -16.62
N ASN D 385 -5.21 25.10 -16.40
CA ASN D 385 -4.47 23.88 -16.02
C ASN D 385 -4.75 23.37 -14.58
N ALA D 386 -5.18 24.27 -13.69
CA ALA D 386 -5.36 23.90 -12.33
C ALA D 386 -6.63 23.05 -12.14
N PHE D 387 -7.43 22.93 -13.21
CA PHE D 387 -8.71 22.27 -13.08
C PHE D 387 -8.59 20.83 -13.58
N TYR D 388 -7.35 20.33 -13.70
CA TYR D 388 -7.03 18.94 -14.06
C TYR D 388 -6.23 18.22 -12.96
N VAL D 389 -6.58 16.96 -12.69
CA VAL D 389 -5.79 16.07 -11.89
C VAL D 389 -4.31 16.18 -12.34
N ASP D 390 -4.03 16.01 -13.63
CA ASP D 390 -2.69 16.35 -14.10
C ASP D 390 -2.57 17.85 -14.51
N SER D 391 -2.34 18.67 -13.49
CA SER D 391 -2.31 20.09 -13.68
C SER D 391 -1.12 20.53 -14.51
N SER D 392 -0.12 19.67 -14.69
CA SER D 392 0.99 20.04 -15.57
C SER D 392 0.77 19.74 -17.05
N ALA D 393 -0.23 18.94 -17.43
CA ALA D 393 -0.45 18.75 -18.85
C ALA D 393 -0.74 20.14 -19.43
N PRO D 394 -0.50 20.34 -20.74
CA PRO D 394 -0.73 21.71 -21.17
C PRO D 394 -2.24 21.91 -21.44
N SER D 395 -2.69 23.17 -21.32
CA SER D 395 -4.14 23.47 -21.44
C SER D 395 -4.49 24.71 -22.33
N PRO D 396 -5.26 24.50 -23.42
CA PRO D 396 -5.52 25.72 -24.24
C PRO D 396 -6.61 26.68 -23.69
N TYR D 397 -7.12 26.38 -22.52
CA TYR D 397 -8.34 26.91 -21.99
C TYR D 397 -8.08 28.00 -20.97
N LEU D 398 -9.01 28.95 -20.90
CA LEU D 398 -8.96 30.08 -19.99
C LEU D 398 -10.33 30.15 -19.42
N ARG D 399 -10.44 30.48 -18.13
CA ARG D 399 -11.70 30.77 -17.45
C ARG D 399 -11.65 32.27 -17.21
N ALA D 400 -12.73 32.92 -17.64
CA ALA D 400 -12.88 34.33 -17.52
C ALA D 400 -14.12 34.49 -16.66
N SER D 401 -13.95 35.31 -15.64
CA SER D 401 -14.99 35.69 -14.67
C SER D 401 -15.84 36.81 -15.16
N PHE D 402 -17.16 36.64 -15.03
CA PHE D 402 -18.09 37.77 -15.33
C PHE D 402 -18.97 38.22 -14.17
N SER D 403 -18.53 37.91 -12.97
CA SER D 403 -19.17 38.43 -11.77
C SER D 403 -19.13 39.96 -11.62
N SER D 404 -18.15 40.68 -12.15
CA SER D 404 -18.01 42.07 -11.65
C SER D 404 -17.48 43.18 -12.62
N ALA D 405 -16.59 42.78 -13.54
CA ALA D 405 -16.10 43.65 -14.60
C ALA D 405 -17.29 44.22 -15.32
N SER D 406 -17.14 45.46 -15.74
CA SER D 406 -18.19 46.20 -16.42
C SER D 406 -18.11 45.86 -17.92
N PRO D 407 -19.14 46.21 -18.73
CA PRO D 407 -19.07 45.94 -20.20
C PRO D 407 -17.75 46.51 -20.81
N GLU D 408 -17.46 47.77 -20.54
CA GLU D 408 -16.21 48.40 -21.01
C GLU D 408 -14.97 47.66 -20.56
N GLN D 409 -14.91 47.26 -19.31
CA GLN D 409 -13.79 46.48 -18.85
C GLN D 409 -13.63 45.12 -19.56
N MET D 410 -14.69 44.35 -19.78
CA MET D 410 -14.55 43.19 -20.71
C MET D 410 -14.08 43.57 -22.10
N ASP D 411 -14.63 44.65 -22.65
CA ASP D 411 -14.22 45.10 -24.01
C ASP D 411 -12.69 45.25 -24.09
N VAL D 412 -12.05 46.02 -23.18
CA VAL D 412 -10.58 46.17 -23.22
C VAL D 412 -9.80 44.85 -23.04
N ALA D 413 -10.17 44.10 -22.02
CA ALA D 413 -9.52 42.84 -21.71
C ALA D 413 -9.50 41.87 -22.95
N PHE D 414 -10.67 41.72 -23.59
CA PHE D 414 -10.80 40.80 -24.68
C PHE D 414 -10.20 41.40 -25.95
N GLN D 415 -10.23 42.73 -26.07
CA GLN D 415 -9.51 43.37 -27.18
C GLN D 415 -7.98 43.14 -27.08
N VAL D 416 -7.40 43.37 -25.91
CA VAL D 416 -6.01 43.02 -25.65
C VAL D 416 -5.72 41.50 -25.70
N LEU D 417 -6.60 40.63 -25.18
CA LEU D 417 -6.33 39.19 -25.27
C LEU D 417 -6.18 38.77 -26.71
N ALA D 418 -7.14 39.19 -27.50
CA ALA D 418 -7.21 38.81 -28.92
C ALA D 418 -5.91 39.18 -29.63
N GLN D 419 -5.44 40.41 -29.51
CA GLN D 419 -4.14 40.79 -30.12
C GLN D 419 -2.96 39.87 -29.72
N LEU D 420 -2.91 39.51 -28.42
CA LEU D 420 -1.95 38.59 -27.92
C LEU D 420 -2.09 37.18 -28.46
N ILE D 421 -3.32 36.73 -28.74
CA ILE D 421 -3.49 35.47 -29.43
C ILE D 421 -2.91 35.57 -30.80
N LYS D 422 -3.26 36.61 -31.56
CA LYS D 422 -2.75 36.73 -32.96
C LYS D 422 -1.20 36.92 -32.97
N GLU D 423 -0.70 37.84 -32.15
CA GLU D 423 0.77 37.98 -31.91
C GLU D 423 1.49 36.64 -31.55
N SER D 424 0.73 35.64 -31.09
CA SER D 424 1.31 34.40 -30.58
C SER D 424 1.11 33.17 -31.53
N LEU D 425 0.29 33.35 -32.57
CA LEU D 425 -0.05 32.25 -33.49
C LEU D 425 1.01 31.97 -34.54
C1 GOL E . -1.89 -35.19 12.16
O1 GOL E . -1.18 -35.27 13.40
C2 GOL E . -1.79 -36.55 11.48
O2 GOL E . -0.49 -37.12 11.55
C3 GOL E . -2.47 -36.58 10.11
O3 GOL E . -1.56 -36.56 9.02
C1 GOL F . 12.42 -28.40 -44.85
O1 GOL F . 11.39 -28.16 -43.91
C2 GOL F . 11.96 -29.34 -45.97
O2 GOL F . 10.55 -29.25 -46.06
C3 GOL F . 12.45 -30.76 -45.65
O3 GOL F . 13.72 -31.04 -46.23
C1 GOL G . 11.52 -12.77 28.91
O1 GOL G . 11.38 -12.77 30.33
C2 GOL G . 10.55 -13.81 28.32
O2 GOL G . 10.99 -15.13 28.56
C3 GOL G . 10.03 -13.59 26.88
O3 GOL G . 10.88 -12.82 26.05
C1 GOL H . -8.00 37.21 45.85
O1 GOL H . -9.21 37.96 45.70
C2 GOL H . -7.88 36.49 47.23
O2 GOL H . -8.69 35.33 47.23
C3 GOL H . -8.22 37.44 48.39
O3 GOL H . -7.20 37.58 49.38
C1 GOL I . -11.78 49.29 27.60
O1 GOL I . -10.89 48.40 28.24
C2 GOL I . -11.63 50.81 27.83
O2 GOL I . -11.85 51.05 29.23
C3 GOL I . -10.27 51.39 27.39
O3 GOL I . -10.29 52.31 26.28
C1 GOL J . -23.59 35.98 36.94
O1 GOL J . -24.30 36.60 35.89
C2 GOL J . -24.32 35.73 38.26
O2 GOL J . -25.75 35.88 38.20
C3 GOL J . -23.59 36.36 39.48
O3 GOL J . -24.50 36.89 40.45
C1 GOL K . -18.93 6.21 28.25
O1 GOL K . -19.61 5.99 29.48
C2 GOL K . -19.84 6.93 27.22
O2 GOL K . -20.37 8.11 27.78
C3 GOL K . -19.08 7.17 25.90
O3 GOL K . -19.44 8.39 25.28
C1 GOL L . -30.19 43.51 -6.11
O1 GOL L . -30.56 42.52 -5.15
C2 GOL L . -29.25 44.59 -5.49
O2 GOL L . -27.88 44.57 -5.93
C3 GOL L . -29.36 44.71 -3.97
O3 GOL L . -28.17 44.22 -3.37
C1 GOL M . -27.61 29.78 35.49
O1 GOL M . -26.49 30.64 35.52
C2 GOL M . -27.23 28.37 35.98
O2 GOL M . -25.82 28.20 36.35
C3 GOL M . -28.21 28.04 37.12
O3 GOL M . -29.30 27.26 36.68
C1 GOL N . -33.44 40.89 22.79
O1 GOL N . -33.32 41.02 21.40
C2 GOL N . -33.51 42.31 23.35
O2 GOL N . -34.25 43.18 22.47
C3 GOL N . -34.06 42.32 24.77
O3 GOL N . -33.06 41.87 25.66
C1 GOL O . -20.90 20.79 -15.39
O1 GOL O . -22.00 20.06 -14.90
C2 GOL O . -19.59 19.99 -15.68
O2 GOL O . -19.75 18.61 -15.57
C3 GOL O . -18.69 20.48 -16.87
O3 GOL O . -18.96 20.09 -18.22
C1 GOL P . -12.86 10.30 9.08
O1 GOL P . -11.70 9.71 8.42
C2 GOL P . -13.15 11.79 9.25
O2 GOL P . -12.74 12.47 8.12
C3 GOL P . -14.68 12.13 9.11
O3 GOL P . -15.13 13.43 8.65
#